data_8H7N
# 
_entry.id   8H7N 
# 
_audit_conform.dict_name       mmcif_pdbx.dic 
_audit_conform.dict_version    5.403 
_audit_conform.dict_location   http://mmcif.pdb.org/dictionaries/ascii/mmcif_pdbx.dic 
# 
loop_
_database_2.database_id 
_database_2.database_code 
_database_2.pdbx_database_accession 
_database_2.pdbx_DOI 
PDB   8H7N         pdb_00008h7n 10.2210/pdb8h7n/pdb 
WWPDB D_1300033008 ?            ?                   
# 
loop_
_pdbx_audit_revision_history.ordinal 
_pdbx_audit_revision_history.data_content_type 
_pdbx_audit_revision_history.major_revision 
_pdbx_audit_revision_history.minor_revision 
_pdbx_audit_revision_history.revision_date 
_pdbx_audit_revision_history.part_number 
1 'Structure model' 1 0 2023-10-25 ? 
2 'Structure model' 1 1 2024-11-13 ? 
3 'Structure model' 1 2 2025-04-02 ? 
# 
_pdbx_audit_revision_details.ordinal             1 
_pdbx_audit_revision_details.revision_ordinal    1 
_pdbx_audit_revision_details.data_content_type   'Structure model' 
_pdbx_audit_revision_details.provider            repository 
_pdbx_audit_revision_details.type                'Initial release' 
_pdbx_audit_revision_details.description         ? 
_pdbx_audit_revision_details.details             ? 
# 
loop_
_pdbx_audit_revision_group.ordinal 
_pdbx_audit_revision_group.revision_ordinal 
_pdbx_audit_revision_group.data_content_type 
_pdbx_audit_revision_group.group 
1 2 'Structure model' 'Structure summary'   
2 3 'Structure model' 'Database references' 
# 
loop_
_pdbx_audit_revision_category.ordinal 
_pdbx_audit_revision_category.revision_ordinal 
_pdbx_audit_revision_category.data_content_type 
_pdbx_audit_revision_category.category 
1 2 'Structure model' pdbx_entry_details        
2 2 'Structure model' pdbx_modification_feature 
3 3 'Structure model' citation                  
4 3 'Structure model' citation_author           
# 
loop_
_pdbx_audit_revision_item.ordinal 
_pdbx_audit_revision_item.revision_ordinal 
_pdbx_audit_revision_item.data_content_type 
_pdbx_audit_revision_item.item 
1  2 'Structure model' '_pdbx_entry_details.has_protein_modification' 
2  3 'Structure model' '_citation.country'                            
3  3 'Structure model' '_citation.journal_abbrev'                     
4  3 'Structure model' '_citation.journal_id_CSD'                     
5  3 'Structure model' '_citation.journal_id_ISSN'                    
6  3 'Structure model' '_citation.journal_volume'                     
7  3 'Structure model' '_citation.page_first'                         
8  3 'Structure model' '_citation.page_last'                          
9  3 'Structure model' '_citation.pdbx_database_id_DOI'               
10 3 'Structure model' '_citation.pdbx_database_id_PubMed'            
11 3 'Structure model' '_citation.title'                              
12 3 'Structure model' '_citation.year'                               
# 
_pdbx_database_status.status_code                     REL 
_pdbx_database_status.status_code_sf                  REL 
_pdbx_database_status.status_code_mr                  ? 
_pdbx_database_status.entry_id                        8H7N 
_pdbx_database_status.recvd_initial_deposition_date   2022-10-20 
_pdbx_database_status.SG_entry                        N 
_pdbx_database_status.deposit_site                    PDBJ 
_pdbx_database_status.process_site                    RCSB 
_pdbx_database_status.status_code_cs                  ? 
_pdbx_database_status.status_code_nmr_data            ? 
_pdbx_database_status.methods_development_category    ? 
_pdbx_database_status.pdb_format_compatible           Y 
# 
loop_
_pdbx_database_related.db_name 
_pdbx_database_related.details 
_pdbx_database_related.db_id 
_pdbx_database_related.content_type 
PDB . 8H7I unspecified 
PDB . 8H7M unspecified 
PDB . 8H7R unspecified 
# 
_pdbx_contact_author.id                 2 
_pdbx_contact_author.email              gzwhongd@163.com 
_pdbx_contact_author.name_first         Hong 
_pdbx_contact_author.name_last          Wang 
_pdbx_contact_author.name_mi            ? 
_pdbx_contact_author.role               'principal investigator/group leader' 
_pdbx_contact_author.identifier_ORCID   0000-0001-9136-8959 
# 
loop_
_audit_author.name 
_audit_author.pdbx_ordinal 
_audit_author.identifier_ORCID 
'Wang, H.'  1 0000-0001-9136-8959 
'Li, J.D.'  2 0000-0003-4290-561X 
'Shen, X.'  3 0000-0003-3984-4238 
'Xu, Z.L.'  4 0000-0002-1197-4615 
'Sun, Y.M.' 5 ?                   
# 
_citation.abstract                  ? 
_citation.abstract_id_CAS           ? 
_citation.book_id_ISBN              ? 
_citation.book_publisher            ? 
_citation.book_publisher_city       ? 
_citation.book_title                ? 
_citation.coordinate_linkage        ? 
_citation.country                   US 
_citation.database_id_Medline       ? 
_citation.details                   ? 
_citation.id                        primary 
_citation.journal_abbrev            Anal.Chem. 
_citation.journal_id_ASTM           ? 
_citation.journal_id_CSD            ? 
_citation.journal_id_ISSN           1520-6882 
_citation.journal_full              ? 
_citation.journal_issue             ? 
_citation.journal_volume            95 
_citation.language                  ? 
_citation.page_first                11306 
_citation.page_last                 11315 
_citation.title                     
;Structural Insights into the Stability and Recognition Mechanism of the Antiquinalphos Nanobody for the Detection of Quinalphos in Foods.
;
_citation.year                      2023 
_citation.database_id_CSD           ? 
_citation.pdbx_database_id_DOI      10.1021/acs.analchem.3c01370 
_citation.pdbx_database_id_PubMed   37428097 
_citation.pdbx_database_id_patent   ? 
_citation.unpublished_flag          ? 
# 
loop_
_citation_author.citation_id 
_citation_author.name 
_citation_author.ordinal 
_citation_author.identifier_ORCID 
primary 'Li, J.D.'      1  ?                   
primary 'Wu, G.P.'      2  ?                   
primary 'Li, L.H.'      3  ?                   
primary 'Wang, L.T.'    4  ?                   
primary 'Liang, Y.F.'   5  ?                   
primary 'Fang, R.Y.'    6  ?                   
primary 'Zhang, Q.L.'   7  ?                   
primary 'Xie, L.L.'     8  ?                   
primary 'Shen, X.'      9  ?                   
primary 'Shen, Y.D.'    10 0000-0001-9236-5557 
primary 'Xu, Z.L.'      11 0000-0002-1197-4615 
primary 'Wang, H.'      12 0000-0001-9136-8959 
primary 'Hammock, B.D.' 13 0000-0003-1408-8317 
# 
loop_
_entity.id 
_entity.type 
_entity.src_method 
_entity.pdbx_description 
_entity.formula_weight 
_entity.pdbx_number_of_molecules 
_entity.pdbx_ec 
_entity.pdbx_mutation 
_entity.pdbx_fragment 
_entity.details 
1 polymer     man 'Nanobody 11A' 15189.646 1  ? ? ? ? 
2 non-polymer syn 1,2-ETHANEDIOL 62.068    3  ? ? ? ? 
3 non-polymer syn triazophos     313.313   1  ? ? ? ? 
4 non-polymer syn 'SODIUM ION'   22.990    1  ? ? ? ? 
5 water       nat water          18.015    45 ? ? ? ? 
# 
_entity_poly.entity_id                      1 
_entity_poly.type                           'polypeptide(L)' 
_entity_poly.nstd_linkage                   no 
_entity_poly.nstd_monomer                   no 
_entity_poly.pdbx_seq_one_letter_code       
;EVQLVESGGGLVQPGGSLRLSCVGSGRVRTINTAGWYRQAPGQEPEFLARITVGGTTSYADSVKGRFTISRDLAKSTVYL
QMDYLKPEDTAVYYCNADFDFGSRTAWGQGTQVTVSSGQAGQHHHHHHGAYPYDVPDYAS
;
_entity_poly.pdbx_seq_one_letter_code_can   
;EVQLVESGGGLVQPGGSLRLSCVGSGRVRTINTAGWYRQAPGQEPEFLARITVGGTTSYADSVKGRFTISRDLAKSTVYL
QMDYLKPEDTAVYYCNADFDFGSRTAWGQGTQVTVSSGQAGQHHHHHHGAYPYDVPDYAS
;
_entity_poly.pdbx_strand_id                 A 
_entity_poly.pdbx_target_identifier         ? 
# 
loop_
_pdbx_entity_nonpoly.entity_id 
_pdbx_entity_nonpoly.name 
_pdbx_entity_nonpoly.comp_id 
2 1,2-ETHANEDIOL EDO 
3 triazophos     WYW 
4 'SODIUM ION'   NA  
5 water          HOH 
# 
loop_
_entity_poly_seq.entity_id 
_entity_poly_seq.num 
_entity_poly_seq.mon_id 
_entity_poly_seq.hetero 
1 1   GLU n 
1 2   VAL n 
1 3   GLN n 
1 4   LEU n 
1 5   VAL n 
1 6   GLU n 
1 7   SER n 
1 8   GLY n 
1 9   GLY n 
1 10  GLY n 
1 11  LEU n 
1 12  VAL n 
1 13  GLN n 
1 14  PRO n 
1 15  GLY n 
1 16  GLY n 
1 17  SER n 
1 18  LEU n 
1 19  ARG n 
1 20  LEU n 
1 21  SER n 
1 22  CYS n 
1 23  VAL n 
1 24  GLY n 
1 25  SER n 
1 26  GLY n 
1 27  ARG n 
1 28  VAL n 
1 29  ARG n 
1 30  THR n 
1 31  ILE n 
1 32  ASN n 
1 33  THR n 
1 34  ALA n 
1 35  GLY n 
1 36  TRP n 
1 37  TYR n 
1 38  ARG n 
1 39  GLN n 
1 40  ALA n 
1 41  PRO n 
1 42  GLY n 
1 43  GLN n 
1 44  GLU n 
1 45  PRO n 
1 46  GLU n 
1 47  PHE n 
1 48  LEU n 
1 49  ALA n 
1 50  ARG n 
1 51  ILE n 
1 52  THR n 
1 53  VAL n 
1 54  GLY n 
1 55  GLY n 
1 56  THR n 
1 57  THR n 
1 58  SER n 
1 59  TYR n 
1 60  ALA n 
1 61  ASP n 
1 62  SER n 
1 63  VAL n 
1 64  LYS n 
1 65  GLY n 
1 66  ARG n 
1 67  PHE n 
1 68  THR n 
1 69  ILE n 
1 70  SER n 
1 71  ARG n 
1 72  ASP n 
1 73  LEU n 
1 74  ALA n 
1 75  LYS n 
1 76  SER n 
1 77  THR n 
1 78  VAL n 
1 79  TYR n 
1 80  LEU n 
1 81  GLN n 
1 82  MET n 
1 83  ASP n 
1 84  TYR n 
1 85  LEU n 
1 86  LYS n 
1 87  PRO n 
1 88  GLU n 
1 89  ASP n 
1 90  THR n 
1 91  ALA n 
1 92  VAL n 
1 93  TYR n 
1 94  TYR n 
1 95  CYS n 
1 96  ASN n 
1 97  ALA n 
1 98  ASP n 
1 99  PHE n 
1 100 ASP n 
1 101 PHE n 
1 102 GLY n 
1 103 SER n 
1 104 ARG n 
1 105 THR n 
1 106 ALA n 
1 107 TRP n 
1 108 GLY n 
1 109 GLN n 
1 110 GLY n 
1 111 THR n 
1 112 GLN n 
1 113 VAL n 
1 114 THR n 
1 115 VAL n 
1 116 SER n 
1 117 SER n 
1 118 GLY n 
1 119 GLN n 
1 120 ALA n 
1 121 GLY n 
1 122 GLN n 
1 123 HIS n 
1 124 HIS n 
1 125 HIS n 
1 126 HIS n 
1 127 HIS n 
1 128 HIS n 
1 129 GLY n 
1 130 ALA n 
1 131 TYR n 
1 132 PRO n 
1 133 TYR n 
1 134 ASP n 
1 135 VAL n 
1 136 PRO n 
1 137 ASP n 
1 138 TYR n 
1 139 ALA n 
1 140 SER n 
# 
_entity_src_gen.entity_id                          1 
_entity_src_gen.pdbx_src_id                        1 
_entity_src_gen.pdbx_alt_source_flag               sample 
_entity_src_gen.pdbx_seq_type                      'Biological sequence' 
_entity_src_gen.pdbx_beg_seq_num                   1 
_entity_src_gen.pdbx_end_seq_num                   140 
_entity_src_gen.gene_src_common_name               'Bactrian camel' 
_entity_src_gen.gene_src_genus                     ? 
_entity_src_gen.pdbx_gene_src_gene                 ? 
_entity_src_gen.gene_src_species                   ? 
_entity_src_gen.gene_src_strain                    ? 
_entity_src_gen.gene_src_tissue                    ? 
_entity_src_gen.gene_src_tissue_fraction           ? 
_entity_src_gen.gene_src_details                   ? 
_entity_src_gen.pdbx_gene_src_fragment             ? 
_entity_src_gen.pdbx_gene_src_scientific_name      'Camelus bactrianus' 
_entity_src_gen.pdbx_gene_src_ncbi_taxonomy_id     9837 
_entity_src_gen.pdbx_gene_src_variant              ? 
_entity_src_gen.pdbx_gene_src_cell_line            ? 
_entity_src_gen.pdbx_gene_src_atcc                 ? 
_entity_src_gen.pdbx_gene_src_organ                ? 
_entity_src_gen.pdbx_gene_src_organelle            ? 
_entity_src_gen.pdbx_gene_src_cell                 ? 
_entity_src_gen.pdbx_gene_src_cellular_location    ? 
_entity_src_gen.host_org_common_name               ? 
_entity_src_gen.pdbx_host_org_scientific_name      'Escherichia coli BL21(DE3)' 
_entity_src_gen.pdbx_host_org_ncbi_taxonomy_id     469008 
_entity_src_gen.host_org_genus                     ? 
_entity_src_gen.pdbx_host_org_gene                 ? 
_entity_src_gen.pdbx_host_org_organ                ? 
_entity_src_gen.host_org_species                   ? 
_entity_src_gen.pdbx_host_org_tissue               ? 
_entity_src_gen.pdbx_host_org_tissue_fraction      ? 
_entity_src_gen.pdbx_host_org_strain               ? 
_entity_src_gen.pdbx_host_org_variant              ? 
_entity_src_gen.pdbx_host_org_cell_line            ? 
_entity_src_gen.pdbx_host_org_atcc                 ? 
_entity_src_gen.pdbx_host_org_culture_collection   ? 
_entity_src_gen.pdbx_host_org_cell                 ? 
_entity_src_gen.pdbx_host_org_organelle            ? 
_entity_src_gen.pdbx_host_org_cellular_location    ? 
_entity_src_gen.pdbx_host_org_vector_type          ? 
_entity_src_gen.pdbx_host_org_vector               ? 
_entity_src_gen.host_org_details                   ? 
_entity_src_gen.expression_system_id               ? 
_entity_src_gen.plasmid_name                       ? 
_entity_src_gen.plasmid_details                    ? 
_entity_src_gen.pdbx_description                   ? 
# 
loop_
_chem_comp.id 
_chem_comp.type 
_chem_comp.mon_nstd_flag 
_chem_comp.name 
_chem_comp.pdbx_synonyms 
_chem_comp.formula 
_chem_comp.formula_weight 
ALA 'L-peptide linking' y ALANINE         ?                                                                 'C3 H7 N O2'        
89.093  
ARG 'L-peptide linking' y ARGININE        ?                                                                 'C6 H15 N4 O2 1'    
175.209 
ASN 'L-peptide linking' y ASPARAGINE      ?                                                                 'C4 H8 N2 O3'       
132.118 
ASP 'L-peptide linking' y 'ASPARTIC ACID' ?                                                                 'C4 H7 N O4'        
133.103 
CYS 'L-peptide linking' y CYSTEINE        ?                                                                 'C3 H7 N O2 S'      
121.158 
EDO non-polymer         . 1,2-ETHANEDIOL  'ETHYLENE GLYCOL'                                                 'C2 H6 O2'          
62.068  
GLN 'L-peptide linking' y GLUTAMINE       ?                                                                 'C5 H10 N2 O3'      
146.144 
GLU 'L-peptide linking' y 'GLUTAMIC ACID' ?                                                                 'C5 H9 N O4'        
147.129 
GLY 'peptide linking'   y GLYCINE         ?                                                                 'C2 H5 N O2'        
75.067  
HIS 'L-peptide linking' y HISTIDINE       ?                                                                 'C6 H10 N3 O2 1'    
156.162 
HOH non-polymer         . WATER           ?                                                                 'H2 O'              
18.015  
ILE 'L-peptide linking' y ISOLEUCINE      ?                                                                 'C6 H13 N O2'       
131.173 
LEU 'L-peptide linking' y LEUCINE         ?                                                                 'C6 H13 N O2'       
131.173 
LYS 'L-peptide linking' y LYSINE          ?                                                                 'C6 H15 N2 O2 1'    
147.195 
MET 'L-peptide linking' y METHIONINE      ?                                                                 'C5 H11 N O2 S'     
149.211 
NA  non-polymer         . 'SODIUM ION'    ?                                                                 'Na 1'              
22.990  
PHE 'L-peptide linking' y PHENYLALANINE   ?                                                                 'C9 H11 N O2'       
165.189 
PRO 'L-peptide linking' y PROLINE         ?                                                                 'C5 H9 N O2'        
115.130 
SER 'L-peptide linking' y SERINE          ?                                                                 'C3 H7 N O3'        
105.093 
THR 'L-peptide linking' y THREONINE       ?                                                                 'C4 H9 N O3'        
119.119 
TRP 'L-peptide linking' y TRYPTOPHAN      ?                                                                 'C11 H12 N2 O2'     
204.225 
TYR 'L-peptide linking' y TYROSINE        ?                                                                 'C9 H11 N O3'       
181.189 
VAL 'L-peptide linking' y VALINE          ?                                                                 'C5 H11 N O2'       
117.146 
WYW non-polymer         . triazophos      'O,O-diethyl O-(1-phenyl-1H-1,2,4-triazol-3-yl) phosphorothioate' 'C12 H16 N3 O3 P S' 
313.313 
# 
loop_
_pdbx_poly_seq_scheme.asym_id 
_pdbx_poly_seq_scheme.entity_id 
_pdbx_poly_seq_scheme.seq_id 
_pdbx_poly_seq_scheme.mon_id 
_pdbx_poly_seq_scheme.ndb_seq_num 
_pdbx_poly_seq_scheme.pdb_seq_num 
_pdbx_poly_seq_scheme.auth_seq_num 
_pdbx_poly_seq_scheme.pdb_mon_id 
_pdbx_poly_seq_scheme.auth_mon_id 
_pdbx_poly_seq_scheme.pdb_strand_id 
_pdbx_poly_seq_scheme.pdb_ins_code 
_pdbx_poly_seq_scheme.hetero 
A 1 1   GLU 1   1   1   GLU GLU A . n 
A 1 2   VAL 2   2   2   VAL VAL A . n 
A 1 3   GLN 3   3   3   GLN GLN A . n 
A 1 4   LEU 4   4   4   LEU LEU A . n 
A 1 5   VAL 5   5   5   VAL VAL A . n 
A 1 6   GLU 6   6   6   GLU GLU A . n 
A 1 7   SER 7   7   7   SER SER A . n 
A 1 8   GLY 8   8   8   GLY GLY A . n 
A 1 9   GLY 9   9   9   GLY GLY A . n 
A 1 10  GLY 10  10  10  GLY GLY A . n 
A 1 11  LEU 11  11  11  LEU LEU A . n 
A 1 12  VAL 12  12  12  VAL VAL A . n 
A 1 13  GLN 13  13  13  GLN GLN A . n 
A 1 14  PRO 14  14  14  PRO PRO A . n 
A 1 15  GLY 15  15  15  GLY GLY A . n 
A 1 16  GLY 16  16  16  GLY GLY A . n 
A 1 17  SER 17  17  17  SER SER A . n 
A 1 18  LEU 18  18  18  LEU LEU A . n 
A 1 19  ARG 19  19  19  ARG ARG A . n 
A 1 20  LEU 20  20  20  LEU LEU A . n 
A 1 21  SER 21  21  21  SER SER A . n 
A 1 22  CYS 22  22  22  CYS CYS A . n 
A 1 23  VAL 23  23  23  VAL VAL A . n 
A 1 24  GLY 24  24  24  GLY GLY A . n 
A 1 25  SER 25  25  25  SER SER A . n 
A 1 26  GLY 26  26  26  GLY GLY A . n 
A 1 27  ARG 27  27  27  ARG ARG A . n 
A 1 28  VAL 28  28  28  VAL VAL A . n 
A 1 29  ARG 29  29  29  ARG ARG A . n 
A 1 30  THR 30  30  30  THR THR A . n 
A 1 31  ILE 31  31  31  ILE ILE A . n 
A 1 32  ASN 32  32  32  ASN ASN A . n 
A 1 33  THR 33  33  33  THR THR A . n 
A 1 34  ALA 34  34  34  ALA ALA A . n 
A 1 35  GLY 35  35  35  GLY GLY A . n 
A 1 36  TRP 36  36  36  TRP TRP A . n 
A 1 37  TYR 37  37  37  TYR TYR A . n 
A 1 38  ARG 38  38  38  ARG ARG A . n 
A 1 39  GLN 39  39  39  GLN GLN A . n 
A 1 40  ALA 40  40  40  ALA ALA A . n 
A 1 41  PRO 41  41  41  PRO PRO A . n 
A 1 42  GLY 42  42  42  GLY GLY A . n 
A 1 43  GLN 43  43  43  GLN GLN A . n 
A 1 44  GLU 44  44  44  GLU GLU A . n 
A 1 45  PRO 45  45  45  PRO PRO A . n 
A 1 46  GLU 46  46  46  GLU GLU A . n 
A 1 47  PHE 47  47  47  PHE PHE A . n 
A 1 48  LEU 48  48  48  LEU LEU A . n 
A 1 49  ALA 49  49  49  ALA ALA A . n 
A 1 50  ARG 50  50  50  ARG ARG A . n 
A 1 51  ILE 51  51  51  ILE ILE A . n 
A 1 52  THR 52  52  52  THR THR A . n 
A 1 53  VAL 53  53  53  VAL VAL A . n 
A 1 54  GLY 54  54  54  GLY GLY A . n 
A 1 55  GLY 55  55  55  GLY GLY A . n 
A 1 56  THR 56  56  56  THR THR A . n 
A 1 57  THR 57  57  57  THR THR A . n 
A 1 58  SER 58  58  58  SER SER A . n 
A 1 59  TYR 59  59  59  TYR TYR A . n 
A 1 60  ALA 60  60  60  ALA ALA A . n 
A 1 61  ASP 61  61  61  ASP ASP A . n 
A 1 62  SER 62  62  62  SER SER A . n 
A 1 63  VAL 63  63  63  VAL VAL A . n 
A 1 64  LYS 64  64  64  LYS LYS A . n 
A 1 65  GLY 65  65  65  GLY GLY A . n 
A 1 66  ARG 66  66  66  ARG ARG A . n 
A 1 67  PHE 67  67  67  PHE PHE A . n 
A 1 68  THR 68  68  68  THR THR A . n 
A 1 69  ILE 69  69  69  ILE ILE A . n 
A 1 70  SER 70  70  70  SER SER A . n 
A 1 71  ARG 71  71  71  ARG ARG A . n 
A 1 72  ASP 72  72  72  ASP ASP A . n 
A 1 73  LEU 73  73  73  LEU LEU A . n 
A 1 74  ALA 74  74  74  ALA ALA A . n 
A 1 75  LYS 75  75  75  LYS LYS A . n 
A 1 76  SER 76  76  76  SER SER A . n 
A 1 77  THR 77  77  77  THR THR A . n 
A 1 78  VAL 78  78  78  VAL VAL A . n 
A 1 79  TYR 79  79  79  TYR TYR A . n 
A 1 80  LEU 80  80  80  LEU LEU A . n 
A 1 81  GLN 81  81  81  GLN GLN A . n 
A 1 82  MET 82  82  82  MET MET A . n 
A 1 83  ASP 83  83  83  ASP ASP A . n 
A 1 84  TYR 84  84  84  TYR TYR A . n 
A 1 85  LEU 85  85  85  LEU LEU A . n 
A 1 86  LYS 86  86  86  LYS LYS A . n 
A 1 87  PRO 87  87  87  PRO PRO A . n 
A 1 88  GLU 88  88  88  GLU GLU A . n 
A 1 89  ASP 89  89  89  ASP ASP A . n 
A 1 90  THR 90  90  90  THR THR A . n 
A 1 91  ALA 91  91  91  ALA ALA A . n 
A 1 92  VAL 92  92  92  VAL VAL A . n 
A 1 93  TYR 93  93  93  TYR TYR A . n 
A 1 94  TYR 94  94  94  TYR TYR A . n 
A 1 95  CYS 95  95  95  CYS CYS A . n 
A 1 96  ASN 96  96  96  ASN ASN A . n 
A 1 97  ALA 97  97  97  ALA ALA A . n 
A 1 98  ASP 98  98  98  ASP ASP A . n 
A 1 99  PHE 99  99  99  PHE PHE A . n 
A 1 100 ASP 100 100 100 ASP ASP A . n 
A 1 101 PHE 101 101 101 PHE PHE A . n 
A 1 102 GLY 102 102 102 GLY GLY A . n 
A 1 103 SER 103 103 103 SER SER A . n 
A 1 104 ARG 104 104 104 ARG ARG A . n 
A 1 105 THR 105 105 105 THR THR A . n 
A 1 106 ALA 106 106 106 ALA ALA A . n 
A 1 107 TRP 107 107 107 TRP TRP A . n 
A 1 108 GLY 108 108 108 GLY GLY A . n 
A 1 109 GLN 109 109 109 GLN GLN A . n 
A 1 110 GLY 110 110 110 GLY GLY A . n 
A 1 111 THR 111 111 111 THR THR A . n 
A 1 112 GLN 112 112 112 GLN GLN A . n 
A 1 113 VAL 113 113 113 VAL VAL A . n 
A 1 114 THR 114 114 114 THR THR A . n 
A 1 115 VAL 115 115 115 VAL VAL A . n 
A 1 116 SER 116 116 116 SER SER A . n 
A 1 117 SER 117 117 117 SER SER A . n 
A 1 118 GLY 118 118 118 GLY GLY A . n 
A 1 119 GLN 119 119 ?   ?   ?   A . n 
A 1 120 ALA 120 120 ?   ?   ?   A . n 
A 1 121 GLY 121 121 ?   ?   ?   A . n 
A 1 122 GLN 122 122 ?   ?   ?   A . n 
A 1 123 HIS 123 123 ?   ?   ?   A . n 
A 1 124 HIS 124 124 ?   ?   ?   A . n 
A 1 125 HIS 125 125 ?   ?   ?   A . n 
A 1 126 HIS 126 126 ?   ?   ?   A . n 
A 1 127 HIS 127 127 ?   ?   ?   A . n 
A 1 128 HIS 128 128 ?   ?   ?   A . n 
A 1 129 GLY 129 129 ?   ?   ?   A . n 
A 1 130 ALA 130 130 ?   ?   ?   A . n 
A 1 131 TYR 131 131 ?   ?   ?   A . n 
A 1 132 PRO 132 132 ?   ?   ?   A . n 
A 1 133 TYR 133 133 ?   ?   ?   A . n 
A 1 134 ASP 134 134 ?   ?   ?   A . n 
A 1 135 VAL 135 135 ?   ?   ?   A . n 
A 1 136 PRO 136 136 ?   ?   ?   A . n 
A 1 137 ASP 137 137 ?   ?   ?   A . n 
A 1 138 TYR 138 138 ?   ?   ?   A . n 
A 1 139 ALA 139 139 ?   ?   ?   A . n 
A 1 140 SER 140 140 ?   ?   ?   A . n 
# 
_pdbx_entity_instance_feature.ordinal        1 
_pdbx_entity_instance_feature.comp_id        WYW 
_pdbx_entity_instance_feature.asym_id        ? 
_pdbx_entity_instance_feature.seq_num        ? 
_pdbx_entity_instance_feature.auth_comp_id   WYW 
_pdbx_entity_instance_feature.auth_asym_id   ? 
_pdbx_entity_instance_feature.auth_seq_num   ? 
_pdbx_entity_instance_feature.feature_type   'SUBJECT OF INVESTIGATION' 
_pdbx_entity_instance_feature.details        ? 
# 
loop_
_pdbx_nonpoly_scheme.asym_id 
_pdbx_nonpoly_scheme.entity_id 
_pdbx_nonpoly_scheme.mon_id 
_pdbx_nonpoly_scheme.ndb_seq_num 
_pdbx_nonpoly_scheme.pdb_seq_num 
_pdbx_nonpoly_scheme.auth_seq_num 
_pdbx_nonpoly_scheme.pdb_mon_id 
_pdbx_nonpoly_scheme.auth_mon_id 
_pdbx_nonpoly_scheme.pdb_strand_id 
_pdbx_nonpoly_scheme.pdb_ins_code 
B 2 EDO 1  201 204 EDO EDO A . 
C 2 EDO 1  202 205 EDO EDO A . 
D 2 EDO 1  203 206 EDO EDO A . 
E 3 WYW 1  204 207 WYW LIG A . 
F 4 NA  1  205 1   NA  NA  A . 
G 5 HOH 1  301 46  HOH HOH A . 
G 5 HOH 2  302 18  HOH HOH A . 
G 5 HOH 3  303 30  HOH HOH A . 
G 5 HOH 4  304 35  HOH HOH A . 
G 5 HOH 5  305 12  HOH HOH A . 
G 5 HOH 6  306 2   HOH HOH A . 
G 5 HOH 7  307 1   HOH HOH A . 
G 5 HOH 8  308 10  HOH HOH A . 
G 5 HOH 9  309 3   HOH HOH A . 
G 5 HOH 10 310 20  HOH HOH A . 
G 5 HOH 11 311 36  HOH HOH A . 
G 5 HOH 12 312 19  HOH HOH A . 
G 5 HOH 13 313 52  HOH HOH A . 
G 5 HOH 14 314 17  HOH HOH A . 
G 5 HOH 15 315 8   HOH HOH A . 
G 5 HOH 16 316 9   HOH HOH A . 
G 5 HOH 17 317 50  HOH HOH A . 
G 5 HOH 18 318 7   HOH HOH A . 
G 5 HOH 19 319 4   HOH HOH A . 
G 5 HOH 20 320 5   HOH HOH A . 
G 5 HOH 21 321 15  HOH HOH A . 
G 5 HOH 22 322 33  HOH HOH A . 
G 5 HOH 23 323 14  HOH HOH A . 
G 5 HOH 24 324 32  HOH HOH A . 
G 5 HOH 25 325 26  HOH HOH A . 
G 5 HOH 26 326 38  HOH HOH A . 
G 5 HOH 27 327 53  HOH HOH A . 
G 5 HOH 28 328 11  HOH HOH A . 
G 5 HOH 29 329 34  HOH HOH A . 
G 5 HOH 30 330 13  HOH HOH A . 
G 5 HOH 31 331 21  HOH HOH A . 
G 5 HOH 32 332 22  HOH HOH A . 
G 5 HOH 33 333 23  HOH HOH A . 
G 5 HOH 34 334 39  HOH HOH A . 
G 5 HOH 35 335 16  HOH HOH A . 
G 5 HOH 36 336 44  HOH HOH A . 
G 5 HOH 37 337 48  HOH HOH A . 
G 5 HOH 38 338 45  HOH HOH A . 
G 5 HOH 39 339 25  HOH HOH A . 
G 5 HOH 40 340 24  HOH HOH A . 
G 5 HOH 41 341 42  HOH HOH A . 
G 5 HOH 42 342 43  HOH HOH A . 
G 5 HOH 43 343 41  HOH HOH A . 
G 5 HOH 44 344 54  HOH HOH A . 
G 5 HOH 45 345 55  HOH HOH A . 
# 
loop_
_pdbx_unobs_or_zero_occ_atoms.id 
_pdbx_unobs_or_zero_occ_atoms.PDB_model_num 
_pdbx_unobs_or_zero_occ_atoms.polymer_flag 
_pdbx_unobs_or_zero_occ_atoms.occupancy_flag 
_pdbx_unobs_or_zero_occ_atoms.auth_asym_id 
_pdbx_unobs_or_zero_occ_atoms.auth_comp_id 
_pdbx_unobs_or_zero_occ_atoms.auth_seq_id 
_pdbx_unobs_or_zero_occ_atoms.PDB_ins_code 
_pdbx_unobs_or_zero_occ_atoms.auth_atom_id 
_pdbx_unobs_or_zero_occ_atoms.label_alt_id 
_pdbx_unobs_or_zero_occ_atoms.label_asym_id 
_pdbx_unobs_or_zero_occ_atoms.label_comp_id 
_pdbx_unobs_or_zero_occ_atoms.label_seq_id 
_pdbx_unobs_or_zero_occ_atoms.label_atom_id 
1  1 Y 1 A ARG 29  ? CG  ? A ARG 29  CG  
2  1 Y 1 A ARG 29  ? CD  ? A ARG 29  CD  
3  1 Y 1 A ARG 29  ? NE  ? A ARG 29  NE  
4  1 Y 1 A ARG 29  ? CZ  ? A ARG 29  CZ  
5  1 Y 1 A ARG 29  ? NH1 ? A ARG 29  NH1 
6  1 Y 1 A ARG 29  ? NH2 ? A ARG 29  NH2 
7  1 Y 1 A ASP 100 ? CG  ? A ASP 100 CG  
8  1 Y 1 A ASP 100 ? OD1 ? A ASP 100 OD1 
9  1 Y 1 A ASP 100 ? OD2 ? A ASP 100 OD2 
10 1 Y 1 A PHE 101 ? CB  ? A PHE 101 CB  
11 1 Y 1 A PHE 101 ? CG  ? A PHE 101 CG  
12 1 Y 1 A PHE 101 ? CD1 ? A PHE 101 CD1 
13 1 Y 1 A PHE 101 ? CD2 ? A PHE 101 CD2 
14 1 Y 1 A PHE 101 ? CE1 ? A PHE 101 CE1 
15 1 Y 1 A PHE 101 ? CE2 ? A PHE 101 CE2 
16 1 Y 1 A PHE 101 ? CZ  ? A PHE 101 CZ  
# 
loop_
_software.citation_id 
_software.classification 
_software.compiler_name 
_software.compiler_version 
_software.contact_author 
_software.contact_author_email 
_software.date 
_software.description 
_software.dependencies 
_software.hardware 
_software.language 
_software.location 
_software.mods 
_software.name 
_software.os 
_software.os_version 
_software.type 
_software.version 
_software.pdbx_ordinal 
? refinement       ? ? ? ? ? ? ? ? ? ? ? PHENIX  ? ? ? 1.19.2_4158 1 
? 'data reduction' ? ? ? ? ? ? ? ? ? ? ? DIALS   ? ? ? .           2 
? 'data scaling'   ? ? ? ? ? ? ? ? ? ? ? Aimless ? ? ? .           3 
? phasing          ? ? ? ? ? ? ? ? ? ? ? PHASER  ? ? ? .           4 
# 
_cell.angle_alpha                  90.000 
_cell.angle_alpha_esd              ? 
_cell.angle_beta                   90.000 
_cell.angle_beta_esd               ? 
_cell.angle_gamma                  120.000 
_cell.angle_gamma_esd              ? 
_cell.entry_id                     8H7N 
_cell.details                      ? 
_cell.formula_units_Z              ? 
_cell.length_a                     84.386 
_cell.length_a_esd                 ? 
_cell.length_b                     84.386 
_cell.length_b_esd                 ? 
_cell.length_c                     32.988 
_cell.length_c_esd                 ? 
_cell.volume                       203438.498 
_cell.volume_esd                   ? 
_cell.Z_PDB                        6 
_cell.reciprocal_angle_alpha       ? 
_cell.reciprocal_angle_beta        ? 
_cell.reciprocal_angle_gamma       ? 
_cell.reciprocal_angle_alpha_esd   ? 
_cell.reciprocal_angle_beta_esd    ? 
_cell.reciprocal_angle_gamma_esd   ? 
_cell.reciprocal_length_a          ? 
_cell.reciprocal_length_b          ? 
_cell.reciprocal_length_c          ? 
_cell.reciprocal_length_a_esd      ? 
_cell.reciprocal_length_b_esd      ? 
_cell.reciprocal_length_c_esd      ? 
_cell.pdbx_unique_axis             ? 
_cell.pdbx_esd_method              ? 
# 
_symmetry.entry_id                         8H7N 
_symmetry.cell_setting                     ? 
_symmetry.Int_Tables_number                152 
_symmetry.space_group_name_Hall            
;P 31 2"
;
_symmetry.space_group_name_H-M             'P 31 2 1' 
_symmetry.pdbx_full_space_group_name_H-M   ? 
# 
_exptl.absorpt_coefficient_mu     ? 
_exptl.absorpt_correction_T_max   ? 
_exptl.absorpt_correction_T_min   ? 
_exptl.absorpt_correction_type    ? 
_exptl.absorpt_process_details    ? 
_exptl.entry_id                   8H7N 
_exptl.crystals_number            1 
_exptl.details                    ? 
_exptl.method                     'X-RAY DIFFRACTION' 
_exptl.method_details             ? 
# 
_exptl_crystal.colour                       ? 
_exptl_crystal.density_diffrn               ? 
_exptl_crystal.density_Matthews             2.57 
_exptl_crystal.density_method               ? 
_exptl_crystal.density_percent_sol          52.10 
_exptl_crystal.description                  ? 
_exptl_crystal.F_000                        ? 
_exptl_crystal.id                           1 
_exptl_crystal.preparation                  ? 
_exptl_crystal.size_max                     ? 
_exptl_crystal.size_mid                     ? 
_exptl_crystal.size_min                     ? 
_exptl_crystal.size_rad                     ? 
_exptl_crystal.colour_lustre                ? 
_exptl_crystal.colour_modifier              ? 
_exptl_crystal.colour_primary               ? 
_exptl_crystal.density_meas                 ? 
_exptl_crystal.density_meas_esd             ? 
_exptl_crystal.density_meas_gt              ? 
_exptl_crystal.density_meas_lt              ? 
_exptl_crystal.density_meas_temp            ? 
_exptl_crystal.density_meas_temp_esd        ? 
_exptl_crystal.density_meas_temp_gt         ? 
_exptl_crystal.density_meas_temp_lt         ? 
_exptl_crystal.pdbx_crystal_image_url       ? 
_exptl_crystal.pdbx_crystal_image_format    ? 
_exptl_crystal.pdbx_mosaicity               ? 
_exptl_crystal.pdbx_mosaicity_esd           ? 
_exptl_crystal.pdbx_mosaic_method           ? 
_exptl_crystal.pdbx_mosaic_block_size       ? 
_exptl_crystal.pdbx_mosaic_block_size_esd   ? 
# 
_exptl_crystal_grow.apparatus       ? 
_exptl_crystal_grow.atmosphere      ? 
_exptl_crystal_grow.crystal_id      1 
_exptl_crystal_grow.details         ? 
_exptl_crystal_grow.method          'VAPOR DIFFUSION, SITTING DROP' 
_exptl_crystal_grow.method_ref      ? 
_exptl_crystal_grow.pH              7.4 
_exptl_crystal_grow.pressure        ? 
_exptl_crystal_grow.pressure_esd    ? 
_exptl_crystal_grow.seeding         ? 
_exptl_crystal_grow.seeding_ref     ? 
_exptl_crystal_grow.temp            293.15 
_exptl_crystal_grow.temp_details    ? 
_exptl_crystal_grow.temp_esd        ? 
_exptl_crystal_grow.time            ? 
_exptl_crystal_grow.pdbx_details    '0.1 M citric acid, pH 3.5, 0.8 M ammonium sulfate' 
_exptl_crystal_grow.pdbx_pH_range   ? 
# 
_diffrn.ambient_environment              ? 
_diffrn.ambient_temp                     100 
_diffrn.ambient_temp_details             ? 
_diffrn.ambient_temp_esd                 ? 
_diffrn.crystal_id                       1 
_diffrn.crystal_support                  ? 
_diffrn.crystal_treatment                ? 
_diffrn.details                          ? 
_diffrn.id                               1 
_diffrn.ambient_pressure                 ? 
_diffrn.ambient_pressure_esd             ? 
_diffrn.ambient_pressure_gt              ? 
_diffrn.ambient_pressure_lt              ? 
_diffrn.ambient_temp_gt                  ? 
_diffrn.ambient_temp_lt                  ? 
_diffrn.pdbx_serial_crystal_experiment   N 
# 
_diffrn_detector.details                      ? 
_diffrn_detector.detector                     PIXEL 
_diffrn_detector.diffrn_id                    1 
_diffrn_detector.type                         'DECTRIS EIGER2 S 9M' 
_diffrn_detector.area_resol_mean              ? 
_diffrn_detector.dtime                        ? 
_diffrn_detector.pdbx_frames_total            ? 
_diffrn_detector.pdbx_collection_time_total   ? 
_diffrn_detector.pdbx_collection_date         2021-11-01 
_diffrn_detector.pdbx_frequency               ? 
# 
_diffrn_radiation.collimation                      ? 
_diffrn_radiation.diffrn_id                        1 
_diffrn_radiation.filter_edge                      ? 
_diffrn_radiation.inhomogeneity                    ? 
_diffrn_radiation.monochromator                    ? 
_diffrn_radiation.polarisn_norm                    ? 
_diffrn_radiation.polarisn_ratio                   ? 
_diffrn_radiation.probe                            ? 
_diffrn_radiation.type                             ? 
_diffrn_radiation.xray_symbol                      ? 
_diffrn_radiation.wavelength_id                    1 
_diffrn_radiation.pdbx_monochromatic_or_laue_m_l   M 
_diffrn_radiation.pdbx_wavelength_list             ? 
_diffrn_radiation.pdbx_wavelength                  ? 
_diffrn_radiation.pdbx_diffrn_protocol             'SINGLE WAVELENGTH' 
_diffrn_radiation.pdbx_analyzer                    ? 
_diffrn_radiation.pdbx_scattering_type             x-ray 
# 
_diffrn_radiation_wavelength.id           1 
_diffrn_radiation_wavelength.wavelength   0.979176 
_diffrn_radiation_wavelength.wt           1.0 
# 
_diffrn_source.current                     ? 
_diffrn_source.details                     ? 
_diffrn_source.diffrn_id                   1 
_diffrn_source.power                       ? 
_diffrn_source.size                        ? 
_diffrn_source.source                      SYNCHROTRON 
_diffrn_source.target                      ? 
_diffrn_source.type                        'SSRF BEAMLINE BL02U1' 
_diffrn_source.voltage                     ? 
_diffrn_source.take-off_angle              ? 
_diffrn_source.pdbx_wavelength_list        0.979176 
_diffrn_source.pdbx_wavelength             ? 
_diffrn_source.pdbx_synchrotron_beamline   BL02U1 
_diffrn_source.pdbx_synchrotron_site       SSRF 
# 
_reflns.B_iso_Wilson_estimate                          29.32 
_reflns.entry_id                                       8H7N 
_reflns.data_reduction_details                         ? 
_reflns.data_reduction_method                          ? 
_reflns.d_resolution_high                              1.99 
_reflns.d_resolution_low                               42.19 
_reflns.details                                        ? 
_reflns.limit_h_max                                    ? 
_reflns.limit_h_min                                    ? 
_reflns.limit_k_max                                    ? 
_reflns.limit_k_min                                    ? 
_reflns.limit_l_max                                    ? 
_reflns.limit_l_min                                    ? 
_reflns.number_all                                     ? 
_reflns.number_obs                                     9567 
_reflns.observed_criterion                             ? 
_reflns.observed_criterion_F_max                       ? 
_reflns.observed_criterion_F_min                       ? 
_reflns.observed_criterion_I_max                       ? 
_reflns.observed_criterion_I_min                       ? 
_reflns.observed_criterion_sigma_F                     ? 
_reflns.observed_criterion_sigma_I                     ? 
_reflns.percent_possible_obs                           100.0 
_reflns.R_free_details                                 ? 
_reflns.Rmerge_F_all                                   ? 
_reflns.Rmerge_F_obs                                   ? 
_reflns.Friedel_coverage                               ? 
_reflns.number_gt                                      ? 
_reflns.threshold_expression                           ? 
_reflns.pdbx_redundancy                                8.0 
_reflns.pdbx_Rmerge_I_obs                              0.112 
_reflns.pdbx_Rmerge_I_all                              ? 
_reflns.pdbx_Rsym_value                                ? 
_reflns.pdbx_netI_over_av_sigmaI                       ? 
_reflns.pdbx_netI_over_sigmaI                          10.3 
_reflns.pdbx_res_netI_over_av_sigmaI_2                 ? 
_reflns.pdbx_res_netI_over_sigmaI_2                    ? 
_reflns.pdbx_chi_squared                               ? 
_reflns.pdbx_scaling_rejects                           ? 
_reflns.pdbx_d_res_high_opt                            ? 
_reflns.pdbx_d_res_low_opt                             ? 
_reflns.pdbx_d_res_opt_method                          ? 
_reflns.phase_calculation_details                      ? 
_reflns.pdbx_Rrim_I_all                                ? 
_reflns.pdbx_Rpim_I_all                                ? 
_reflns.pdbx_d_opt                                     ? 
_reflns.pdbx_number_measured_all                       ? 
_reflns.pdbx_diffrn_id                                 1 
_reflns.pdbx_ordinal                                   1 
_reflns.pdbx_CC_half                                   0.998 
_reflns.pdbx_CC_star                                   ? 
_reflns.pdbx_R_split                                   ? 
_reflns.pdbx_aniso_diffraction_limit_axis_1_ortho[1]   ? 
_reflns.pdbx_aniso_diffraction_limit_axis_1_ortho[2]   ? 
_reflns.pdbx_aniso_diffraction_limit_axis_1_ortho[3]   ? 
_reflns.pdbx_aniso_diffraction_limit_axis_2_ortho[1]   ? 
_reflns.pdbx_aniso_diffraction_limit_axis_2_ortho[2]   ? 
_reflns.pdbx_aniso_diffraction_limit_axis_2_ortho[3]   ? 
_reflns.pdbx_aniso_diffraction_limit_axis_3_ortho[1]   ? 
_reflns.pdbx_aniso_diffraction_limit_axis_3_ortho[2]   ? 
_reflns.pdbx_aniso_diffraction_limit_axis_3_ortho[3]   ? 
_reflns.pdbx_aniso_diffraction_limit_1                 ? 
_reflns.pdbx_aniso_diffraction_limit_2                 ? 
_reflns.pdbx_aniso_diffraction_limit_3                 ? 
_reflns.pdbx_aniso_B_tensor_eigenvector_1_ortho[1]     ? 
_reflns.pdbx_aniso_B_tensor_eigenvector_1_ortho[2]     ? 
_reflns.pdbx_aniso_B_tensor_eigenvector_1_ortho[3]     ? 
_reflns.pdbx_aniso_B_tensor_eigenvector_2_ortho[1]     ? 
_reflns.pdbx_aniso_B_tensor_eigenvector_2_ortho[2]     ? 
_reflns.pdbx_aniso_B_tensor_eigenvector_2_ortho[3]     ? 
_reflns.pdbx_aniso_B_tensor_eigenvector_3_ortho[1]     ? 
_reflns.pdbx_aniso_B_tensor_eigenvector_3_ortho[2]     ? 
_reflns.pdbx_aniso_B_tensor_eigenvector_3_ortho[3]     ? 
_reflns.pdbx_aniso_B_tensor_eigenvalue_1               ? 
_reflns.pdbx_aniso_B_tensor_eigenvalue_2               ? 
_reflns.pdbx_aniso_B_tensor_eigenvalue_3               ? 
_reflns.pdbx_orthogonalization_convention              ? 
_reflns.pdbx_percent_possible_ellipsoidal              ? 
_reflns.pdbx_percent_possible_spherical                ? 
_reflns.pdbx_percent_possible_ellipsoidal_anomalous    ? 
_reflns.pdbx_percent_possible_spherical_anomalous      ? 
_reflns.pdbx_redundancy_anomalous                      ? 
_reflns.pdbx_CC_half_anomalous                         ? 
_reflns.pdbx_absDiff_over_sigma_anomalous              ? 
_reflns.pdbx_percent_possible_anomalous                ? 
_reflns.pdbx_observed_signal_threshold                 ? 
_reflns.pdbx_signal_type                               ? 
_reflns.pdbx_signal_details                            ? 
_reflns.pdbx_signal_software_id                        ? 
_reflns.pdbx_CC_split_method                           ? 
# 
_reflns_shell.d_res_high                                    1.99 
_reflns_shell.d_res_low                                     2.03 
_reflns_shell.meanI_over_sigI_all                           ? 
_reflns_shell.meanI_over_sigI_obs                           2.3 
_reflns_shell.number_measured_all                           ? 
_reflns_shell.number_measured_obs                           ? 
_reflns_shell.number_possible                               ? 
_reflns_shell.number_unique_all                             ? 
_reflns_shell.number_unique_obs                             663 
_reflns_shell.percent_possible_all                          99.8 
_reflns_shell.percent_possible_obs                          ? 
_reflns_shell.Rmerge_F_all                                  ? 
_reflns_shell.Rmerge_F_obs                                  ? 
_reflns_shell.Rmerge_I_all                                  ? 
_reflns_shell.Rmerge_I_obs                                  0.948 
_reflns_shell.meanI_over_sigI_gt                            ? 
_reflns_shell.meanI_over_uI_all                             ? 
_reflns_shell.meanI_over_uI_gt                              ? 
_reflns_shell.number_measured_gt                            ? 
_reflns_shell.number_unique_gt                              ? 
_reflns_shell.percent_possible_gt                           ? 
_reflns_shell.Rmerge_F_gt                                   ? 
_reflns_shell.Rmerge_I_gt                                   ? 
_reflns_shell.pdbx_redundancy                               7.6 
_reflns_shell.pdbx_Rsym_value                               ? 
_reflns_shell.pdbx_chi_squared                              ? 
_reflns_shell.pdbx_netI_over_sigmaI_all                     ? 
_reflns_shell.pdbx_netI_over_sigmaI_obs                     ? 
_reflns_shell.pdbx_Rrim_I_all                               ? 
_reflns_shell.pdbx_Rpim_I_all                               ? 
_reflns_shell.pdbx_rejects                                  ? 
_reflns_shell.pdbx_ordinal                                  1 
_reflns_shell.pdbx_diffrn_id                                1 
_reflns_shell.pdbx_CC_half                                  0.790 
_reflns_shell.pdbx_CC_star                                  ? 
_reflns_shell.pdbx_R_split                                  ? 
_reflns_shell.pdbx_percent_possible_ellipsoidal             ? 
_reflns_shell.pdbx_percent_possible_spherical               ? 
_reflns_shell.pdbx_percent_possible_ellipsoidal_anomalous   ? 
_reflns_shell.pdbx_percent_possible_spherical_anomalous     ? 
_reflns_shell.pdbx_redundancy_anomalous                     ? 
_reflns_shell.pdbx_CC_half_anomalous                        ? 
_reflns_shell.pdbx_absDiff_over_sigma_anomalous             ? 
_reflns_shell.pdbx_percent_possible_anomalous               ? 
# 
_refine.aniso_B[1][1]                            ? 
_refine.aniso_B[1][2]                            ? 
_refine.aniso_B[1][3]                            ? 
_refine.aniso_B[2][2]                            ? 
_refine.aniso_B[2][3]                            ? 
_refine.aniso_B[3][3]                            ? 
_refine.B_iso_max                                ? 
_refine.B_iso_mean                               33.72 
_refine.B_iso_min                                ? 
_refine.correlation_coeff_Fo_to_Fc               ? 
_refine.correlation_coeff_Fo_to_Fc_free          ? 
_refine.details                                  ? 
_refine.diff_density_max                         ? 
_refine.diff_density_max_esd                     ? 
_refine.diff_density_min                         ? 
_refine.diff_density_min_esd                     ? 
_refine.diff_density_rms                         ? 
_refine.diff_density_rms_esd                     ? 
_refine.entry_id                                 8H7N 
_refine.pdbx_refine_id                           'X-RAY DIFFRACTION' 
_refine.ls_abs_structure_details                 ? 
_refine.ls_abs_structure_Flack                   ? 
_refine.ls_abs_structure_Flack_esd               ? 
_refine.ls_abs_structure_Rogers                  ? 
_refine.ls_abs_structure_Rogers_esd              ? 
_refine.ls_d_res_high                            1.99 
_refine.ls_d_res_low                             36.54 
_refine.ls_extinction_coef                       ? 
_refine.ls_extinction_coef_esd                   ? 
_refine.ls_extinction_expression                 ? 
_refine.ls_extinction_method                     ? 
_refine.ls_goodness_of_fit_all                   ? 
_refine.ls_goodness_of_fit_all_esd               ? 
_refine.ls_goodness_of_fit_obs                   ? 
_refine.ls_goodness_of_fit_obs_esd               ? 
_refine.ls_hydrogen_treatment                    ? 
_refine.ls_matrix_type                           ? 
_refine.ls_number_constraints                    ? 
_refine.ls_number_parameters                     ? 
_refine.ls_number_reflns_all                     ? 
_refine.ls_number_reflns_obs                     9484 
_refine.ls_number_reflns_R_free                  451 
_refine.ls_number_reflns_R_work                  9033 
_refine.ls_number_restraints                     ? 
_refine.ls_percent_reflns_obs                    99.81 
_refine.ls_percent_reflns_R_free                 4.76 
_refine.ls_R_factor_all                          ? 
_refine.ls_R_factor_obs                          0.2130 
_refine.ls_R_factor_R_free                       0.2435 
_refine.ls_R_factor_R_free_error                 ? 
_refine.ls_R_factor_R_free_error_details         ? 
_refine.ls_R_factor_R_work                       0.2114 
_refine.ls_R_Fsqd_factor_obs                     ? 
_refine.ls_R_I_factor_obs                        ? 
_refine.ls_redundancy_reflns_all                 ? 
_refine.ls_redundancy_reflns_obs                 ? 
_refine.ls_restrained_S_all                      ? 
_refine.ls_restrained_S_obs                      ? 
_refine.ls_shift_over_esd_max                    ? 
_refine.ls_shift_over_esd_mean                   ? 
_refine.ls_structure_factor_coef                 ? 
_refine.ls_weighting_details                     ? 
_refine.ls_weighting_scheme                      ? 
_refine.ls_wR_factor_all                         ? 
_refine.ls_wR_factor_obs                         ? 
_refine.ls_wR_factor_R_free                      ? 
_refine.ls_wR_factor_R_work                      ? 
_refine.occupancy_max                            ? 
_refine.occupancy_min                            ? 
_refine.solvent_model_details                    'FLAT BULK SOLVENT MODEL' 
_refine.solvent_model_param_bsol                 ? 
_refine.solvent_model_param_ksol                 ? 
_refine.pdbx_R_complete                          ? 
_refine.ls_R_factor_gt                           ? 
_refine.ls_goodness_of_fit_gt                    ? 
_refine.ls_goodness_of_fit_ref                   ? 
_refine.ls_shift_over_su_max                     ? 
_refine.ls_shift_over_su_max_lt                  ? 
_refine.ls_shift_over_su_mean                    ? 
_refine.ls_shift_over_su_mean_lt                 ? 
_refine.pdbx_ls_sigma_I                          ? 
_refine.pdbx_ls_sigma_F                          1.37 
_refine.pdbx_ls_sigma_Fsqd                       ? 
_refine.pdbx_data_cutoff_high_absF               ? 
_refine.pdbx_data_cutoff_high_rms_absF           ? 
_refine.pdbx_data_cutoff_low_absF                ? 
_refine.pdbx_isotropic_thermal_model             ? 
_refine.pdbx_ls_cross_valid_method               'FREE R-VALUE' 
_refine.pdbx_method_to_determine_struct          'MOLECULAR REPLACEMENT' 
_refine.pdbx_starting_model                      'PDB entry 8H7I' 
_refine.pdbx_stereochemistry_target_values       'GeoStd + Monomer Library + CDL v1.2' 
_refine.pdbx_R_Free_selection_details            ? 
_refine.pdbx_stereochem_target_val_spec_case     ? 
_refine.pdbx_overall_ESU_R                       ? 
_refine.pdbx_overall_ESU_R_Free                  ? 
_refine.pdbx_solvent_vdw_probe_radii             1.1100 
_refine.pdbx_solvent_ion_probe_radii             ? 
_refine.pdbx_solvent_shrinkage_radii             0.9000 
_refine.pdbx_real_space_R                        ? 
_refine.pdbx_density_correlation                 ? 
_refine.pdbx_pd_number_of_powder_patterns        ? 
_refine.pdbx_pd_number_of_points                 ? 
_refine.pdbx_pd_meas_number_of_points            ? 
_refine.pdbx_pd_proc_ls_prof_R_factor            ? 
_refine.pdbx_pd_proc_ls_prof_wR_factor           ? 
_refine.pdbx_pd_Marquardt_correlation_coeff      ? 
_refine.pdbx_pd_Fsqrd_R_factor                   ? 
_refine.pdbx_pd_ls_matrix_band_width             ? 
_refine.pdbx_overall_phase_error                 28.1698 
_refine.pdbx_overall_SU_R_free_Cruickshank_DPI   ? 
_refine.pdbx_overall_SU_R_free_Blow_DPI          ? 
_refine.pdbx_overall_SU_R_Blow_DPI               ? 
_refine.pdbx_TLS_residual_ADP_flag               ? 
_refine.pdbx_diffrn_id                           1 
_refine.overall_SU_B                             ? 
_refine.overall_SU_ML                            0.2260 
_refine.overall_SU_R_Cruickshank_DPI             ? 
_refine.overall_SU_R_free                        ? 
_refine.overall_FOM_free_R_set                   ? 
_refine.overall_FOM_work_R_set                   ? 
_refine.pdbx_average_fsc_overall                 ? 
_refine.pdbx_average_fsc_work                    ? 
_refine.pdbx_average_fsc_free                    ? 
# 
_refine_hist.pdbx_refine_id                   'X-RAY DIFFRACTION' 
_refine_hist.cycle_id                         LAST 
_refine_hist.details                          ? 
_refine_hist.d_res_high                       1.99 
_refine_hist.d_res_low                        36.54 
_refine_hist.number_atoms_solvent             45 
_refine_hist.number_atoms_total               953 
_refine_hist.number_reflns_all                ? 
_refine_hist.number_reflns_obs                ? 
_refine_hist.number_reflns_R_free             ? 
_refine_hist.number_reflns_R_work             ? 
_refine_hist.R_factor_all                     ? 
_refine_hist.R_factor_obs                     ? 
_refine_hist.R_factor_R_free                  ? 
_refine_hist.R_factor_R_work                  ? 
_refine_hist.pdbx_number_residues_total       ? 
_refine_hist.pdbx_B_iso_mean_ligand           ? 
_refine_hist.pdbx_B_iso_mean_solvent          ? 
_refine_hist.pdbx_number_atoms_protein        875 
_refine_hist.pdbx_number_atoms_nucleic_acid   0 
_refine_hist.pdbx_number_atoms_ligand         33 
_refine_hist.pdbx_number_atoms_lipid          ? 
_refine_hist.pdbx_number_atoms_carb           ? 
_refine_hist.pdbx_pseudo_atom_details         ? 
# 
loop_
_refine_ls_restr.pdbx_refine_id 
_refine_ls_restr.criterion 
_refine_ls_restr.dev_ideal 
_refine_ls_restr.dev_ideal_target 
_refine_ls_restr.number 
_refine_ls_restr.rejects 
_refine_ls_restr.type 
_refine_ls_restr.weight 
_refine_ls_restr.pdbx_restraint_function 
'X-RAY DIFFRACTION' ? 0.0024  ? 933  ? f_bond_d           ? ? 
'X-RAY DIFFRACTION' ? 0.5193  ? 1263 ? f_angle_d          ? ? 
'X-RAY DIFFRACTION' ? 0.0438  ? 138  ? f_chiral_restr     ? ? 
'X-RAY DIFFRACTION' ? 0.0037  ? 163  ? f_plane_restr      ? ? 
'X-RAY DIFFRACTION' ? 10.2256 ? 341  ? f_dihedral_angle_d ? ? 
# 
loop_
_refine_ls_shell.pdbx_refine_id 
_refine_ls_shell.d_res_high 
_refine_ls_shell.d_res_low 
_refine_ls_shell.number_reflns_all 
_refine_ls_shell.number_reflns_obs 
_refine_ls_shell.number_reflns_R_free 
_refine_ls_shell.number_reflns_R_work 
_refine_ls_shell.percent_reflns_obs 
_refine_ls_shell.percent_reflns_R_free 
_refine_ls_shell.R_factor_all 
_refine_ls_shell.R_factor_obs 
_refine_ls_shell.R_factor_R_free 
_refine_ls_shell.R_factor_R_free_error 
_refine_ls_shell.R_factor_R_work 
_refine_ls_shell.redundancy_reflns_all 
_refine_ls_shell.redundancy_reflns_obs 
_refine_ls_shell.wR_factor_all 
_refine_ls_shell.wR_factor_obs 
_refine_ls_shell.wR_factor_R_free 
_refine_ls_shell.wR_factor_R_work 
_refine_ls_shell.pdbx_R_complete 
_refine_ls_shell.pdbx_total_number_of_bins_used 
_refine_ls_shell.pdbx_phase_error 
_refine_ls_shell.pdbx_fsc_work 
_refine_ls_shell.pdbx_fsc_free 
'X-RAY DIFFRACTION' 1.99 2.03  . . 145 2973 99.58 . . . 0.2963 . 0.2555 . . . . . . . . . . . 
'X-RAY DIFFRACTION' 2.28 2.87  . . 153 2969 99.94 . . . 0.2411 . 0.2398 . . . . . . . . . . . 
'X-RAY DIFFRACTION' 2.87 36.54 . . 153 3091 99.91 . . . 0.2328 . 0.1911 . . . . . . . . . . . 
# 
_struct.entry_id                     8H7N 
_struct.title                        'Structure of nanobody 11A in complex with triazophos' 
_struct.pdbx_model_details           ? 
_struct.pdbx_formula_weight          ? 
_struct.pdbx_formula_weight_method   ? 
_struct.pdbx_model_type_details      ? 
_struct.pdbx_CASP_flag               N 
# 
_struct_keywords.entry_id        8H7N 
_struct_keywords.text            'nanobody, organophosphorus pesticide, IMMUNE SYSTEM' 
_struct_keywords.pdbx_keywords   'IMMUNE SYSTEM' 
# 
loop_
_struct_asym.id 
_struct_asym.pdbx_blank_PDB_chainid_flag 
_struct_asym.pdbx_modified 
_struct_asym.entity_id 
_struct_asym.details 
A N N 1 ? 
B N N 2 ? 
C N N 2 ? 
D N N 2 ? 
E N N 3 ? 
F N N 4 ? 
G N N 5 ? 
# 
_struct_ref.id                         1 
_struct_ref.db_name                    PDB 
_struct_ref.db_code                    8H7N 
_struct_ref.pdbx_db_accession          8H7N 
_struct_ref.pdbx_db_isoform            ? 
_struct_ref.entity_id                  1 
_struct_ref.pdbx_seq_one_letter_code   ? 
_struct_ref.pdbx_align_begin           1 
# 
_struct_ref_seq.align_id                      1 
_struct_ref_seq.ref_id                        1 
_struct_ref_seq.pdbx_PDB_id_code              8H7N 
_struct_ref_seq.pdbx_strand_id                A 
_struct_ref_seq.seq_align_beg                 1 
_struct_ref_seq.pdbx_seq_align_beg_ins_code   ? 
_struct_ref_seq.seq_align_end                 140 
_struct_ref_seq.pdbx_seq_align_end_ins_code   ? 
_struct_ref_seq.pdbx_db_accession             8H7N 
_struct_ref_seq.db_align_beg                  1 
_struct_ref_seq.pdbx_db_align_beg_ins_code    ? 
_struct_ref_seq.db_align_end                  140 
_struct_ref_seq.pdbx_db_align_end_ins_code    ? 
_struct_ref_seq.pdbx_auth_seq_align_beg       1 
_struct_ref_seq.pdbx_auth_seq_align_end       140 
# 
_pdbx_struct_assembly.id                   1 
_pdbx_struct_assembly.details              author_defined_assembly 
_pdbx_struct_assembly.method_details       ? 
_pdbx_struct_assembly.oligomeric_details   monomeric 
_pdbx_struct_assembly.oligomeric_count     1 
# 
_pdbx_struct_assembly_gen.assembly_id       1 
_pdbx_struct_assembly_gen.oper_expression   1 
_pdbx_struct_assembly_gen.asym_id_list      A,B,C,D,E,F,G 
# 
_pdbx_struct_assembly_auth_evidence.id                     1 
_pdbx_struct_assembly_auth_evidence.assembly_id            1 
_pdbx_struct_assembly_auth_evidence.experimental_support   'isothermal titration calorimetry' 
_pdbx_struct_assembly_auth_evidence.details                ? 
# 
_pdbx_struct_oper_list.id                   1 
_pdbx_struct_oper_list.type                 'identity operation' 
_pdbx_struct_oper_list.name                 1_555 
_pdbx_struct_oper_list.symmetry_operation   x,y,z 
_pdbx_struct_oper_list.matrix[1][1]         1.0000000000 
_pdbx_struct_oper_list.matrix[1][2]         0.0000000000 
_pdbx_struct_oper_list.matrix[1][3]         0.0000000000 
_pdbx_struct_oper_list.vector[1]            0.0000000000 
_pdbx_struct_oper_list.matrix[2][1]         0.0000000000 
_pdbx_struct_oper_list.matrix[2][2]         1.0000000000 
_pdbx_struct_oper_list.matrix[2][3]         0.0000000000 
_pdbx_struct_oper_list.vector[2]            0.0000000000 
_pdbx_struct_oper_list.matrix[3][1]         0.0000000000 
_pdbx_struct_oper_list.matrix[3][2]         0.0000000000 
_pdbx_struct_oper_list.matrix[3][3]         1.0000000000 
_pdbx_struct_oper_list.vector[3]            0.0000000000 
# 
_struct_conf.conf_type_id            HELX_P 
_struct_conf.id                      HELX_P1 
_struct_conf.pdbx_PDB_helix_id       AA1 
_struct_conf.beg_label_comp_id       LYS 
_struct_conf.beg_label_asym_id       A 
_struct_conf.beg_label_seq_id        86 
_struct_conf.pdbx_beg_PDB_ins_code   ? 
_struct_conf.end_label_comp_id       THR 
_struct_conf.end_label_asym_id       A 
_struct_conf.end_label_seq_id        90 
_struct_conf.pdbx_end_PDB_ins_code   ? 
_struct_conf.beg_auth_comp_id        LYS 
_struct_conf.beg_auth_asym_id        A 
_struct_conf.beg_auth_seq_id         86 
_struct_conf.end_auth_comp_id        THR 
_struct_conf.end_auth_asym_id        A 
_struct_conf.end_auth_seq_id         90 
_struct_conf.pdbx_PDB_helix_class    5 
_struct_conf.details                 ? 
_struct_conf.pdbx_PDB_helix_length   5 
# 
_struct_conf_type.id          HELX_P 
_struct_conf_type.criteria    ? 
_struct_conf_type.reference   ? 
# 
loop_
_struct_conn.id 
_struct_conn.conn_type_id 
_struct_conn.pdbx_leaving_atom_flag 
_struct_conn.pdbx_PDB_id 
_struct_conn.ptnr1_label_asym_id 
_struct_conn.ptnr1_label_comp_id 
_struct_conn.ptnr1_label_seq_id 
_struct_conn.ptnr1_label_atom_id 
_struct_conn.pdbx_ptnr1_label_alt_id 
_struct_conn.pdbx_ptnr1_PDB_ins_code 
_struct_conn.pdbx_ptnr1_standard_comp_id 
_struct_conn.ptnr1_symmetry 
_struct_conn.ptnr2_label_asym_id 
_struct_conn.ptnr2_label_comp_id 
_struct_conn.ptnr2_label_seq_id 
_struct_conn.ptnr2_label_atom_id 
_struct_conn.pdbx_ptnr2_label_alt_id 
_struct_conn.pdbx_ptnr2_PDB_ins_code 
_struct_conn.ptnr1_auth_asym_id 
_struct_conn.ptnr1_auth_comp_id 
_struct_conn.ptnr1_auth_seq_id 
_struct_conn.ptnr2_auth_asym_id 
_struct_conn.ptnr2_auth_comp_id 
_struct_conn.ptnr2_auth_seq_id 
_struct_conn.ptnr2_symmetry 
_struct_conn.pdbx_ptnr3_label_atom_id 
_struct_conn.pdbx_ptnr3_label_seq_id 
_struct_conn.pdbx_ptnr3_label_comp_id 
_struct_conn.pdbx_ptnr3_label_asym_id 
_struct_conn.pdbx_ptnr3_label_alt_id 
_struct_conn.pdbx_ptnr3_PDB_ins_code 
_struct_conn.details 
_struct_conn.pdbx_dist_value 
_struct_conn.pdbx_value_order 
_struct_conn.pdbx_role 
disulf1 disulf ? ? A CYS 22 SG ? ? ? 1_555 A CYS 95 SG ? ? A CYS 22 A CYS 95  1_555 ? ? ? ? ? ? ? 2.035 ? ? 
metalc1 metalc ? ? A SER 21 OG ? ? ? 1_555 F NA  .  NA ? ? A SER 21 A NA  205 1_555 ? ? ? ? ? ? ? 3.041 ? ? 
# 
loop_
_struct_conn_type.id 
_struct_conn_type.criteria 
_struct_conn_type.reference 
disulf ? ? 
metalc ? ? 
# 
_pdbx_modification_feature.ordinal                            1 
_pdbx_modification_feature.label_comp_id                      CYS 
_pdbx_modification_feature.label_asym_id                      A 
_pdbx_modification_feature.label_seq_id                       22 
_pdbx_modification_feature.label_alt_id                       ? 
_pdbx_modification_feature.modified_residue_label_comp_id     CYS 
_pdbx_modification_feature.modified_residue_label_asym_id     A 
_pdbx_modification_feature.modified_residue_label_seq_id      95 
_pdbx_modification_feature.modified_residue_label_alt_id      ? 
_pdbx_modification_feature.auth_comp_id                       CYS 
_pdbx_modification_feature.auth_asym_id                       A 
_pdbx_modification_feature.auth_seq_id                        22 
_pdbx_modification_feature.PDB_ins_code                       ? 
_pdbx_modification_feature.symmetry                           1_555 
_pdbx_modification_feature.modified_residue_auth_comp_id      CYS 
_pdbx_modification_feature.modified_residue_auth_asym_id      A 
_pdbx_modification_feature.modified_residue_auth_seq_id       95 
_pdbx_modification_feature.modified_residue_PDB_ins_code      ? 
_pdbx_modification_feature.modified_residue_symmetry          1_555 
_pdbx_modification_feature.comp_id_linking_atom               SG 
_pdbx_modification_feature.modified_residue_id_linking_atom   SG 
_pdbx_modification_feature.modified_residue_id                . 
_pdbx_modification_feature.ref_pcm_id                         . 
_pdbx_modification_feature.ref_comp_id                        . 
_pdbx_modification_feature.type                               None 
_pdbx_modification_feature.category                           'Disulfide bridge' 
# 
loop_
_struct_sheet.id 
_struct_sheet.type 
_struct_sheet.number_strands 
_struct_sheet.details 
AA1 ? 4 ? 
AA2 ? 6 ? 
AA3 ? 4 ? 
# 
loop_
_struct_sheet_order.sheet_id 
_struct_sheet_order.range_id_1 
_struct_sheet_order.range_id_2 
_struct_sheet_order.offset 
_struct_sheet_order.sense 
AA1 1 2 ? anti-parallel 
AA1 2 3 ? anti-parallel 
AA1 3 4 ? anti-parallel 
AA2 1 2 ? parallel      
AA2 2 3 ? anti-parallel 
AA2 3 4 ? anti-parallel 
AA2 4 5 ? anti-parallel 
AA2 5 6 ? anti-parallel 
AA3 1 2 ? parallel      
AA3 2 3 ? anti-parallel 
AA3 3 4 ? anti-parallel 
# 
loop_
_struct_sheet_range.sheet_id 
_struct_sheet_range.id 
_struct_sheet_range.beg_label_comp_id 
_struct_sheet_range.beg_label_asym_id 
_struct_sheet_range.beg_label_seq_id 
_struct_sheet_range.pdbx_beg_PDB_ins_code 
_struct_sheet_range.end_label_comp_id 
_struct_sheet_range.end_label_asym_id 
_struct_sheet_range.end_label_seq_id 
_struct_sheet_range.pdbx_end_PDB_ins_code 
_struct_sheet_range.beg_auth_comp_id 
_struct_sheet_range.beg_auth_asym_id 
_struct_sheet_range.beg_auth_seq_id 
_struct_sheet_range.end_auth_comp_id 
_struct_sheet_range.end_auth_asym_id 
_struct_sheet_range.end_auth_seq_id 
AA1 1 VAL A 2   ? SER A 7   ? VAL A 2   SER A 7   
AA1 2 LEU A 18  ? GLY A 26  ? LEU A 18  GLY A 26  
AA1 3 THR A 77  ? MET A 82  ? THR A 77  MET A 82  
AA1 4 PHE A 67  ? ASP A 72  ? PHE A 67  ASP A 72  
AA2 1 GLY A 10  ? VAL A 12  ? GLY A 10  VAL A 12  
AA2 2 THR A 111 ? VAL A 115 ? THR A 111 VAL A 115 
AA2 3 ALA A 91  ? PHE A 99  ? ALA A 91  PHE A 99  
AA2 4 ILE A 31  ? GLN A 39  ? ILE A 31  GLN A 39  
AA2 5 GLU A 46  ? THR A 52  ? GLU A 46  THR A 52  
AA2 6 THR A 57  ? TYR A 59  ? THR A 57  TYR A 59  
AA3 1 GLY A 10  ? VAL A 12  ? GLY A 10  VAL A 12  
AA3 2 THR A 111 ? VAL A 115 ? THR A 111 VAL A 115 
AA3 3 ALA A 91  ? PHE A 99  ? ALA A 91  PHE A 99  
AA3 4 ARG A 104 ? TRP A 107 ? ARG A 104 TRP A 107 
# 
loop_
_pdbx_struct_sheet_hbond.sheet_id 
_pdbx_struct_sheet_hbond.range_id_1 
_pdbx_struct_sheet_hbond.range_id_2 
_pdbx_struct_sheet_hbond.range_1_label_atom_id 
_pdbx_struct_sheet_hbond.range_1_label_comp_id 
_pdbx_struct_sheet_hbond.range_1_label_asym_id 
_pdbx_struct_sheet_hbond.range_1_label_seq_id 
_pdbx_struct_sheet_hbond.range_1_PDB_ins_code 
_pdbx_struct_sheet_hbond.range_1_auth_atom_id 
_pdbx_struct_sheet_hbond.range_1_auth_comp_id 
_pdbx_struct_sheet_hbond.range_1_auth_asym_id 
_pdbx_struct_sheet_hbond.range_1_auth_seq_id 
_pdbx_struct_sheet_hbond.range_2_label_atom_id 
_pdbx_struct_sheet_hbond.range_2_label_comp_id 
_pdbx_struct_sheet_hbond.range_2_label_asym_id 
_pdbx_struct_sheet_hbond.range_2_label_seq_id 
_pdbx_struct_sheet_hbond.range_2_PDB_ins_code 
_pdbx_struct_sheet_hbond.range_2_auth_atom_id 
_pdbx_struct_sheet_hbond.range_2_auth_comp_id 
_pdbx_struct_sheet_hbond.range_2_auth_asym_id 
_pdbx_struct_sheet_hbond.range_2_auth_seq_id 
AA1 1 2 N SER A 7   ? N SER A 7   O SER A 21  ? O SER A 21  
AA1 2 3 N LEU A 18  ? N LEU A 18  O MET A 82  ? O MET A 82  
AA1 3 4 O GLN A 81  ? O GLN A 81  N THR A 68  ? N THR A 68  
AA2 1 2 N GLY A 10  ? N GLY A 10  O THR A 114 ? O THR A 114 
AA2 2 3 O THR A 111 ? O THR A 111 N TYR A 93  ? N TYR A 93  
AA2 3 4 O ASP A 98  ? O ASP A 98  N ASN A 32  ? N ASN A 32  
AA2 4 5 N ARG A 38  ? N ARG A 38  O GLU A 46  ? O GLU A 46  
AA2 5 6 N ARG A 50  ? N ARG A 50  O SER A 58  ? O SER A 58  
AA3 1 2 N GLY A 10  ? N GLY A 10  O THR A 114 ? O THR A 114 
AA3 2 3 O THR A 111 ? O THR A 111 N TYR A 93  ? N TYR A 93  
AA3 3 4 N PHE A 99  ? N PHE A 99  O ARG A 104 ? O ARG A 104 
# 
_pdbx_entry_details.entry_id                   8H7N 
_pdbx_entry_details.has_ligand_of_interest     Y 
_pdbx_entry_details.compound_details           ? 
_pdbx_entry_details.source_details             ? 
_pdbx_entry_details.nonpolymer_details         ? 
_pdbx_entry_details.sequence_details           ? 
_pdbx_entry_details.has_protein_modification   Y 
# 
loop_
_space_group_symop.id 
_space_group_symop.operation_xyz 
1 x,y,z          
2 -y,x-y,z+1/3   
3 -x+y,-x,z+2/3  
4 x-y,-y,-z+2/3  
5 -x,-x+y,-z+1/3 
6 y,x,-z         
# 
loop_
_pdbx_unobs_or_zero_occ_residues.id 
_pdbx_unobs_or_zero_occ_residues.PDB_model_num 
_pdbx_unobs_or_zero_occ_residues.polymer_flag 
_pdbx_unobs_or_zero_occ_residues.occupancy_flag 
_pdbx_unobs_or_zero_occ_residues.auth_asym_id 
_pdbx_unobs_or_zero_occ_residues.auth_comp_id 
_pdbx_unobs_or_zero_occ_residues.auth_seq_id 
_pdbx_unobs_or_zero_occ_residues.PDB_ins_code 
_pdbx_unobs_or_zero_occ_residues.label_asym_id 
_pdbx_unobs_or_zero_occ_residues.label_comp_id 
_pdbx_unobs_or_zero_occ_residues.label_seq_id 
1  1 Y 1 A GLN 119 ? A GLN 119 
2  1 Y 1 A ALA 120 ? A ALA 120 
3  1 Y 1 A GLY 121 ? A GLY 121 
4  1 Y 1 A GLN 122 ? A GLN 122 
5  1 Y 1 A HIS 123 ? A HIS 123 
6  1 Y 1 A HIS 124 ? A HIS 124 
7  1 Y 1 A HIS 125 ? A HIS 125 
8  1 Y 1 A HIS 126 ? A HIS 126 
9  1 Y 1 A HIS 127 ? A HIS 127 
10 1 Y 1 A HIS 128 ? A HIS 128 
11 1 Y 1 A GLY 129 ? A GLY 129 
12 1 Y 1 A ALA 130 ? A ALA 130 
13 1 Y 1 A TYR 131 ? A TYR 131 
14 1 Y 1 A PRO 132 ? A PRO 132 
15 1 Y 1 A TYR 133 ? A TYR 133 
16 1 Y 1 A ASP 134 ? A ASP 134 
17 1 Y 1 A VAL 135 ? A VAL 135 
18 1 Y 1 A PRO 136 ? A PRO 136 
19 1 Y 1 A ASP 137 ? A ASP 137 
20 1 Y 1 A TYR 138 ? A TYR 138 
21 1 Y 1 A ALA 139 ? A ALA 139 
22 1 Y 1 A SER 140 ? A SER 140 
# 
loop_
_chem_comp_atom.comp_id 
_chem_comp_atom.atom_id 
_chem_comp_atom.type_symbol 
_chem_comp_atom.pdbx_aromatic_flag 
_chem_comp_atom.pdbx_stereo_config 
_chem_comp_atom.pdbx_ordinal 
ALA N    N  N N 1   
ALA CA   C  N S 2   
ALA C    C  N N 3   
ALA O    O  N N 4   
ALA CB   C  N N 5   
ALA OXT  O  N N 6   
ALA H    H  N N 7   
ALA H2   H  N N 8   
ALA HA   H  N N 9   
ALA HB1  H  N N 10  
ALA HB2  H  N N 11  
ALA HB3  H  N N 12  
ALA HXT  H  N N 13  
ARG N    N  N N 14  
ARG CA   C  N S 15  
ARG C    C  N N 16  
ARG O    O  N N 17  
ARG CB   C  N N 18  
ARG CG   C  N N 19  
ARG CD   C  N N 20  
ARG NE   N  N N 21  
ARG CZ   C  N N 22  
ARG NH1  N  N N 23  
ARG NH2  N  N N 24  
ARG OXT  O  N N 25  
ARG H    H  N N 26  
ARG H2   H  N N 27  
ARG HA   H  N N 28  
ARG HB2  H  N N 29  
ARG HB3  H  N N 30  
ARG HG2  H  N N 31  
ARG HG3  H  N N 32  
ARG HD2  H  N N 33  
ARG HD3  H  N N 34  
ARG HE   H  N N 35  
ARG HH11 H  N N 36  
ARG HH12 H  N N 37  
ARG HH21 H  N N 38  
ARG HH22 H  N N 39  
ARG HXT  H  N N 40  
ASN N    N  N N 41  
ASN CA   C  N S 42  
ASN C    C  N N 43  
ASN O    O  N N 44  
ASN CB   C  N N 45  
ASN CG   C  N N 46  
ASN OD1  O  N N 47  
ASN ND2  N  N N 48  
ASN OXT  O  N N 49  
ASN H    H  N N 50  
ASN H2   H  N N 51  
ASN HA   H  N N 52  
ASN HB2  H  N N 53  
ASN HB3  H  N N 54  
ASN HD21 H  N N 55  
ASN HD22 H  N N 56  
ASN HXT  H  N N 57  
ASP N    N  N N 58  
ASP CA   C  N S 59  
ASP C    C  N N 60  
ASP O    O  N N 61  
ASP CB   C  N N 62  
ASP CG   C  N N 63  
ASP OD1  O  N N 64  
ASP OD2  O  N N 65  
ASP OXT  O  N N 66  
ASP H    H  N N 67  
ASP H2   H  N N 68  
ASP HA   H  N N 69  
ASP HB2  H  N N 70  
ASP HB3  H  N N 71  
ASP HD2  H  N N 72  
ASP HXT  H  N N 73  
CYS N    N  N N 74  
CYS CA   C  N R 75  
CYS C    C  N N 76  
CYS O    O  N N 77  
CYS CB   C  N N 78  
CYS SG   S  N N 79  
CYS OXT  O  N N 80  
CYS H    H  N N 81  
CYS H2   H  N N 82  
CYS HA   H  N N 83  
CYS HB2  H  N N 84  
CYS HB3  H  N N 85  
CYS HG   H  N N 86  
CYS HXT  H  N N 87  
EDO C1   C  N N 88  
EDO O1   O  N N 89  
EDO C2   C  N N 90  
EDO O2   O  N N 91  
EDO H11  H  N N 92  
EDO H12  H  N N 93  
EDO HO1  H  N N 94  
EDO H21  H  N N 95  
EDO H22  H  N N 96  
EDO HO2  H  N N 97  
GLN N    N  N N 98  
GLN CA   C  N S 99  
GLN C    C  N N 100 
GLN O    O  N N 101 
GLN CB   C  N N 102 
GLN CG   C  N N 103 
GLN CD   C  N N 104 
GLN OE1  O  N N 105 
GLN NE2  N  N N 106 
GLN OXT  O  N N 107 
GLN H    H  N N 108 
GLN H2   H  N N 109 
GLN HA   H  N N 110 
GLN HB2  H  N N 111 
GLN HB3  H  N N 112 
GLN HG2  H  N N 113 
GLN HG3  H  N N 114 
GLN HE21 H  N N 115 
GLN HE22 H  N N 116 
GLN HXT  H  N N 117 
GLU N    N  N N 118 
GLU CA   C  N S 119 
GLU C    C  N N 120 
GLU O    O  N N 121 
GLU CB   C  N N 122 
GLU CG   C  N N 123 
GLU CD   C  N N 124 
GLU OE1  O  N N 125 
GLU OE2  O  N N 126 
GLU OXT  O  N N 127 
GLU H    H  N N 128 
GLU H2   H  N N 129 
GLU HA   H  N N 130 
GLU HB2  H  N N 131 
GLU HB3  H  N N 132 
GLU HG2  H  N N 133 
GLU HG3  H  N N 134 
GLU HE2  H  N N 135 
GLU HXT  H  N N 136 
GLY N    N  N N 137 
GLY CA   C  N N 138 
GLY C    C  N N 139 
GLY O    O  N N 140 
GLY OXT  O  N N 141 
GLY H    H  N N 142 
GLY H2   H  N N 143 
GLY HA2  H  N N 144 
GLY HA3  H  N N 145 
GLY HXT  H  N N 146 
HIS N    N  N N 147 
HIS CA   C  N S 148 
HIS C    C  N N 149 
HIS O    O  N N 150 
HIS CB   C  N N 151 
HIS CG   C  Y N 152 
HIS ND1  N  Y N 153 
HIS CD2  C  Y N 154 
HIS CE1  C  Y N 155 
HIS NE2  N  Y N 156 
HIS OXT  O  N N 157 
HIS H    H  N N 158 
HIS H2   H  N N 159 
HIS HA   H  N N 160 
HIS HB2  H  N N 161 
HIS HB3  H  N N 162 
HIS HD1  H  N N 163 
HIS HD2  H  N N 164 
HIS HE1  H  N N 165 
HIS HE2  H  N N 166 
HIS HXT  H  N N 167 
HOH O    O  N N 168 
HOH H1   H  N N 169 
HOH H2   H  N N 170 
ILE N    N  N N 171 
ILE CA   C  N S 172 
ILE C    C  N N 173 
ILE O    O  N N 174 
ILE CB   C  N S 175 
ILE CG1  C  N N 176 
ILE CG2  C  N N 177 
ILE CD1  C  N N 178 
ILE OXT  O  N N 179 
ILE H    H  N N 180 
ILE H2   H  N N 181 
ILE HA   H  N N 182 
ILE HB   H  N N 183 
ILE HG12 H  N N 184 
ILE HG13 H  N N 185 
ILE HG21 H  N N 186 
ILE HG22 H  N N 187 
ILE HG23 H  N N 188 
ILE HD11 H  N N 189 
ILE HD12 H  N N 190 
ILE HD13 H  N N 191 
ILE HXT  H  N N 192 
LEU N    N  N N 193 
LEU CA   C  N S 194 
LEU C    C  N N 195 
LEU O    O  N N 196 
LEU CB   C  N N 197 
LEU CG   C  N N 198 
LEU CD1  C  N N 199 
LEU CD2  C  N N 200 
LEU OXT  O  N N 201 
LEU H    H  N N 202 
LEU H2   H  N N 203 
LEU HA   H  N N 204 
LEU HB2  H  N N 205 
LEU HB3  H  N N 206 
LEU HG   H  N N 207 
LEU HD11 H  N N 208 
LEU HD12 H  N N 209 
LEU HD13 H  N N 210 
LEU HD21 H  N N 211 
LEU HD22 H  N N 212 
LEU HD23 H  N N 213 
LEU HXT  H  N N 214 
LYS N    N  N N 215 
LYS CA   C  N S 216 
LYS C    C  N N 217 
LYS O    O  N N 218 
LYS CB   C  N N 219 
LYS CG   C  N N 220 
LYS CD   C  N N 221 
LYS CE   C  N N 222 
LYS NZ   N  N N 223 
LYS OXT  O  N N 224 
LYS H    H  N N 225 
LYS H2   H  N N 226 
LYS HA   H  N N 227 
LYS HB2  H  N N 228 
LYS HB3  H  N N 229 
LYS HG2  H  N N 230 
LYS HG3  H  N N 231 
LYS HD2  H  N N 232 
LYS HD3  H  N N 233 
LYS HE2  H  N N 234 
LYS HE3  H  N N 235 
LYS HZ1  H  N N 236 
LYS HZ2  H  N N 237 
LYS HZ3  H  N N 238 
LYS HXT  H  N N 239 
MET N    N  N N 240 
MET CA   C  N S 241 
MET C    C  N N 242 
MET O    O  N N 243 
MET CB   C  N N 244 
MET CG   C  N N 245 
MET SD   S  N N 246 
MET CE   C  N N 247 
MET OXT  O  N N 248 
MET H    H  N N 249 
MET H2   H  N N 250 
MET HA   H  N N 251 
MET HB2  H  N N 252 
MET HB3  H  N N 253 
MET HG2  H  N N 254 
MET HG3  H  N N 255 
MET HE1  H  N N 256 
MET HE2  H  N N 257 
MET HE3  H  N N 258 
MET HXT  H  N N 259 
NA  NA   NA N N 260 
PHE N    N  N N 261 
PHE CA   C  N S 262 
PHE C    C  N N 263 
PHE O    O  N N 264 
PHE CB   C  N N 265 
PHE CG   C  Y N 266 
PHE CD1  C  Y N 267 
PHE CD2  C  Y N 268 
PHE CE1  C  Y N 269 
PHE CE2  C  Y N 270 
PHE CZ   C  Y N 271 
PHE OXT  O  N N 272 
PHE H    H  N N 273 
PHE H2   H  N N 274 
PHE HA   H  N N 275 
PHE HB2  H  N N 276 
PHE HB3  H  N N 277 
PHE HD1  H  N N 278 
PHE HD2  H  N N 279 
PHE HE1  H  N N 280 
PHE HE2  H  N N 281 
PHE HZ   H  N N 282 
PHE HXT  H  N N 283 
PRO N    N  N N 284 
PRO CA   C  N S 285 
PRO C    C  N N 286 
PRO O    O  N N 287 
PRO CB   C  N N 288 
PRO CG   C  N N 289 
PRO CD   C  N N 290 
PRO OXT  O  N N 291 
PRO H    H  N N 292 
PRO HA   H  N N 293 
PRO HB2  H  N N 294 
PRO HB3  H  N N 295 
PRO HG2  H  N N 296 
PRO HG3  H  N N 297 
PRO HD2  H  N N 298 
PRO HD3  H  N N 299 
PRO HXT  H  N N 300 
SER N    N  N N 301 
SER CA   C  N S 302 
SER C    C  N N 303 
SER O    O  N N 304 
SER CB   C  N N 305 
SER OG   O  N N 306 
SER OXT  O  N N 307 
SER H    H  N N 308 
SER H2   H  N N 309 
SER HA   H  N N 310 
SER HB2  H  N N 311 
SER HB3  H  N N 312 
SER HG   H  N N 313 
SER HXT  H  N N 314 
THR N    N  N N 315 
THR CA   C  N S 316 
THR C    C  N N 317 
THR O    O  N N 318 
THR CB   C  N R 319 
THR OG1  O  N N 320 
THR CG2  C  N N 321 
THR OXT  O  N N 322 
THR H    H  N N 323 
THR H2   H  N N 324 
THR HA   H  N N 325 
THR HB   H  N N 326 
THR HG1  H  N N 327 
THR HG21 H  N N 328 
THR HG22 H  N N 329 
THR HG23 H  N N 330 
THR HXT  H  N N 331 
TRP N    N  N N 332 
TRP CA   C  N S 333 
TRP C    C  N N 334 
TRP O    O  N N 335 
TRP CB   C  N N 336 
TRP CG   C  Y N 337 
TRP CD1  C  Y N 338 
TRP CD2  C  Y N 339 
TRP NE1  N  Y N 340 
TRP CE2  C  Y N 341 
TRP CE3  C  Y N 342 
TRP CZ2  C  Y N 343 
TRP CZ3  C  Y N 344 
TRP CH2  C  Y N 345 
TRP OXT  O  N N 346 
TRP H    H  N N 347 
TRP H2   H  N N 348 
TRP HA   H  N N 349 
TRP HB2  H  N N 350 
TRP HB3  H  N N 351 
TRP HD1  H  N N 352 
TRP HE1  H  N N 353 
TRP HE3  H  N N 354 
TRP HZ2  H  N N 355 
TRP HZ3  H  N N 356 
TRP HH2  H  N N 357 
TRP HXT  H  N N 358 
TYR N    N  N N 359 
TYR CA   C  N S 360 
TYR C    C  N N 361 
TYR O    O  N N 362 
TYR CB   C  N N 363 
TYR CG   C  Y N 364 
TYR CD1  C  Y N 365 
TYR CD2  C  Y N 366 
TYR CE1  C  Y N 367 
TYR CE2  C  Y N 368 
TYR CZ   C  Y N 369 
TYR OH   O  N N 370 
TYR OXT  O  N N 371 
TYR H    H  N N 372 
TYR H2   H  N N 373 
TYR HA   H  N N 374 
TYR HB2  H  N N 375 
TYR HB3  H  N N 376 
TYR HD1  H  N N 377 
TYR HD2  H  N N 378 
TYR HE1  H  N N 379 
TYR HE2  H  N N 380 
TYR HH   H  N N 381 
TYR HXT  H  N N 382 
VAL N    N  N N 383 
VAL CA   C  N S 384 
VAL C    C  N N 385 
VAL O    O  N N 386 
VAL CB   C  N N 387 
VAL CG1  C  N N 388 
VAL CG2  C  N N 389 
VAL OXT  O  N N 390 
VAL H    H  N N 391 
VAL H2   H  N N 392 
VAL HA   H  N N 393 
VAL HB   H  N N 394 
VAL HG11 H  N N 395 
VAL HG12 H  N N 396 
VAL HG13 H  N N 397 
VAL HG21 H  N N 398 
VAL HG22 H  N N 399 
VAL HG23 H  N N 400 
VAL HXT  H  N N 401 
WYW N1   N  Y N 402 
WYW N3   N  Y N 403 
WYW C4   C  N N 404 
WYW C5   C  Y N 405 
WYW C6   C  Y N 406 
WYW C7   C  Y N 407 
WYW C8   C  Y N 408 
WYW C10  C  Y N 409 
WYW C1   C  N N 410 
WYW C11  C  Y N 411 
WYW C12  C  Y N 412 
WYW C2   C  N N 413 
WYW C3   C  N N 414 
WYW C9   C  Y N 415 
WYW N2   N  Y N 416 
WYW O1   O  N N 417 
WYW O2   O  N N 418 
WYW O3   O  N N 419 
WYW P1   P  N N 420 
WYW S1   S  N N 421 
WYW H1   H  N N 422 
WYW H2   H  N N 423 
WYW H3   H  N N 424 
WYW H4   H  N N 425 
WYW H5   H  N N 426 
WYW H6   H  N N 427 
WYW H7   H  N N 428 
WYW H8   H  N N 429 
WYW H9   H  N N 430 
WYW H10  H  N N 431 
WYW H11  H  N N 432 
WYW H12  H  N N 433 
WYW H13  H  N N 434 
WYW H14  H  N N 435 
WYW H15  H  N N 436 
WYW H16  H  N N 437 
# 
loop_
_chem_comp_bond.comp_id 
_chem_comp_bond.atom_id_1 
_chem_comp_bond.atom_id_2 
_chem_comp_bond.value_order 
_chem_comp_bond.pdbx_aromatic_flag 
_chem_comp_bond.pdbx_stereo_config 
_chem_comp_bond.pdbx_ordinal 
ALA N   CA   sing N N 1   
ALA N   H    sing N N 2   
ALA N   H2   sing N N 3   
ALA CA  C    sing N N 4   
ALA CA  CB   sing N N 5   
ALA CA  HA   sing N N 6   
ALA C   O    doub N N 7   
ALA C   OXT  sing N N 8   
ALA CB  HB1  sing N N 9   
ALA CB  HB2  sing N N 10  
ALA CB  HB3  sing N N 11  
ALA OXT HXT  sing N N 12  
ARG N   CA   sing N N 13  
ARG N   H    sing N N 14  
ARG N   H2   sing N N 15  
ARG CA  C    sing N N 16  
ARG CA  CB   sing N N 17  
ARG CA  HA   sing N N 18  
ARG C   O    doub N N 19  
ARG C   OXT  sing N N 20  
ARG CB  CG   sing N N 21  
ARG CB  HB2  sing N N 22  
ARG CB  HB3  sing N N 23  
ARG CG  CD   sing N N 24  
ARG CG  HG2  sing N N 25  
ARG CG  HG3  sing N N 26  
ARG CD  NE   sing N N 27  
ARG CD  HD2  sing N N 28  
ARG CD  HD3  sing N N 29  
ARG NE  CZ   sing N N 30  
ARG NE  HE   sing N N 31  
ARG CZ  NH1  sing N N 32  
ARG CZ  NH2  doub N N 33  
ARG NH1 HH11 sing N N 34  
ARG NH1 HH12 sing N N 35  
ARG NH2 HH21 sing N N 36  
ARG NH2 HH22 sing N N 37  
ARG OXT HXT  sing N N 38  
ASN N   CA   sing N N 39  
ASN N   H    sing N N 40  
ASN N   H2   sing N N 41  
ASN CA  C    sing N N 42  
ASN CA  CB   sing N N 43  
ASN CA  HA   sing N N 44  
ASN C   O    doub N N 45  
ASN C   OXT  sing N N 46  
ASN CB  CG   sing N N 47  
ASN CB  HB2  sing N N 48  
ASN CB  HB3  sing N N 49  
ASN CG  OD1  doub N N 50  
ASN CG  ND2  sing N N 51  
ASN ND2 HD21 sing N N 52  
ASN ND2 HD22 sing N N 53  
ASN OXT HXT  sing N N 54  
ASP N   CA   sing N N 55  
ASP N   H    sing N N 56  
ASP N   H2   sing N N 57  
ASP CA  C    sing N N 58  
ASP CA  CB   sing N N 59  
ASP CA  HA   sing N N 60  
ASP C   O    doub N N 61  
ASP C   OXT  sing N N 62  
ASP CB  CG   sing N N 63  
ASP CB  HB2  sing N N 64  
ASP CB  HB3  sing N N 65  
ASP CG  OD1  doub N N 66  
ASP CG  OD2  sing N N 67  
ASP OD2 HD2  sing N N 68  
ASP OXT HXT  sing N N 69  
CYS N   CA   sing N N 70  
CYS N   H    sing N N 71  
CYS N   H2   sing N N 72  
CYS CA  C    sing N N 73  
CYS CA  CB   sing N N 74  
CYS CA  HA   sing N N 75  
CYS C   O    doub N N 76  
CYS C   OXT  sing N N 77  
CYS CB  SG   sing N N 78  
CYS CB  HB2  sing N N 79  
CYS CB  HB3  sing N N 80  
CYS SG  HG   sing N N 81  
CYS OXT HXT  sing N N 82  
EDO C1  O1   sing N N 83  
EDO C1  C2   sing N N 84  
EDO C1  H11  sing N N 85  
EDO C1  H12  sing N N 86  
EDO O1  HO1  sing N N 87  
EDO C2  O2   sing N N 88  
EDO C2  H21  sing N N 89  
EDO C2  H22  sing N N 90  
EDO O2  HO2  sing N N 91  
GLN N   CA   sing N N 92  
GLN N   H    sing N N 93  
GLN N   H2   sing N N 94  
GLN CA  C    sing N N 95  
GLN CA  CB   sing N N 96  
GLN CA  HA   sing N N 97  
GLN C   O    doub N N 98  
GLN C   OXT  sing N N 99  
GLN CB  CG   sing N N 100 
GLN CB  HB2  sing N N 101 
GLN CB  HB3  sing N N 102 
GLN CG  CD   sing N N 103 
GLN CG  HG2  sing N N 104 
GLN CG  HG3  sing N N 105 
GLN CD  OE1  doub N N 106 
GLN CD  NE2  sing N N 107 
GLN NE2 HE21 sing N N 108 
GLN NE2 HE22 sing N N 109 
GLN OXT HXT  sing N N 110 
GLU N   CA   sing N N 111 
GLU N   H    sing N N 112 
GLU N   H2   sing N N 113 
GLU CA  C    sing N N 114 
GLU CA  CB   sing N N 115 
GLU CA  HA   sing N N 116 
GLU C   O    doub N N 117 
GLU C   OXT  sing N N 118 
GLU CB  CG   sing N N 119 
GLU CB  HB2  sing N N 120 
GLU CB  HB3  sing N N 121 
GLU CG  CD   sing N N 122 
GLU CG  HG2  sing N N 123 
GLU CG  HG3  sing N N 124 
GLU CD  OE1  doub N N 125 
GLU CD  OE2  sing N N 126 
GLU OE2 HE2  sing N N 127 
GLU OXT HXT  sing N N 128 
GLY N   CA   sing N N 129 
GLY N   H    sing N N 130 
GLY N   H2   sing N N 131 
GLY CA  C    sing N N 132 
GLY CA  HA2  sing N N 133 
GLY CA  HA3  sing N N 134 
GLY C   O    doub N N 135 
GLY C   OXT  sing N N 136 
GLY OXT HXT  sing N N 137 
HIS N   CA   sing N N 138 
HIS N   H    sing N N 139 
HIS N   H2   sing N N 140 
HIS CA  C    sing N N 141 
HIS CA  CB   sing N N 142 
HIS CA  HA   sing N N 143 
HIS C   O    doub N N 144 
HIS C   OXT  sing N N 145 
HIS CB  CG   sing N N 146 
HIS CB  HB2  sing N N 147 
HIS CB  HB3  sing N N 148 
HIS CG  ND1  sing Y N 149 
HIS CG  CD2  doub Y N 150 
HIS ND1 CE1  doub Y N 151 
HIS ND1 HD1  sing N N 152 
HIS CD2 NE2  sing Y N 153 
HIS CD2 HD2  sing N N 154 
HIS CE1 NE2  sing Y N 155 
HIS CE1 HE1  sing N N 156 
HIS NE2 HE2  sing N N 157 
HIS OXT HXT  sing N N 158 
HOH O   H1   sing N N 159 
HOH O   H2   sing N N 160 
ILE N   CA   sing N N 161 
ILE N   H    sing N N 162 
ILE N   H2   sing N N 163 
ILE CA  C    sing N N 164 
ILE CA  CB   sing N N 165 
ILE CA  HA   sing N N 166 
ILE C   O    doub N N 167 
ILE C   OXT  sing N N 168 
ILE CB  CG1  sing N N 169 
ILE CB  CG2  sing N N 170 
ILE CB  HB   sing N N 171 
ILE CG1 CD1  sing N N 172 
ILE CG1 HG12 sing N N 173 
ILE CG1 HG13 sing N N 174 
ILE CG2 HG21 sing N N 175 
ILE CG2 HG22 sing N N 176 
ILE CG2 HG23 sing N N 177 
ILE CD1 HD11 sing N N 178 
ILE CD1 HD12 sing N N 179 
ILE CD1 HD13 sing N N 180 
ILE OXT HXT  sing N N 181 
LEU N   CA   sing N N 182 
LEU N   H    sing N N 183 
LEU N   H2   sing N N 184 
LEU CA  C    sing N N 185 
LEU CA  CB   sing N N 186 
LEU CA  HA   sing N N 187 
LEU C   O    doub N N 188 
LEU C   OXT  sing N N 189 
LEU CB  CG   sing N N 190 
LEU CB  HB2  sing N N 191 
LEU CB  HB3  sing N N 192 
LEU CG  CD1  sing N N 193 
LEU CG  CD2  sing N N 194 
LEU CG  HG   sing N N 195 
LEU CD1 HD11 sing N N 196 
LEU CD1 HD12 sing N N 197 
LEU CD1 HD13 sing N N 198 
LEU CD2 HD21 sing N N 199 
LEU CD2 HD22 sing N N 200 
LEU CD2 HD23 sing N N 201 
LEU OXT HXT  sing N N 202 
LYS N   CA   sing N N 203 
LYS N   H    sing N N 204 
LYS N   H2   sing N N 205 
LYS CA  C    sing N N 206 
LYS CA  CB   sing N N 207 
LYS CA  HA   sing N N 208 
LYS C   O    doub N N 209 
LYS C   OXT  sing N N 210 
LYS CB  CG   sing N N 211 
LYS CB  HB2  sing N N 212 
LYS CB  HB3  sing N N 213 
LYS CG  CD   sing N N 214 
LYS CG  HG2  sing N N 215 
LYS CG  HG3  sing N N 216 
LYS CD  CE   sing N N 217 
LYS CD  HD2  sing N N 218 
LYS CD  HD3  sing N N 219 
LYS CE  NZ   sing N N 220 
LYS CE  HE2  sing N N 221 
LYS CE  HE3  sing N N 222 
LYS NZ  HZ1  sing N N 223 
LYS NZ  HZ2  sing N N 224 
LYS NZ  HZ3  sing N N 225 
LYS OXT HXT  sing N N 226 
MET N   CA   sing N N 227 
MET N   H    sing N N 228 
MET N   H2   sing N N 229 
MET CA  C    sing N N 230 
MET CA  CB   sing N N 231 
MET CA  HA   sing N N 232 
MET C   O    doub N N 233 
MET C   OXT  sing N N 234 
MET CB  CG   sing N N 235 
MET CB  HB2  sing N N 236 
MET CB  HB3  sing N N 237 
MET CG  SD   sing N N 238 
MET CG  HG2  sing N N 239 
MET CG  HG3  sing N N 240 
MET SD  CE   sing N N 241 
MET CE  HE1  sing N N 242 
MET CE  HE2  sing N N 243 
MET CE  HE3  sing N N 244 
MET OXT HXT  sing N N 245 
PHE N   CA   sing N N 246 
PHE N   H    sing N N 247 
PHE N   H2   sing N N 248 
PHE CA  C    sing N N 249 
PHE CA  CB   sing N N 250 
PHE CA  HA   sing N N 251 
PHE C   O    doub N N 252 
PHE C   OXT  sing N N 253 
PHE CB  CG   sing N N 254 
PHE CB  HB2  sing N N 255 
PHE CB  HB3  sing N N 256 
PHE CG  CD1  doub Y N 257 
PHE CG  CD2  sing Y N 258 
PHE CD1 CE1  sing Y N 259 
PHE CD1 HD1  sing N N 260 
PHE CD2 CE2  doub Y N 261 
PHE CD2 HD2  sing N N 262 
PHE CE1 CZ   doub Y N 263 
PHE CE1 HE1  sing N N 264 
PHE CE2 CZ   sing Y N 265 
PHE CE2 HE2  sing N N 266 
PHE CZ  HZ   sing N N 267 
PHE OXT HXT  sing N N 268 
PRO N   CA   sing N N 269 
PRO N   CD   sing N N 270 
PRO N   H    sing N N 271 
PRO CA  C    sing N N 272 
PRO CA  CB   sing N N 273 
PRO CA  HA   sing N N 274 
PRO C   O    doub N N 275 
PRO C   OXT  sing N N 276 
PRO CB  CG   sing N N 277 
PRO CB  HB2  sing N N 278 
PRO CB  HB3  sing N N 279 
PRO CG  CD   sing N N 280 
PRO CG  HG2  sing N N 281 
PRO CG  HG3  sing N N 282 
PRO CD  HD2  sing N N 283 
PRO CD  HD3  sing N N 284 
PRO OXT HXT  sing N N 285 
SER N   CA   sing N N 286 
SER N   H    sing N N 287 
SER N   H2   sing N N 288 
SER CA  C    sing N N 289 
SER CA  CB   sing N N 290 
SER CA  HA   sing N N 291 
SER C   O    doub N N 292 
SER C   OXT  sing N N 293 
SER CB  OG   sing N N 294 
SER CB  HB2  sing N N 295 
SER CB  HB3  sing N N 296 
SER OG  HG   sing N N 297 
SER OXT HXT  sing N N 298 
THR N   CA   sing N N 299 
THR N   H    sing N N 300 
THR N   H2   sing N N 301 
THR CA  C    sing N N 302 
THR CA  CB   sing N N 303 
THR CA  HA   sing N N 304 
THR C   O    doub N N 305 
THR C   OXT  sing N N 306 
THR CB  OG1  sing N N 307 
THR CB  CG2  sing N N 308 
THR CB  HB   sing N N 309 
THR OG1 HG1  sing N N 310 
THR CG2 HG21 sing N N 311 
THR CG2 HG22 sing N N 312 
THR CG2 HG23 sing N N 313 
THR OXT HXT  sing N N 314 
TRP N   CA   sing N N 315 
TRP N   H    sing N N 316 
TRP N   H2   sing N N 317 
TRP CA  C    sing N N 318 
TRP CA  CB   sing N N 319 
TRP CA  HA   sing N N 320 
TRP C   O    doub N N 321 
TRP C   OXT  sing N N 322 
TRP CB  CG   sing N N 323 
TRP CB  HB2  sing N N 324 
TRP CB  HB3  sing N N 325 
TRP CG  CD1  doub Y N 326 
TRP CG  CD2  sing Y N 327 
TRP CD1 NE1  sing Y N 328 
TRP CD1 HD1  sing N N 329 
TRP CD2 CE2  doub Y N 330 
TRP CD2 CE3  sing Y N 331 
TRP NE1 CE2  sing Y N 332 
TRP NE1 HE1  sing N N 333 
TRP CE2 CZ2  sing Y N 334 
TRP CE3 CZ3  doub Y N 335 
TRP CE3 HE3  sing N N 336 
TRP CZ2 CH2  doub Y N 337 
TRP CZ2 HZ2  sing N N 338 
TRP CZ3 CH2  sing Y N 339 
TRP CZ3 HZ3  sing N N 340 
TRP CH2 HH2  sing N N 341 
TRP OXT HXT  sing N N 342 
TYR N   CA   sing N N 343 
TYR N   H    sing N N 344 
TYR N   H2   sing N N 345 
TYR CA  C    sing N N 346 
TYR CA  CB   sing N N 347 
TYR CA  HA   sing N N 348 
TYR C   O    doub N N 349 
TYR C   OXT  sing N N 350 
TYR CB  CG   sing N N 351 
TYR CB  HB2  sing N N 352 
TYR CB  HB3  sing N N 353 
TYR CG  CD1  doub Y N 354 
TYR CG  CD2  sing Y N 355 
TYR CD1 CE1  sing Y N 356 
TYR CD1 HD1  sing N N 357 
TYR CD2 CE2  doub Y N 358 
TYR CD2 HD2  sing N N 359 
TYR CE1 CZ   doub Y N 360 
TYR CE1 HE1  sing N N 361 
TYR CE2 CZ   sing Y N 362 
TYR CE2 HE2  sing N N 363 
TYR CZ  OH   sing N N 364 
TYR OH  HH   sing N N 365 
TYR OXT HXT  sing N N 366 
VAL N   CA   sing N N 367 
VAL N   H    sing N N 368 
VAL N   H2   sing N N 369 
VAL CA  C    sing N N 370 
VAL CA  CB   sing N N 371 
VAL CA  HA   sing N N 372 
VAL C   O    doub N N 373 
VAL C   OXT  sing N N 374 
VAL CB  CG1  sing N N 375 
VAL CB  CG2  sing N N 376 
VAL CB  HB   sing N N 377 
VAL CG1 HG11 sing N N 378 
VAL CG1 HG12 sing N N 379 
VAL CG1 HG13 sing N N 380 
VAL CG2 HG21 sing N N 381 
VAL CG2 HG22 sing N N 382 
VAL CG2 HG23 sing N N 383 
VAL OXT HXT  sing N N 384 
WYW C6  N3   doub Y N 385 
WYW C6  N2   sing Y N 386 
WYW C8  C9   doub Y N 387 
WYW C8  C7   sing Y N 388 
WYW C9  C10  sing Y N 389 
WYW N3  C5   sing Y N 390 
WYW N2  C7   sing N N 391 
WYW N2  N1   sing Y N 392 
WYW C7  C12  doub Y N 393 
WYW S1  P1   doub N N 394 
WYW C10 C11  doub Y N 395 
WYW C5  N1   doub Y N 396 
WYW C5  O3   sing N N 397 
WYW O3  P1   sing N N 398 
WYW C12 C11  sing Y N 399 
WYW C3  O2   sing N N 400 
WYW C3  C4   sing N N 401 
WYW P1  O2   sing N N 402 
WYW P1  O1   sing N N 403 
WYW O1  C2   sing N N 404 
WYW C2  C1   sing N N 405 
WYW C4  H1   sing N N 406 
WYW C4  H2   sing N N 407 
WYW C4  H3   sing N N 408 
WYW C6  H4   sing N N 409 
WYW C8  H5   sing N N 410 
WYW C10 H6   sing N N 411 
WYW C1  H7   sing N N 412 
WYW C1  H8   sing N N 413 
WYW C1  H9   sing N N 414 
WYW C11 H10  sing N N 415 
WYW C12 H11  sing N N 416 
WYW C2  H12  sing N N 417 
WYW C2  H13  sing N N 418 
WYW C3  H14  sing N N 419 
WYW C3  H15  sing N N 420 
WYW C9  H16  sing N N 421 
# 
_pdbx_audit_support.funding_organization   'Ministry of Science and Technology (MoST, China)' 
_pdbx_audit_support.country                China 
_pdbx_audit_support.grant_number           2019YFE0116600 
_pdbx_audit_support.ordinal                1 
# 
_space_group.name_H-M_alt     'P 31 2 1' 
_space_group.name_Hall        
;P 31 2"
;
_space_group.IT_number        152 
_space_group.crystal_system   trigonal 
_space_group.id               1 
# 
_atom_sites.entry_id                    8H7N 
_atom_sites.Cartn_transf_matrix[1][1]   ? 
_atom_sites.Cartn_transf_matrix[1][2]   ? 
_atom_sites.Cartn_transf_matrix[1][3]   ? 
_atom_sites.Cartn_transf_matrix[2][1]   ? 
_atom_sites.Cartn_transf_matrix[2][2]   ? 
_atom_sites.Cartn_transf_matrix[2][3]   ? 
_atom_sites.Cartn_transf_matrix[3][1]   ? 
_atom_sites.Cartn_transf_matrix[3][2]   ? 
_atom_sites.Cartn_transf_matrix[3][3]   ? 
_atom_sites.Cartn_transf_vector[1]      ? 
_atom_sites.Cartn_transf_vector[2]      ? 
_atom_sites.Cartn_transf_vector[3]      ? 
_atom_sites.fract_transf_matrix[1][1]   0.00493279 
_atom_sites.fract_transf_matrix[1][2]   0.01180205 
_atom_sites.fract_transf_matrix[1][3]   -0.00485950 
_atom_sites.fract_transf_matrix[2][1]   -0.00751091 
_atom_sites.fract_transf_matrix[2][2]   0.01140915 
_atom_sites.fract_transf_matrix[2][3]   0.00081813 
_atom_sites.fract_transf_matrix[3][1]   0.01216975 
_atom_sites.fract_transf_matrix[3][2]   0.00606888 
_atom_sites.fract_transf_matrix[3][3]   0.02709252 
_atom_sites.fract_transf_vector[1]      0.291755 
_atom_sites.fract_transf_vector[2]      -0.177324 
_atom_sites.fract_transf_vector[3]      -0.051203 
_atom_sites.solution_primary            ? 
_atom_sites.solution_secondary          ? 
_atom_sites.solution_hydrogens          ? 
_atom_sites.special_details             ? 
# 
loop_
_atom_type.symbol 
_atom_type.scat_dispersion_real 
_atom_type.scat_dispersion_imag 
_atom_type.scat_Cromer_Mann_a1 
_atom_type.scat_Cromer_Mann_a2 
_atom_type.scat_Cromer_Mann_a3 
_atom_type.scat_Cromer_Mann_a4 
_atom_type.scat_Cromer_Mann_b1 
_atom_type.scat_Cromer_Mann_b2 
_atom_type.scat_Cromer_Mann_b3 
_atom_type.scat_Cromer_Mann_b4 
_atom_type.scat_Cromer_Mann_c 
_atom_type.scat_source 
_atom_type.scat_dispersion_source 
C  ? ? 3.54356 2.42580 ? ? 25.62398 1.50364  ? ? 0.0 
;2-Gaussian fit: Grosse-Kunstleve RW, Sauter NK, Adams PD: Newsletter of the IUCr Commission on Crystallographic Computing 2004, 3, 22-31.
;
? 
N  ? ? 4.01032 2.96436 ? ? 19.97189 1.75589  ? ? 0.0 
;2-Gaussian fit: Grosse-Kunstleve RW, Sauter NK, Adams PD: Newsletter of the IUCr Commission on Crystallographic Computing 2004, 3, 22-31.
;
? 
NA ? ? 9.38062 1.54875 ? ? 3.38349  72.32734 ? ? 0.0 
;2-Gaussian fit: Grosse-Kunstleve RW, Sauter NK, Adams PD: Newsletter of the IUCr Commission on Crystallographic Computing 2004, 3, 22-31.
;
? 
O  ? ? 4.49882 3.47563 ? ? 15.80542 1.70748  ? ? 0.0 
;2-Gaussian fit: Grosse-Kunstleve RW, Sauter NK, Adams PD: Newsletter of the IUCr Commission on Crystallographic Computing 2004, 3, 22-31.
;
? 
P  ? ? 9.51135 5.44231 ? ? 1.42069  35.72801 ? ? 0.0 
;2-Gaussian fit: Grosse-Kunstleve RW, Sauter NK, Adams PD: Newsletter of the IUCr Commission on Crystallographic Computing 2004, 3, 22-31.
;
? 
S  ? ? 9.55732 6.39887 ? ? 1.23737  29.19336 ? ? 0.0 
;2-Gaussian fit: Grosse-Kunstleve RW, Sauter NK, Adams PD: Newsletter of the IUCr Commission on Crystallographic Computing 2004, 3, 22-31.
;
? 
# 
loop_
_atom_site.group_PDB 
_atom_site.id 
_atom_site.type_symbol 
_atom_site.label_atom_id 
_atom_site.label_alt_id 
_atom_site.label_comp_id 
_atom_site.label_asym_id 
_atom_site.label_entity_id 
_atom_site.label_seq_id 
_atom_site.pdbx_PDB_ins_code 
_atom_site.Cartn_x 
_atom_site.Cartn_y 
_atom_site.Cartn_z 
_atom_site.occupancy 
_atom_site.B_iso_or_equiv 
_atom_site.pdbx_formal_charge 
_atom_site.auth_seq_id 
_atom_site.auth_comp_id 
_atom_site.auth_asym_id 
_atom_site.auth_atom_id 
_atom_site.pdbx_PDB_model_num 
ATOM   1   N  N   . GLU A 1 1   ? -5.78503  -19.21028 4.04661   1.000 51.85524 ? 1   GLU A N   1 
ATOM   2   C  CA  . GLU A 1 1   ? -4.57459  -18.55912 3.55981   1.000 46.94979 ? 1   GLU A CA  1 
ATOM   3   C  C   . GLU A 1 1   ? -4.90824  -17.44321 2.57125   1.000 46.15785 ? 1   GLU A C   1 
ATOM   4   O  O   . GLU A 1 1   ? -5.83153  -17.56182 1.76363   1.000 42.98006 ? 1   GLU A O   1 
ATOM   5   C  CB  . GLU A 1 1   ? -3.64151  -19.57965 2.90423   1.000 49.04301 ? 1   GLU A CB  1 
ATOM   6   C  CG  . GLU A 1 1   ? -2.26987  -19.03226 2.54583   1.000 43.86031 ? 1   GLU A CG  1 
ATOM   7   C  CD  . GLU A 1 1   ? -1.44147  -18.68286 3.76879   1.000 54.72085 ? 1   GLU A CD  1 
ATOM   8   O  OE1 . GLU A 1 1   ? -1.36034  -19.51754 4.69357   1.000 57.20139 ? 1   GLU A OE1 1 
ATOM   9   O  OE2 . GLU A 1 1   ? -0.87336  -17.57030 3.80897   1.000 58.56888 ? 1   GLU A OE2 1 
ATOM   10  N  N   . VAL A 1 2   ? -4.14745  -16.35540 2.64502   1.000 43.62690 ? 2   VAL A N   1 
ATOM   11  C  CA  . VAL A 1 2   ? -4.31164  -15.20651 1.76396   1.000 41.37651 ? 2   VAL A CA  1 
ATOM   12  C  C   . VAL A 1 2   ? -2.93621  -14.80040 1.25711   1.000 43.88590 ? 2   VAL A C   1 
ATOM   13  O  O   . VAL A 1 2   ? -1.99538  -14.66517 2.04715   1.000 43.12851 ? 2   VAL A O   1 
ATOM   14  C  CB  . VAL A 1 2   ? -4.99982  -14.02990 2.48341   1.000 39.58565 ? 2   VAL A CB  1 
ATOM   15  C  CG1 . VAL A 1 2   ? -4.87130  -12.74859 1.66702   1.000 36.17761 ? 2   VAL A CG1 1 
ATOM   16  C  CG2 . VAL A 1 2   ? -6.46292  -14.35210 2.74204   1.000 38.32007 ? 2   VAL A CG2 1 
ATOM   17  N  N   . GLN A 1 3   ? -2.81421  -14.62840 -0.05565  1.000 41.21861 ? 3   GLN A N   1 
ATOM   18  C  CA  . GLN A 1 3   ? -1.58299  -14.16563 -0.67525  1.000 41.93381 ? 3   GLN A CA  1 
ATOM   19  C  C   . GLN A 1 3   ? -1.78920  -12.76494 -1.23755  1.000 38.41286 ? 3   GLN A C   1 
ATOM   20  O  O   . GLN A 1 3   ? -2.88124  -12.41640 -1.69580  1.000 39.96000 ? 3   GLN A O   1 
ATOM   21  C  CB  . GLN A 1 3   ? -1.12265  -15.11276 -1.79092  1.000 40.64911 ? 3   GLN A CB  1 
ATOM   22  C  CG  . GLN A 1 3   ? -0.81868  -16.53814 -1.33848  1.000 46.01434 ? 3   GLN A CG  1 
ATOM   23  C  CD  . GLN A 1 3   ? -2.05102  -17.42758 -1.30703  1.000 52.65953 ? 3   GLN A CD  1 
ATOM   24  O  OE1 . GLN A 1 3   ? -3.15503  -16.99453 -1.63993  1.000 50.42674 ? 3   GLN A OE1 1 
ATOM   25  N  NE2 . GLN A 1 3   ? -1.86492  -18.68159 -0.90828  1.000 57.40166 ? 3   GLN A NE2 1 
ATOM   26  N  N   . LEU A 1 4   ? -0.72988  -11.96203 -1.19158  1.000 34.83307 ? 4   LEU A N   1 
ATOM   27  C  CA  . LEU A 1 4   ? -0.75149  -10.59200 -1.68563  1.000 30.09314 ? 4   LEU A CA  1 
ATOM   28  C  C   . LEU A 1 4   ? 0.35476   -10.40954 -2.71151  1.000 31.58138 ? 4   LEU A C   1 
ATOM   29  O  O   . LEU A 1 4   ? 1.51358   -10.74221 -2.44360  1.000 33.68568 ? 4   LEU A O   1 
ATOM   30  C  CB  . LEU A 1 4   ? -0.57727  -9.59240  -0.54118  1.000 31.19366 ? 4   LEU A CB  1 
ATOM   31  C  CG  . LEU A 1 4   ? -1.60116  -9.68395  0.58963   1.000 34.40811 ? 4   LEU A CG  1 
ATOM   32  C  CD1 . LEU A 1 4   ? -1.33251  -8.61341  1.63476   1.000 30.20789 ? 4   LEU A CD1 1 
ATOM   33  C  CD2 . LEU A 1 4   ? -3.01510  -9.56048  0.03805   1.000 32.51767 ? 4   LEU A CD2 1 
ATOM   34  N  N   . VAL A 1 5   ? -0.00212  -9.88107  -3.87915  1.000 29.51591 ? 5   VAL A N   1 
ATOM   35  C  CA  . VAL A 1 5   ? 0.95044   -9.59965  -4.94694  1.000 31.39365 ? 5   VAL A CA  1 
ATOM   36  C  C   . VAL A 1 5   ? 0.85877   -8.11609  -5.27570  1.000 32.15615 ? 5   VAL A C   1 
ATOM   37  O  O   . VAL A 1 5   ? -0.22081  -7.61533  -5.61355  1.000 29.79867 ? 5   VAL A O   1 
ATOM   38  C  CB  . VAL A 1 5   ? 0.68429   -10.45524 -6.19457  1.000 30.55483 ? 5   VAL A CB  1 
ATOM   39  C  CG1 . VAL A 1 5   ? 1.64196   -10.07262 -7.30840  1.000 33.91644 ? 5   VAL A CG1 1 
ATOM   40  C  CG2 . VAL A 1 5   ? 0.81150   -11.93611 -5.85906  1.000 33.08840 ? 5   VAL A CG2 1 
ATOM   41  N  N   . GLU A 1 6   ? 1.98432   -7.41911  -5.18156  1.000 29.82015 ? 6   GLU A N   1 
ATOM   42  C  CA  . GLU A 1 6   ? 2.03532   -5.98517  -5.41762  1.000 31.68557 ? 6   GLU A CA  1 
ATOM   43  C  C   . GLU A 1 6   ? 2.58868   -5.67813  -6.80196  1.000 34.14644 ? 6   GLU A C   1 
ATOM   44  O  O   . GLU A 1 6   ? 3.29196   -6.48712  -7.41260  1.000 33.59998 ? 6   GLU A O   1 
ATOM   45  C  CB  . GLU A 1 6   ? 2.89964   -5.29433  -4.36542  1.000 30.74133 ? 6   GLU A CB  1 
ATOM   46  C  CG  . GLU A 1 6   ? 2.66348   -5.77093  -2.95717  1.000 31.29668 ? 6   GLU A CG  1 
ATOM   47  C  CD  . GLU A 1 6   ? 3.55824   -5.06147  -1.97478  1.000 31.45913 ? 6   GLU A CD  1 
ATOM   48  O  OE1 . GLU A 1 6   ? 4.09632   -3.99680  -2.34652  1.000 32.19824 ? 6   GLU A OE1 1 
ATOM   49  O  OE2 . GLU A 1 6   ? 3.72998   -5.56403  -0.84428  1.000 28.68314 ? 6   GLU A OE2 1 
ATOM   50  N  N   . SER A 1 7   ? 2.27244   -4.47803  -7.28276  1.000 31.32412 ? 7   SER A N   1 
ATOM   51  C  CA  . SER A 1 7   ? 2.82507   -3.98198  -8.53555  1.000 33.72161 ? 7   SER A CA  1 
ATOM   52  C  C   . SER A 1 7   ? 2.66661   -2.46995  -8.57602  1.000 31.38220 ? 7   SER A C   1 
ATOM   53  O  O   . SER A 1 7   ? 1.89273   -1.88809  -7.81027  1.000 29.78973 ? 7   SER A O   1 
ATOM   54  C  CB  . SER A 1 7   ? 2.14213   -4.62718  -9.74507  1.000 37.07526 ? 7   SER A CB  1 
ATOM   55  O  OG  . SER A 1 7   ? 0.74509   -4.39039  -9.71785  1.000 39.48055 ? 7   SER A OG  1 
ATOM   56  N  N   . GLY A 1 8   ? 3.41875   -1.83852  -9.47363  1.000 32.78656 ? 8   GLY A N   1 
ATOM   57  C  CA  . GLY A 1 8   ? 3.28100   -0.41536  -9.74063  1.000 32.09013 ? 8   GLY A CA  1 
ATOM   58  C  C   . GLY A 1 8   ? 4.47200   0.45158   -9.36849  1.000 34.76199 ? 8   GLY A C   1 
ATOM   59  O  O   . GLY A 1 8   ? 4.45786   1.65169   -9.68419  1.000 39.30999 ? 8   GLY A O   1 
ATOM   60  N  N   . GLY A 1 9   ? 5.50269   -0.07504  -8.70970  1.000 31.61022 ? 9   GLY A N   1 
ATOM   61  C  CA  . GLY A 1 9   ? 6.63405   0.74452   -8.30411  1.000 30.70682 ? 9   GLY A CA  1 
ATOM   62  C  C   . GLY A 1 9   ? 7.49824   1.21464   -9.45835  1.000 32.94579 ? 9   GLY A C   1 
ATOM   63  O  O   . GLY A 1 9   ? 7.07763   1.16054   -10.61698 1.000 42.11973 ? 9   GLY A O   1 
ATOM   64  N  N   . GLY A 1 10  ? 8.70536   1.68589   -9.16093  1.000 28.85185 ? 10  GLY A N   1 
ATOM   65  C  CA  . GLY A 1 10  ? 9.61080   2.11565   -10.20812 1.000 26.89633 ? 10  GLY A CA  1 
ATOM   66  C  C   . GLY A 1 10  ? 10.21456  3.48280   -9.96912  1.000 26.07419 ? 10  GLY A C   1 
ATOM   67  O  O   . GLY A 1 10  ? 10.30196  3.94086   -8.82598  1.000 28.09271 ? 10  GLY A O   1 
ATOM   68  N  N   . LEU A 1 11  ? 10.63748  4.14277   -11.04371 1.000 24.33233 ? 11  LEU A N   1 
ATOM   69  C  CA  . LEU A 1 11  ? 11.26106  5.45616   -10.97447 1.000 24.11291 ? 11  LEU A CA  1 
ATOM   70  C  C   . LEU A 1 11  ? 10.25153  6.54260   -11.31985 1.000 22.45207 ? 11  LEU A C   1 
ATOM   71  O  O   . LEU A 1 11  ? 9.45489   6.39427   -12.25148 1.000 24.35957 ? 11  LEU A O   1 
ATOM   72  C  CB  . LEU A 1 11  ? 12.45465  5.54325   -11.92836 1.000 23.93474 ? 11  LEU A CB  1 
ATOM   73  C  CG  . LEU A 1 11  ? 13.84846  5.22257   -11.38209 1.000 26.79561 ? 11  LEU A CG  1 
ATOM   74  C  CD1 . LEU A 1 11  ? 14.26237  6.26044   -10.34990 1.000 31.24388 ? 11  LEU A CD1 1 
ATOM   75  C  CD2 . LEU A 1 11  ? 13.91567  3.82112   -10.80315 1.000 24.55400 ? 11  LEU A CD2 1 
ATOM   76  N  N   . VAL A 1 12  ? 10.29862  7.64000   -10.56797 1.000 23.11618 ? 12  VAL A N   1 
ATOM   77  C  CA  . VAL A 1 12  ? 9.43244   8.78658   -10.80778 1.000 24.63226 ? 12  VAL A CA  1 
ATOM   78  C  C   . VAL A 1 12  ? 10.18694  10.03608  -10.37888 1.000 22.30161 ? 12  VAL A C   1 
ATOM   79  O  O   . VAL A 1 12  ? 10.98541  10.00677  -9.43978  1.000 22.84783 ? 12  VAL A O   1 
ATOM   80  C  CB  . VAL A 1 12  ? 8.08041   8.64508   -10.06413 1.000 20.80429 ? 12  VAL A CB  1 
ATOM   81  C  CG1 . VAL A 1 12  ? 8.29546   8.56435   -8.55885  1.000 19.20531 ? 12  VAL A CG1 1 
ATOM   82  C  CG2 . VAL A 1 12  ? 7.14766   9.79399   -10.41669 1.000 24.71945 ? 12  VAL A CG2 1 
ATOM   83  N  N   . GLN A 1 13  ? 9.95108   11.13330  -11.09151 1.000 26.15077 ? 13  GLN A N   1 
ATOM   84  C  CA  . GLN A 1 13  ? 10.60519  12.38894  -10.76805 1.000 23.79831 ? 13  GLN A CA  1 
ATOM   85  C  C   . GLN A 1 13  ? 9.92297   13.05466  -9.57229  1.000 26.79170 ? 13  GLN A C   1 
ATOM   86  O  O   . GLN A 1 13  ? 8.74222   12.80911  -9.30743  1.000 22.89653 ? 13  GLN A O   1 
ATOM   87  C  CB  . GLN A 1 13  ? 10.57541  13.33085  -11.96856 1.000 28.17978 ? 13  GLN A CB  1 
ATOM   88  C  CG  . GLN A 1 13  ? 9.22889   13.99772  -12.22161 1.000 28.80057 ? 13  GLN A CG  1 
ATOM   89  C  CD  . GLN A 1 13  ? 8.17831   13.04017  -12.75747 1.000 28.65435 ? 13  GLN A CD  1 
ATOM   90  O  OE1 . GLN A 1 13  ? 8.47419   11.89357  -13.09819 1.000 31.40441 ? 13  GLN A OE1 1 
ATOM   91  N  NE2 . GLN A 1 13  ? 6.94153   13.51118  -12.83742 1.000 34.50421 ? 13  GLN A NE2 1 
ATOM   92  N  N   . PRO A 1 14  ? 10.65384  13.88031  -8.82268  1.000 26.66887 ? 14  PRO A N   1 
ATOM   93  C  CA  . PRO A 1 14  ? 10.02758  14.63191  -7.73012  1.000 25.47304 ? 14  PRO A CA  1 
ATOM   94  C  C   . PRO A 1 14  ? 8.83755   15.43249  -8.23798  1.000 25.38617 ? 14  PRO A C   1 
ATOM   95  O  O   . PRO A 1 14  ? 8.88048   16.02998  -9.31469  1.000 26.01898 ? 14  PRO A O   1 
ATOM   96  C  CB  . PRO A 1 14  ? 11.15683  15.54048  -7.23535  1.000 27.12211 ? 14  PRO A CB  1 
ATOM   97  C  CG  . PRO A 1 14  ? 12.40870  14.79502  -7.59003  1.000 25.22215 ? 14  PRO A CG  1 
ATOM   98  C  CD  . PRO A 1 14  ? 12.10760  14.11814  -8.89688  1.000 28.87876 ? 14  PRO A CD  1 
ATOM   99  N  N   . GLY A 1 15  ? 7.75952   15.42341  -7.45719  1.000 25.99630 ? 15  GLY A N   1 
ATOM   100 C  CA  . GLY A 1 15  ? 6.50758   16.01493  -7.87072  1.000 24.17100 ? 15  GLY A CA  1 
ATOM   101 C  C   . GLY A 1 15  ? 5.62507   15.11007  -8.70091  1.000 28.67837 ? 15  GLY A C   1 
ATOM   102 O  O   . GLY A 1 15  ? 4.45153   15.44226  -8.91328  1.000 28.13677 ? 15  GLY A O   1 
ATOM   103 N  N   . GLY A 1 16  ? 6.14421   13.97287  -9.16559  1.000 21.63009 ? 16  GLY A N   1 
ATOM   104 C  CA  . GLY A 1 16  ? 5.37152   13.05386  -9.97008  1.000 23.76521 ? 16  GLY A CA  1 
ATOM   105 C  C   . GLY A 1 16  ? 4.48475   12.14804  -9.13689  1.000 24.86098 ? 16  GLY A C   1 
ATOM   106 O  O   . GLY A 1 16  ? 4.44949   12.20068  -7.90672  1.000 23.35963 ? 16  GLY A O   1 
ATOM   107 N  N   . SER A 1 17  ? 3.75211   11.28799  -9.83686  1.000 21.62836 ? 17  SER A N   1 
ATOM   108 C  CA  . SER A 1 17  ? 2.77193   10.42597  -9.20073  1.000 24.39335 ? 17  SER A CA  1 
ATOM   109 C  C   . SER A 1 17  ? 2.97381   8.98064   -9.62844  1.000 26.32463 ? 17  SER A C   1 
ATOM   110 O  O   . SER A 1 17  ? 3.42377   8.69515   -10.74083 1.000 28.34419 ? 17  SER A O   1 
ATOM   111 C  CB  . SER A 1 17  ? 1.33672   10.85784  -9.53235  1.000 25.62293 ? 17  SER A CB  1 
ATOM   112 O  OG  . SER A 1 17  ? 1.01315   10.55975  -10.87805 1.000 30.58190 ? 17  SER A OG  1 
ATOM   113 N  N   . LEU A 1 18  ? 2.63327   8.07242   -8.72210  1.000 23.35805 ? 18  LEU A N   1 
ATOM   114 C  CA  . LEU A 1 18  ? 2.58415   6.65016   -9.01222  1.000 26.51006 ? 18  LEU A CA  1 
ATOM   115 C  C   . LEU A 1 18  ? 1.35097   6.06772   -8.34498  1.000 27.39046 ? 18  LEU A C   1 
ATOM   116 O  O   . LEU A 1 18  ? 0.87131   6.58767   -7.33399  1.000 27.35262 ? 18  LEU A O   1 
ATOM   117 C  CB  . LEU A 1 18  ? 3.83621   5.90842   -8.51617  1.000 23.97478 ? 18  LEU A CB  1 
ATOM   118 C  CG  . LEU A 1 18  ? 5.17024   6.12763   -9.22876  1.000 27.98611 ? 18  LEU A CG  1 
ATOM   119 C  CD1 . LEU A 1 18  ? 6.27236   5.36377   -8.50418  1.000 27.63994 ? 18  LEU A CD1 1 
ATOM   120 C  CD2 . LEU A 1 18  ? 5.07740   5.68507   -10.67882 1.000 30.19166 ? 18  LEU A CD2 1 
ATOM   121 N  N   . ARG A 1 19  ? 0.84112   4.98254   -8.91673  1.000 26.22797 ? 19  ARG A N   1 
ATOM   122 C  CA  . ARG A 1 19  ? -0.22858  4.21046   -8.30119  1.000 28.85257 ? 19  ARG A CA  1 
ATOM   123 C  C   . ARG A 1 19  ? 0.26570   2.78819   -8.09307  1.000 28.00479 ? 19  ARG A C   1 
ATOM   124 O  O   . ARG A 1 19  ? 0.70589   2.13728   -9.04616  1.000 26.86787 ? 19  ARG A O   1 
ATOM   125 C  CB  . ARG A 1 19  ? -1.49591  4.21346   -9.15607  1.000 27.50189 ? 19  ARG A CB  1 
ATOM   126 C  CG  . ARG A 1 19  ? -2.71759  3.72229   -8.39137  1.000 33.17352 ? 19  ARG A CG  1 
ATOM   127 C  CD  . ARG A 1 19  ? -3.93679  3.56525   -9.28218  1.000 41.16457 ? 19  ARG A CD  1 
ATOM   128 N  NE  . ARG A 1 19  ? -3.86006  2.35756   -10.09395 1.000 44.51359 ? 19  ARG A NE  1 
ATOM   129 C  CZ  . ARG A 1 19  ? -4.88587  1.83015   -10.74797 1.000 53.77755 ? 19  ARG A CZ  1 
ATOM   130 N  NH1 . ARG A 1 19  ? -6.08825  2.38230   -10.70878 1.000 51.14920 ? 19  ARG A NH1 1 
ATOM   131 N  NH2 . ARG A 1 19  ? -4.70228  0.71767   -11.45410 1.000 54.46889 ? 19  ARG A NH2 1 
ATOM   132 N  N   . LEU A 1 20  ? 0.20115   2.31560   -6.85300  1.000 25.57636 ? 20  LEU A N   1 
ATOM   133 C  CA  . LEU A 1 20  ? 0.54303   0.94202   -6.52167  1.000 25.83952 ? 20  LEU A CA  1 
ATOM   134 C  C   . LEU A 1 20  ? -0.72736  0.11496   -6.37554  1.000 29.49549 ? 20  LEU A C   1 
ATOM   135 O  O   . LEU A 1 20  ? -1.77548  0.61917   -5.96323  1.000 28.05425 ? 20  LEU A O   1 
ATOM   136 C  CB  . LEU A 1 20  ? 1.35327   0.86837   -5.22693  1.000 21.90368 ? 20  LEU A CB  1 
ATOM   137 C  CG  . LEU A 1 20  ? 2.52053   1.83920   -5.07354  1.000 24.71384 ? 20  LEU A CG  1 
ATOM   138 C  CD1 . LEU A 1 20  ? 3.16947   1.63895   -3.71920  1.000 20.63862 ? 20  LEU A CD1 1 
ATOM   139 C  CD2 . LEU A 1 20  ? 3.52751   1.65423   -6.18819  1.000 24.08998 ? 20  LEU A CD2 1 
ATOM   140 N  N   . SER A 1 21  ? -0.62040  -1.16490  -6.71776  1.000 28.90162 ? 21  SER A N   1 
ATOM   141 C  CA  . SER A 1 21  ? -1.71605  -2.11128  -6.59441  1.000 31.51487 ? 21  SER A CA  1 
ATOM   142 C  C   . SER A 1 21  ? -1.30109  -3.25422  -5.67931  1.000 30.13096 ? 21  SER A C   1 
ATOM   143 O  O   . SER A 1 21  ? -0.12949  -3.63861  -5.63095  1.000 28.54674 ? 21  SER A O   1 
ATOM   144 C  CB  . SER A 1 21  ? -2.13007  -2.66209  -7.96296  1.000 34.18975 ? 21  SER A CB  1 
ATOM   145 O  OG  . SER A 1 21  ? -2.46471  -1.61072  -8.85153  1.000 43.05247 ? 21  SER A OG  1 
ATOM   146 N  N   . CYS A 1 22  ? -2.27214  -3.79030  -4.94609  1.000 27.85319 ? 22  CYS A N   1 
ATOM   147 C  CA  . CYS A 1 22  ? -2.05710  -4.93114  -4.05771  1.000 31.30052 ? 22  CYS A CA  1 
ATOM   148 C  C   . CYS A 1 22  ? -3.20959  -5.90150  -4.28903  1.000 32.96178 ? 22  CYS A C   1 
ATOM   149 O  O   . CYS A 1 22  ? -4.31322  -5.69352  -3.77733  1.000 33.53469 ? 22  CYS A O   1 
ATOM   150 C  CB  . CYS A 1 22  ? -1.98039  -4.48656  -2.60370  1.000 29.21873 ? 22  CYS A CB  1 
ATOM   151 S  SG  . CYS A 1 22  ? -1.86536  -5.81268  -1.37082  1.000 36.31109 ? 22  CYS A SG  1 
ATOM   152 N  N   . VAL A 1 23  ? -2.95566  -6.95185  -5.06207  1.000 31.14525 ? 23  VAL A N   1 
ATOM   153 C  CA  . VAL A 1 23  ? -3.99746  -7.88778  -5.46758  1.000 30.86948 ? 23  VAL A CA  1 
ATOM   154 C  C   . VAL A 1 23  ? -4.01871  -9.05946  -4.49785  1.000 34.53368 ? 23  VAL A C   1 
ATOM   155 O  O   . VAL A 1 23  ? -2.99056  -9.70656  -4.26458  1.000 31.12145 ? 23  VAL A O   1 
ATOM   156 C  CB  . VAL A 1 23  ? -3.77229  -8.36930  -6.90947  1.000 35.24748 ? 23  VAL A CB  1 
ATOM   157 C  CG1 . VAL A 1 23  ? -4.87660  -9.33039  -7.32647  1.000 35.93762 ? 23  VAL A CG1 1 
ATOM   158 C  CG2 . VAL A 1 23  ? -3.69942  -7.18161  -7.85705  1.000 34.32425 ? 23  VAL A CG2 1 
ATOM   159 N  N   . GLY A 1 24  ? -5.19071  -9.33239  -3.93134  1.000 33.56141 ? 24  GLY A N   1 
ATOM   160 C  CA  . GLY A 1 24  ? -5.34606  -10.43641 -3.00623  1.000 36.26144 ? 24  GLY A CA  1 
ATOM   161 C  C   . GLY A 1 24  ? -5.83661  -11.69123 -3.71115  1.000 42.06880 ? 24  GLY A C   1 
ATOM   162 O  O   . GLY A 1 24  ? -6.68395  -11.63386 -4.60043  1.000 39.28197 ? 24  GLY A O   1 
ATOM   163 N  N   . SER A 1 25  ? -5.28586  -12.82833 -3.29971  1.000 38.94264 ? 25  SER A N   1 
ATOM   164 C  CA  . SER A 1 25  ? -5.71023  -14.12451 -3.79920  1.000 41.96854 ? 25  SER A CA  1 
ATOM   165 C  C   . SER A 1 25  ? -5.96512  -15.05172 -2.61946  1.000 43.22555 ? 25  SER A C   1 
ATOM   166 O  O   . SER A 1 25  ? -5.52413  -14.79803 -1.49560  1.000 40.90810 ? 25  SER A O   1 
ATOM   167 C  CB  . SER A 1 25  ? -4.66862  -14.73118 -4.74931  1.000 38.59436 ? 25  SER A CB  1 
ATOM   168 O  OG  . SER A 1 25  ? -3.40153  -14.82584 -4.12407  1.000 45.75491 ? 25  SER A OG  1 
ATOM   169 N  N   . GLY A 1 26  ? -6.69262  -16.13213 -2.88625  1.000 44.81915 ? 26  GLY A N   1 
ATOM   170 C  CA  . GLY A 1 26  ? -7.03830  -17.07460 -1.84129  1.000 42.92244 ? 26  GLY A CA  1 
ATOM   171 C  C   . GLY A 1 26  ? -8.35777  -16.74043 -1.18068  1.000 40.07999 ? 26  GLY A C   1 
ATOM   172 O  O   . GLY A 1 26  ? -9.31348  -16.35234 -1.85886  1.000 44.78081 ? 26  GLY A O   1 
ATOM   173 N  N   . ARG A 1 27  ? -8.42207  -16.87065 0.14520   1.000 37.45500 ? 27  ARG A N   1 
ATOM   174 C  CA  . ARG A 1 27  ? -9.65999  -16.63610 0.89062   1.000 41.66392 ? 27  ARG A CA  1 
ATOM   175 C  C   . ARG A 1 27  ? -9.83827  -15.13587 1.13458   1.000 40.17298 ? 27  ARG A C   1 
ATOM   176 O  O   . ARG A 1 27  ? -9.85453  -14.64852 2.26483   1.000 35.38329 ? 27  ARG A O   1 
ATOM   177 C  CB  . ARG A 1 27  ? -9.64711  -17.41069 2.20101   1.000 44.47490 ? 27  ARG A CB  1 
ATOM   178 C  CG  . ARG A 1 27  ? -9.50902  -18.91650 2.04471   1.000 53.08117 ? 27  ARG A CG  1 
ATOM   179 C  CD  . ARG A 1 27  ? -9.45131  -19.59803 3.40431   1.000 57.70294 ? 27  ARG A CD  1 
ATOM   180 N  NE  . ARG A 1 27  ? -10.66157 -19.36267 4.18320   1.000 63.63203 ? 27  ARG A NE  1 
ATOM   181 C  CZ  . ARG A 1 27  ? -10.78359 -19.61959 5.47883   1.000 67.34192 ? 27  ARG A CZ  1 
ATOM   182 N  NH1 . ARG A 1 27  ? -9.77766  -20.11038 6.18501   1.000 66.87234 ? 27  ARG A NH1 1 
ATOM   183 N  NH2 . ARG A 1 27  ? -11.94290 -19.37327 6.08251   1.000 66.07589 ? 27  ARG A NH2 1 
ATOM   184 N  N   . VAL A 1 28  ? -9.99163  -14.39459 0.03472   1.000 40.70579 ? 28  VAL A N   1 
ATOM   185 C  CA  . VAL A 1 28  ? -10.02397 -12.93918 0.13264   1.000 40.05272 ? 28  VAL A CA  1 
ATOM   186 C  C   . VAL A 1 28  ? -11.28008 -12.44230 0.83288   1.000 42.57754 ? 28  VAL A C   1 
ATOM   187 O  O   . VAL A 1 28  ? -11.27600 -11.34105 1.39665   1.000 43.59360 ? 28  VAL A O   1 
ATOM   188 C  CB  . VAL A 1 28  ? -9.89210  -12.30200 -1.26261  1.000 39.25349 ? 28  VAL A CB  1 
ATOM   189 C  CG1 . VAL A 1 28  ? -8.60764  -12.76469 -1.93030  1.000 39.83406 ? 28  VAL A CG1 1 
ATOM   190 C  CG2 . VAL A 1 28  ? -11.09714 -12.64020 -2.12031  1.000 41.35057 ? 28  VAL A CG2 1 
ATOM   191 N  N   . ARG A 1 29  ? -12.35608 -13.23236 0.83280   1.000 41.96835 ? 29  ARG A N   1 
ATOM   192 C  CA  . ARG A 1 29  ? -13.59716 -12.80066 1.46092   1.000 42.83894 ? 29  ARG A CA  1 
ATOM   193 C  C   . ARG A 1 29  ? -13.50252 -12.73580 2.97985   1.000 42.11844 ? 29  ARG A C   1 
ATOM   194 O  O   . ARG A 1 29  ? -14.43926 -12.24357 3.61579   1.000 43.29631 ? 29  ARG A O   1 
ATOM   195 C  CB  . ARG A 1 29  ? -14.74284 -13.72656 1.04755   1.000 44.27885 ? 29  ARG A CB  1 
ATOM   196 N  N   . THR A 1 30  ? -12.41069 -13.21293 3.57735   1.000 41.19758 ? 30  THR A N   1 
ATOM   197 C  CA  . THR A 1 30  ? -12.21167 -13.08879 5.01553   1.000 44.31863 ? 30  THR A CA  1 
ATOM   198 C  C   . THR A 1 30  ? -11.30128 -11.92503 5.38418   1.000 41.21484 ? 30  THR A C   1 
ATOM   199 O  O   . THR A 1 30  ? -11.04476 -11.70688 6.57300   1.000 39.59042 ? 30  THR A O   1 
ATOM   200 C  CB  . THR A 1 30  ? -11.65223 -14.39196 5.60195   1.000 46.40129 ? 30  THR A CB  1 
ATOM   201 O  OG1 . THR A 1 30  ? -11.76145 -14.35343 7.03015   1.000 56.16574 ? 30  THR A OG1 1 
ATOM   202 C  CG2 . THR A 1 30  ? -10.19387 -14.57476 5.23221   1.000 40.41634 ? 30  THR A CG2 1 
ATOM   203 N  N   . ILE A 1 31  ? -10.81850 -11.16930 4.39841   1.000 40.46184 ? 31  ILE A N   1 
ATOM   204 C  CA  . ILE A 1 31  ? -10.00162 -9.99614  4.68051   1.000 38.26173 ? 31  ILE A CA  1 
ATOM   205 C  C   . ILE A 1 31  ? -10.85159 -8.95020  5.38418   1.000 33.97816 ? 31  ILE A C   1 
ATOM   206 O  O   . ILE A 1 31  ? -11.96997 -8.64457  4.95219   1.000 39.00738 ? 31  ILE A O   1 
ATOM   207 C  CB  . ILE A 1 31  ? -9.39210  -9.44315  3.38410   1.000 36.56139 ? 31  ILE A CB  1 
ATOM   208 C  CG1 . ILE A 1 31  ? -8.38527  -10.44158 2.80805   1.000 34.61574 ? 31  ILE A CG1 1 
ATOM   209 C  CG2 . ILE A 1 31  ? -8.74640  -8.08646  3.63256   1.000 34.27305 ? 31  ILE A CG2 1 
ATOM   210 C  CD1 . ILE A 1 31  ? -7.85566  -10.07062 1.43953   1.000 36.65002 ? 31  ILE A CD1 1 
ATOM   211 N  N   . ASN A 1 32  ? -10.33012 -8.40476  6.48227   1.000 33.48867 ? 32  ASN A N   1 
ATOM   212 C  CA  . ASN A 1 32  ? -11.00134 -7.35406  7.23909   1.000 38.21142 ? 32  ASN A CA  1 
ATOM   213 C  C   . ASN A 1 32  ? -10.47778 -5.96571  6.89437   1.000 39.47925 ? 32  ASN A C   1 
ATOM   214 O  O   . ASN A 1 32  ? -11.26161 -5.05631  6.60750   1.000 33.30331 ? 32  ASN A O   1 
ATOM   215 C  CB  . ASN A 1 32  ? -10.83814 -7.60241  8.74128   1.000 39.42313 ? 32  ASN A CB  1 
ATOM   216 C  CG  . ASN A 1 32  ? -11.08239 -9.04472  9.11923   1.000 46.49840 ? 32  ASN A CG  1 
ATOM   217 O  OD1 . ASN A 1 32  ? -10.15472 -9.76550  9.48702   1.000 47.31800 ? 32  ASN A OD1 1 
ATOM   218 N  ND2 . ASN A 1 32  ? -12.33560 -9.47745  9.03013   1.000 47.68134 ? 32  ASN A ND2 1 
ATOM   219 N  N   . THR A 1 33  ? -9.16072  -5.77880  6.94537   1.000 38.40054 ? 33  THR A N   1 
ATOM   220 C  CA  . THR A 1 33  ? -8.53479  -4.51846  6.58040   1.000 36.90443 ? 33  THR A CA  1 
ATOM   221 C  C   . THR A 1 33  ? -7.31114  -4.80411  5.72321   1.000 34.55076 ? 33  THR A C   1 
ATOM   222 O  O   . THR A 1 33  ? -6.74588  -5.89982  5.75282   1.000 32.32254 ? 33  THR A O   1 
ATOM   223 C  CB  . THR A 1 33  ? -8.11664  -3.69212  7.81016   1.000 42.69417 ? 33  THR A CB  1 
ATOM   224 O  OG1 . THR A 1 33  ? -7.04197  -4.35080  8.49091   1.000 44.01626 ? 33  THR A OG1 1 
ATOM   225 C  CG2 . THR A 1 33  ? -9.28252  -3.50728  8.77259   1.000 46.93408 ? 33  THR A CG2 1 
ATOM   226 N  N   . ALA A 1 34  ? -6.91026  -3.79980  4.95042   1.000 34.17263 ? 34  ALA A N   1 
ATOM   227 C  CA  . ALA A 1 34  ? -5.66422  -3.84777  4.20320   1.000 32.13417 ? 34  ALA A CA  1 
ATOM   228 C  C   . ALA A 1 34  ? -4.94957  -2.51883  4.37964   1.000 31.09958 ? 34  ALA A C   1 
ATOM   229 O  O   . ALA A 1 34  ? -5.58463  -1.46914  4.51124   1.000 33.40075 ? 34  ALA A O   1 
ATOM   230 C  CB  . ALA A 1 34  ? -5.89571  -4.14383  2.71679   1.000 26.66642 ? 34  ALA A CB  1 
ATOM   231 N  N   . GLY A 1 35  ? -3.62065  -2.56985  4.39915   1.000 29.94368 ? 35  GLY A N   1 
ATOM   232 C  CA  . GLY A 1 35  ? -2.83739  -1.38608  4.67258   1.000 29.50625 ? 35  GLY A CA  1 
ATOM   233 C  C   . GLY A 1 35  ? -1.62258  -1.30098  3.77277   1.000 29.30011 ? 35  GLY A C   1 
ATOM   234 O  O   . GLY A 1 35  ? -1.21365  -2.27659  3.13851   1.000 27.73572 ? 35  GLY A O   1 
ATOM   235 N  N   . TRP A 1 36  ? -1.05246  -0.10273  3.72861   1.000 22.73848 ? 36  TRP A N   1 
ATOM   236 C  CA  . TRP A 1 36  ? 0.18748   0.15057   3.01707   1.000 23.50004 ? 36  TRP A CA  1 
ATOM   237 C  C   . TRP A 1 36  ? 1.24923   0.61723   3.99791   1.000 26.54003 ? 36  TRP A C   1 
ATOM   238 O  O   . TRP A 1 36  ? 0.97673   1.42689   4.89153   1.000 24.47607 ? 36  TRP A O   1 
ATOM   239 C  CB  . TRP A 1 36  ? -0.00229  1.18935   1.91260   1.000 23.65300 ? 36  TRP A CB  1 
ATOM   240 C  CG  . TRP A 1 36  ? -0.63252  0.61678   0.69257   1.000 23.37849 ? 36  TRP A CG  1 
ATOM   241 C  CD1 . TRP A 1 36  ? -1.94914  0.67988   0.34397   1.000 24.98999 ? 36  TRP A CD1 1 
ATOM   242 C  CD2 . TRP A 1 36  ? 0.02311   -0.12651  -0.34102  1.000 23.66779 ? 36  TRP A CD2 1 
ATOM   243 N  NE1 . TRP A 1 36  ? -2.15241  0.03076   -0.84948  1.000 26.41690 ? 36  TRP A NE1 1 
ATOM   244 C  CE2 . TRP A 1 36  ? -0.95731  -0.47361  -1.28976  1.000 25.28291 ? 36  TRP A CE2 1 
ATOM   245 C  CE3 . TRP A 1 36  ? 1.34690   -0.52507  -0.56023  1.000 26.67441 ? 36  TRP A CE3 1 
ATOM   246 C  CZ2 . TRP A 1 36  ? -0.65833  -1.20049  -2.43781  1.000 26.38639 ? 36  TRP A CZ2 1 
ATOM   247 C  CZ3 . TRP A 1 36  ? 1.64131   -1.24583  -1.70137  1.000 25.63642 ? 36  TRP A CZ3 1 
ATOM   248 C  CH2 . TRP A 1 36  ? 0.64274   -1.57639  -2.62527  1.000 26.94083 ? 36  TRP A CH2 1 
ATOM   249 N  N   . TYR A 1 37  ? 2.45215   0.08028   3.82937   1.000 22.50225 ? 37  TYR A N   1 
ATOM   250 C  CA  . TYR A 1 37  ? 3.61700   0.42059   4.62646   1.000 25.35391 ? 37  TYR A CA  1 
ATOM   251 C  C   . TYR A 1 37  ? 4.77753   0.67810   3.67847   1.000 21.10072 ? 37  TYR A C   1 
ATOM   252 O  O   . TYR A 1 37  ? 4.71117   0.37328   2.48496   1.000 25.05205 ? 37  TYR A O   1 
ATOM   253 C  CB  . TYR A 1 37  ? 3.97950   -0.70264  5.61331   1.000 25.38809 ? 37  TYR A CB  1 
ATOM   254 C  CG  . TYR A 1 37  ? 2.90743   -1.02587  6.63337   1.000 26.35137 ? 37  TYR A CG  1 
ATOM   255 C  CD1 . TYR A 1 37  ? 1.74289   -1.68485  6.26219   1.000 24.73809 ? 37  TYR A CD1 1 
ATOM   256 C  CD2 . TYR A 1 37  ? 3.07230   -0.69633  7.97264   1.000 28.29415 ? 37  TYR A CD2 1 
ATOM   257 C  CE1 . TYR A 1 37  ? 0.76323   -1.98608  7.18805   1.000 30.11510 ? 37  TYR A CE1 1 
ATOM   258 C  CE2 . TYR A 1 37  ? 2.09414   -0.99566  8.90842   1.000 28.68228 ? 37  TYR A CE2 1 
ATOM   259 C  CZ  . TYR A 1 37  ? 0.94315   -1.64112  8.50855   1.000 32.87082 ? 37  TYR A CZ  1 
ATOM   260 O  OH  . TYR A 1 37  ? -0.03777  -1.94622  9.42790   1.000 33.19253 ? 37  TYR A OH  1 
ATOM   261 N  N   . ARG A 1 38  ? 5.85232   1.24630   4.21236   1.000 18.61359 ? 38  ARG A N   1 
ATOM   262 C  CA  . ARG A 1 38  ? 7.07200   1.38009   3.43363   1.000 20.98349 ? 38  ARG A CA  1 
ATOM   263 C  C   . ARG A 1 38  ? 8.26435   1.24462   4.36092   1.000 20.86828 ? 38  ARG A C   1 
ATOM   264 O  O   . ARG A 1 38  ? 8.17226   1.48475   5.56681   1.000 23.85955 ? 38  ARG A O   1 
ATOM   265 C  CB  . ARG A 1 38  ? 7.13836   2.71060   2.67960   1.000 22.70673 ? 38  ARG A CB  1 
ATOM   266 C  CG  . ARG A 1 38  ? 7.34697   3.91797   3.56936   1.000 22.57452 ? 38  ARG A CG  1 
ATOM   267 C  CD  . ARG A 1 38  ? 7.20544   5.19073   2.76469   1.000 25.43060 ? 38  ARG A CD  1 
ATOM   268 N  NE  . ARG A 1 38  ? 7.23176   6.37810   3.60808   1.000 24.08844 ? 38  ARG A NE  1 
ATOM   269 C  CZ  . ARG A 1 38  ? 7.01794   7.60700   3.16313   1.000 26.24116 ? 38  ARG A CZ  1 
ATOM   270 N  NH1 . ARG A 1 38  ? 6.73190   7.83940   1.89243   1.000 23.26505 ? 38  ARG A NH1 1 
ATOM   271 N  NH2 . ARG A 1 38  ? 7.09409   8.62734   4.01320   1.000 28.11702 ? 38  ARG A NH2 1 
ATOM   272 N  N   . GLN A 1 39  ? 9.39172   0.85582   3.77802   1.000 23.22705 ? 39  GLN A N   1 
ATOM   273 C  CA  . GLN A 1 39  ? 10.61854  0.69953   4.53675   1.000 24.12834 ? 39  GLN A CA  1 
ATOM   274 C  C   . GLN A 1 39  ? 11.79428  1.14132   3.68473   1.000 22.97128 ? 39  GLN A C   1 
ATOM   275 O  O   . GLN A 1 39  ? 11.95261  0.68341   2.54855   1.000 23.06431 ? 39  GLN A O   1 
ATOM   276 C  CB  . GLN A 1 39  ? 10.80671  -0.75083  4.98964   1.000 22.64323 ? 39  GLN A CB  1 
ATOM   277 C  CG  . GLN A 1 39  ? 11.94447  -0.92722  5.96962   1.000 28.94826 ? 39  GLN A CG  1 
ATOM   278 C  CD  . GLN A 1 39  ? 12.03794  -2.33817  6.50271   1.000 29.10773 ? 39  GLN A CD  1 
ATOM   279 O  OE1 . GLN A 1 39  ? 11.78139  -3.30131  5.78306   1.000 27.70988 ? 39  GLN A OE1 1 
ATOM   280 N  NE2 . GLN A 1 39  ? 12.40292  -2.46848  7.77319   1.000 30.02571 ? 39  GLN A NE2 1 
ATOM   281 N  N   . ALA A 1 40  ? 12.59791  2.03037   4.23092   1.000 26.24565 ? 40  ALA A N   1 
ATOM   282 C  CA  . ALA A 1 40  ? 13.87259  2.42823   3.66655   1.000 30.56378 ? 40  ALA A CA  1 
ATOM   283 C  C   . ALA A 1 40  ? 14.99505  1.65520   4.33994   1.000 31.57467 ? 40  ALA A C   1 
ATOM   284 O  O   . ALA A 1 40  ? 14.82948  1.15486   5.45768   1.000 30.56470 ? 40  ALA A O   1 
ATOM   285 C  CB  . ALA A 1 40  ? 14.08824  3.93632   3.84511   1.000 33.36110 ? 40  ALA A CB  1 
ATOM   286 N  N   . PRO A 1 41  ? 16.14732  1.52156   3.68365   1.000 34.30390 ? 41  PRO A N   1 
ATOM   287 C  CA  . PRO A 1 41  ? 17.24619  0.73505   4.26213   1.000 38.55636 ? 41  PRO A CA  1 
ATOM   288 C  C   . PRO A 1 41  ? 17.64286  1.22691   5.64880   1.000 40.42263 ? 41  PRO A C   1 
ATOM   289 O  O   . PRO A 1 41  ? 17.83682  2.42401   5.87312   1.000 42.41449 ? 41  PRO A O   1 
ATOM   290 C  CB  . PRO A 1 41  ? 18.38018  0.92430   3.25138   1.000 34.59928 ? 41  PRO A CB  1 
ATOM   291 C  CG  . PRO A 1 41  ? 17.68414  1.15819   1.95986   1.000 34.06566 ? 41  PRO A CG  1 
ATOM   292 C  CD  . PRO A 1 41  ? 16.44357  1.94143   2.30013   1.000 33.70478 ? 41  PRO A CD  1 
ATOM   293 N  N   . GLY A 1 42  ? 17.74608  0.28401   6.58349   1.000 39.50626 ? 42  GLY A N   1 
ATOM   294 C  CA  . GLY A 1 42  ? 18.19563  0.58242   7.92903   1.000 42.20623 ? 42  GLY A CA  1 
ATOM   295 C  C   . GLY A 1 42  ? 17.16324  1.20129   8.84175   1.000 48.77394 ? 42  GLY A C   1 
ATOM   296 O  O   . GLY A 1 42  ? 17.52785  1.73158   9.89608   1.000 54.62333 ? 42  GLY A O   1 
ATOM   297 N  N   . GLN A 1 43  ? 15.88327  1.14890   8.47922   1.000 41.94254 ? 43  GLN A N   1 
ATOM   298 C  CA  . GLN A 1 43  ? 14.82989  1.78172   9.25663   1.000 36.35456 ? 43  GLN A CA  1 
ATOM   299 C  C   . GLN A 1 43  ? 13.65838  0.82566   9.42608   1.000 36.41646 ? 43  GLN A C   1 
ATOM   300 O  O   . GLN A 1 43  ? 13.45881  -0.09697  8.63259   1.000 36.70302 ? 43  GLN A O   1 
ATOM   301 C  CB  . GLN A 1 43  ? 14.34593  3.07873   8.59520   1.000 39.83316 ? 43  GLN A CB  1 
ATOM   302 C  CG  . GLN A 1 43  ? 15.40767  4.15675   8.48068   1.000 40.37681 ? 43  GLN A CG  1 
ATOM   303 C  CD  . GLN A 1 43  ? 14.86580  5.44280   7.88976   1.000 55.66647 ? 43  GLN A CD  1 
ATOM   304 O  OE1 . GLN A 1 43  ? 13.69173  5.52588   7.52446   1.000 53.08815 ? 43  GLN A OE1 1 
ATOM   305 N  NE2 . GLN A 1 43  ? 15.71954  6.45692   7.79468   1.000 60.86819 ? 43  GLN A NE2 1 
ATOM   306 N  N   . GLU A 1 44  ? 12.88175  1.06204   10.47984  1.000 36.57215 ? 44  GLU A N   1 
ATOM   307 C  CA  . GLU A 1 44  ? 11.66885  0.30025   10.70647  1.000 38.98934 ? 44  GLU A CA  1 
ATOM   308 C  C   . GLU A 1 44  ? 10.64555  0.59114   9.61122   1.000 35.34077 ? 44  GLU A C   1 
ATOM   309 O  O   . GLU A 1 44  ? 10.70778  1.62999   8.94717   1.000 31.92530 ? 44  GLU A O   1 
ATOM   310 C  CB  . GLU A 1 44  ? 11.07239  0.63722   12.07144  1.000 42.91493 ? 44  GLU A CB  1 
ATOM   311 C  CG  . GLU A 1 44  ? 11.88169  0.14907   13.26003  1.000 53.35768 ? 44  GLU A CG  1 
ATOM   312 C  CD  . GLU A 1 44  ? 11.09530  0.21408   14.55874  1.000 67.50482 ? 44  GLU A CD  1 
ATOM   313 O  OE1 . GLU A 1 44  ? 9.84602   0.22661   14.49958  1.000 62.53444 ? 44  GLU A OE1 1 
ATOM   314 O  OE2 . GLU A 1 44  ? 11.72476  0.25603   15.63762  1.000 75.90524 ? 44  GLU A OE2 1 
ATOM   315 N  N   . PRO A 1 45  ? 9.70024   -0.32248  9.39385   1.000 32.09057 ? 45  PRO A N   1 
ATOM   316 C  CA  . PRO A 1 45  ? 8.59518   -0.03066  8.47338   1.000 27.75456 ? 45  PRO A CA  1 
ATOM   317 C  C   . PRO A 1 45  ? 7.74534   1.11863   8.98927   1.000 30.05644 ? 45  PRO A C   1 
ATOM   318 O  O   . PRO A 1 45  ? 7.53503   1.26649   10.19432  1.000 35.10902 ? 45  PRO A O   1 
ATOM   319 C  CB  . PRO A 1 45  ? 7.79956   -1.34062  8.44279   1.000 29.36569 ? 45  PRO A CB  1 
ATOM   320 C  CG  . PRO A 1 45  ? 8.76417   -2.38211  8.87529   1.000 32.83435 ? 45  PRO A CG  1 
ATOM   321 C  CD  . PRO A 1 45  ? 9.66629   -1.71483  9.86911   1.000 34.07834 ? 45  PRO A CD  1 
ATOM   322 N  N   . GLU A 1 46  ? 7.24915   1.93053   8.06100   1.000 24.96688 ? 46  GLU A N   1 
ATOM   323 C  CA  . GLU A 1 46  ? 6.41091   3.07635   8.38131   1.000 25.65004 ? 46  GLU A CA  1 
ATOM   324 C  C   . GLU A 1 46  ? 4.99904   2.83696   7.86409   1.000 26.94491 ? 46  GLU A C   1 
ATOM   325 O  O   . GLU A 1 46  ? 4.80756   2.56032   6.67552   1.000 24.76827 ? 46  GLU A O   1 
ATOM   326 C  CB  . GLU A 1 46  ? 6.98739   4.35856   7.77563   1.000 25.81192 ? 46  GLU A CB  1 
ATOM   327 C  CG  . GLU A 1 46  ? 6.17524   5.60718   8.09166   1.000 30.66379 ? 46  GLU A CG  1 
ATOM   328 C  CD  . GLU A 1 46  ? 6.69260   6.84651   7.38152   1.000 35.29326 ? 46  GLU A CD  1 
ATOM   329 O  OE1 . GLU A 1 46  ? 7.59643   6.71571   6.52650   1.000 32.25657 ? 46  GLU A OE1 1 
ATOM   330 O  OE2 . GLU A 1 46  ? 6.19139   7.95331   7.67954   1.000 34.33167 ? 46  GLU A OE2 1 
ATOM   331 N  N   . PHE A 1 47  ? 4.01624   2.94126   8.75434   1.000 26.66971 ? 47  PHE A N   1 
ATOM   332 C  CA  . PHE A 1 47  ? 2.62352   2.85333   8.33745   1.000 27.01439 ? 47  PHE A CA  1 
ATOM   333 C  C   . PHE A 1 47  ? 2.24487   4.06371   7.49367   1.000 27.55264 ? 47  PHE A C   1 
ATOM   334 O  O   . PHE A 1 47  ? 2.58386   5.20213   7.82561   1.000 29.88154 ? 47  PHE A O   1 
ATOM   335 C  CB  . PHE A 1 47  ? 1.70480   2.75654   9.55371   1.000 26.58497 ? 47  PHE A CB  1 
ATOM   336 C  CG  . PHE A 1 47  ? 0.25014   2.94607   9.22905   1.000 29.00109 ? 47  PHE A CG  1 
ATOM   337 C  CD1 . PHE A 1 47  ? -0.48169  1.92809   8.64110   1.000 28.23740 ? 47  PHE A CD1 1 
ATOM   338 C  CD2 . PHE A 1 47  ? -0.38630  4.14382   9.51316   1.000 28.13489 ? 47  PHE A CD2 1 
ATOM   339 C  CE1 . PHE A 1 47  ? -1.81899  2.10148   8.33940   1.000 29.45750 ? 47  PHE A CE1 1 
ATOM   340 C  CE2 . PHE A 1 47  ? -1.72204  4.32230   9.21437   1.000 28.98248 ? 47  PHE A CE2 1 
ATOM   341 C  CZ  . PHE A 1 47  ? -2.43985  3.30003   8.62783   1.000 31.44493 ? 47  PHE A CZ  1 
ATOM   342 N  N   . LEU A 1 48  ? 1.52526   3.81365   6.39962   1.000 24.66213 ? 48  LEU A N   1 
ATOM   343 C  CA  . LEU A 1 48  ? 1.11363   4.86615   5.47903   1.000 25.14229 ? 48  LEU A CA  1 
ATOM   344 C  C   . LEU A 1 48  ? -0.39769  5.04620   5.44171   1.000 27.47279 ? 48  LEU A C   1 
ATOM   345 O  O   . LEU A 1 48  ? -0.89755  6.14723   5.69314   1.000 29.24379 ? 48  LEU A O   1 
ATOM   346 C  CB  . LEU A 1 48  ? 1.64044   4.56611   4.07327   1.000 24.49984 ? 48  LEU A CB  1 
ATOM   347 C  CG  . LEU A 1 48  ? 3.15656   4.43292   4.00373   1.000 24.09788 ? 48  LEU A CG  1 
ATOM   348 C  CD1 . LEU A 1 48  ? 3.57249   3.93533   2.63866   1.000 29.26305 ? 48  LEU A CD1 1 
ATOM   349 C  CD2 . LEU A 1 48  ? 3.80627   5.76772   4.31757   1.000 22.65294 ? 48  LEU A CD2 1 
ATOM   350 N  N   . ALA A 1 49  ? -1.14211  3.99001   5.12389   1.000 28.06763 ? 49  ALA A N   1 
ATOM   351 C  CA  . ALA A 1 49  ? -2.58084  4.10400   4.95436   1.000 25.38105 ? 49  ALA A CA  1 
ATOM   352 C  C   . ALA A 1 49  ? -3.23030  2.75510   5.22378   1.000 31.97868 ? 49  ALA A C   1 
ATOM   353 O  O   . ALA A 1 49  ? -2.62566  1.70015   5.01210   1.000 27.51685 ? 49  ALA A O   1 
ATOM   354 C  CB  . ALA A 1 49  ? -2.94227  4.60006   3.54935   1.000 26.76706 ? 49  ALA A CB  1 
ATOM   355 N  N   . ARG A 1 50  ? -4.47302  2.80792   5.69232   1.000 28.48666 ? 50  ARG A N   1 
ATOM   356 C  CA  . ARG A 1 50  ? -5.24862  1.62916   6.04368   1.000 31.54970 ? 50  ARG A CA  1 
ATOM   357 C  C   . ARG A 1 50  ? -6.66157  1.81758   5.51575   1.000 32.88805 ? 50  ARG A C   1 
ATOM   358 O  O   . ARG A 1 50  ? -7.16273  2.94253   5.44909   1.000 31.46235 ? 50  ARG A O   1 
ATOM   359 C  CB  . ARG A 1 50  ? -5.24691  1.41134   7.56729   1.000 35.54970 ? 50  ARG A CB  1 
ATOM   360 C  CG  . ARG A 1 50  ? -6.33018  0.49547   8.11220   1.000 45.18109 ? 50  ARG A CG  1 
ATOM   361 C  CD  . ARG A 1 50  ? -6.29877  0.48385   9.63600   1.000 51.04732 ? 50  ARG A CD  1 
ATOM   362 N  NE  . ARG A 1 50  ? -7.37201  -0.31862  10.21205  1.000 63.48242 ? 50  ARG A NE  1 
ATOM   363 C  CZ  . ARG A 1 50  ? -8.52290  0.17166   10.65395  1.000 64.32992 ? 50  ARG A CZ  1 
ATOM   364 N  NH1 . ARG A 1 50  ? -8.78926  1.46722   10.60145  1.000 62.20008 ? 50  ARG A NH1 1 
ATOM   365 N  NH2 . ARG A 1 50  ? -9.42868  -0.65863  11.16404  1.000 66.37224 ? 50  ARG A NH2 1 
ATOM   366 N  N   . ILE A 1 51  ? -7.29298  0.71645   5.11534   1.000 31.10712 ? 51  ILE A N   1 
ATOM   367 C  CA  . ILE A 1 51  ? -8.66752  0.75055   4.62990   1.000 33.94091 ? 51  ILE A CA  1 
ATOM   368 C  C   . ILE A 1 51  ? -9.37860  -0.52303  5.06834   1.000 34.96344 ? 51  ILE A C   1 
ATOM   369 O  O   . ILE A 1 51  ? -8.77814  -1.60238  5.11277   1.000 34.90720 ? 51  ILE A O   1 
ATOM   370 C  CB  . ILE A 1 51  ? -8.72718  0.93391   3.09662   1.000 33.09875 ? 51  ILE A CB  1 
ATOM   371 C  CG1 . ILE A 1 51  ? -10.14714 1.28085   2.64946   1.000 32.62066 ? 51  ILE A CG1 1 
ATOM   372 C  CG2 . ILE A 1 51  ? -8.21489  -0.30196  2.36530   1.000 32.22495 ? 51  ILE A CG2 1 
ATOM   373 C  CD1 . ILE A 1 51  ? -10.22290 1.80528   1.23350   1.000 32.95808 ? 51  ILE A CD1 1 
ATOM   374 N  N   . THR A 1 52  ? -10.65421 -0.38766  5.41704   1.000 33.12758 ? 52  THR A N   1 
ATOM   375 C  CA  . THR A 1 52  ? -11.48781 -1.50699  5.82862   1.000 36.56960 ? 52  THR A CA  1 
ATOM   376 C  C   . THR A 1 52  ? -12.33761 -1.98952  4.65828   1.000 35.52431 ? 52  THR A C   1 
ATOM   377 O  O   . THR A 1 52  ? -12.35234 -1.39533  3.57763   1.000 33.90960 ? 52  THR A O   1 
ATOM   378 C  CB  . THR A 1 52  ? -12.38766 -1.10818  7.00190   1.000 36.47450 ? 52  THR A CB  1 
ATOM   379 O  OG1 . THR A 1 52  ? -13.38745 -0.19042  6.54218   1.000 33.74555 ? 52  THR A OG1 1 
ATOM   380 C  CG2 . THR A 1 52  ? -11.56942 -0.43980  8.09477   1.000 41.74723 ? 52  THR A CG2 1 
ATOM   381 N  N   . VAL A 1 53  ? -13.05695 -3.09000  4.88898   1.000 36.51109 ? 53  VAL A N   1 
ATOM   382 C  CA  . VAL A 1 53  ? -13.98145 -3.58723  3.87451   1.000 39.10167 ? 53  VAL A CA  1 
ATOM   383 C  C   . VAL A 1 53  ? -15.03361 -2.53344  3.55788   1.000 37.18677 ? 53  VAL A C   1 
ATOM   384 O  O   . VAL A 1 53  ? -15.41997 -2.34746  2.39782   1.000 38.88639 ? 53  VAL A O   1 
ATOM   385 C  CB  . VAL A 1 53  ? -14.62422 -4.90871  4.33478   1.000 40.39151 ? 53  VAL A CB  1 
ATOM   386 C  CG1 . VAL A 1 53  ? -15.60961 -5.41258  3.29161   1.000 42.46992 ? 53  VAL A CG1 1 
ATOM   387 C  CG2 . VAL A 1 53  ? -13.55799 -5.94698  4.60313   1.000 40.38592 ? 53  VAL A CG2 1 
ATOM   388 N  N   . GLY A 1 54  ? -15.49662 -1.81290  4.58035   1.000 42.01929 ? 54  GLY A N   1 
ATOM   389 C  CA  . GLY A 1 54  ? -16.51388 -0.79331  4.39975   1.000 38.83516 ? 54  GLY A CA  1 
ATOM   390 C  C   . GLY A 1 54  ? -16.03639 0.45341   3.68793   1.000 43.75723 ? 54  GLY A C   1 
ATOM   391 O  O   . GLY A 1 54  ? -16.87168 1.24719   3.24197   1.000 43.05902 ? 54  GLY A O   1 
ATOM   392 N  N   . GLY A 1 55  ? -14.72443 0.64423   3.56744   1.000 39.88353 ? 55  GLY A N   1 
ATOM   393 C  CA  . GLY A 1 55  ? -14.17609 1.81194   2.91378   1.000 34.88719 ? 55  GLY A CA  1 
ATOM   394 C  C   . GLY A 1 55  ? -13.65228 2.88453   3.84132   1.000 35.13679 ? 55  GLY A C   1 
ATOM   395 O  O   . GLY A 1 55  ? -13.20160 3.92904   3.35585   1.000 38.72021 ? 55  GLY A O   1 
ATOM   396 N  N   . THR A 1 56  ? -13.70077 2.66960   5.15295   1.000 35.11562 ? 56  THR A N   1 
ATOM   397 C  CA  . THR A 1 56  ? -13.12699 3.62980   6.08444   1.000 37.04317 ? 56  THR A CA  1 
ATOM   398 C  C   . THR A 1 56  ? -11.61174 3.64835   5.93368   1.000 37.83148 ? 56  THR A C   1 
ATOM   399 O  O   . THR A 1 56  ? -10.95847 2.60212   5.99161   1.000 35.21976 ? 56  THR A O   1 
ATOM   400 C  CB  . THR A 1 56  ? -13.51175 3.28022   7.52115   1.000 38.83865 ? 56  THR A CB  1 
ATOM   401 O  OG1 . THR A 1 56  ? -14.93887 3.25448   7.64308   1.000 45.31215 ? 56  THR A OG1 1 
ATOM   402 C  CG2 . THR A 1 56  ? -12.94425 4.31144   8.49243   1.000 38.68295 ? 56  THR A CG2 1 
ATOM   403 N  N   . THR A 1 57  ? -11.05284 4.83695   5.73547   1.000 38.42892 ? 57  THR A N   1 
ATOM   404 C  CA  . THR A 1 57  ? -9.62332  4.99676   5.52910   1.000 36.19139 ? 57  THR A CA  1 
ATOM   405 C  C   . THR A 1 57  ? -8.99054  5.70959   6.71509   1.000 40.14065 ? 57  THR A C   1 
ATOM   406 O  O   . THR A 1 57  ? -9.64743  6.46929   7.43269   1.000 40.94639 ? 57  THR A O   1 
ATOM   407 C  CB  . THR A 1 57  ? -9.33066  5.78095   4.24719   1.000 38.18492 ? 57  THR A CB  1 
ATOM   408 O  OG1 . THR A 1 57  ? -9.97385  7.06120   4.31295   1.000 38.33436 ? 57  THR A OG1 1 
ATOM   409 C  CG2 . THR A 1 57  ? -9.83773  5.01907   3.03130   1.000 31.63412 ? 57  THR A CG2 1 
ATOM   410 N  N   . SER A 1 58  ? -7.70326  5.44410   6.91370   1.000 36.44374 ? 58  SER A N   1 
ATOM   411 C  CA  . SER A 1 58  ? -6.89348  6.12542   7.91013   1.000 32.76032 ? 58  SER A CA  1 
ATOM   412 C  C   . SER A 1 58  ? -5.49442  6.29810   7.34299   1.000 34.82541 ? 58  SER A C   1 
ATOM   413 O  O   . SER A 1 58  ? -4.96329  5.38445   6.70719   1.000 30.83023 ? 58  SER A O   1 
ATOM   414 C  CB  . SER A 1 58  ? -6.84342  5.34462   9.22550   1.000 34.88852 ? 58  SER A CB  1 
ATOM   415 O  OG  . SER A 1 58  ? -5.93708  5.94613   10.13087  1.000 45.99141 ? 58  SER A OG  1 
ATOM   416 N  N   . TYR A 1 59  ? -4.90387  7.46908   7.56600   1.000 31.17018 ? 59  TYR A N   1 
ATOM   417 C  CA  . TYR A 1 59  ? -3.63189  7.81923   6.95538   1.000 30.99920 ? 59  TYR A CA  1 
ATOM   418 C  C   . TYR A 1 59  ? -2.63376  8.24660   8.01883   1.000 33.30464 ? 59  TYR A C   1 
ATOM   419 O  O   . TYR A 1 59  ? -3.00944  8.72788   9.09041   1.000 35.45121 ? 59  TYR A O   1 
ATOM   420 C  CB  . TYR A 1 59  ? -3.79342  8.95401   5.93179   1.000 30.65236 ? 59  TYR A CB  1 
ATOM   421 C  CG  . TYR A 1 59  ? -4.66004  8.60314   4.74756   1.000 31.80563 ? 59  TYR A CG  1 
ATOM   422 C  CD1 . TYR A 1 59  ? -6.03301  8.81132   4.77880   1.000 31.96608 ? 59  TYR A CD1 1 
ATOM   423 C  CD2 . TYR A 1 59  ? -4.10465  8.06870   3.59376   1.000 30.66566 ? 59  TYR A CD2 1 
ATOM   424 C  CE1 . TYR A 1 59  ? -6.82813  8.49181   3.69395   1.000 32.37820 ? 59  TYR A CE1 1 
ATOM   425 C  CE2 . TYR A 1 59  ? -4.89149  7.74523   2.50739   1.000 31.60946 ? 59  TYR A CE2 1 
ATOM   426 C  CZ  . TYR A 1 59  ? -6.25160  7.96137   2.56076   1.000 29.23352 ? 59  TYR A CZ  1 
ATOM   427 O  OH  . TYR A 1 59  ? -7.03239  7.64103   1.47485   1.000 28.43199 ? 59  TYR A OH  1 
ATOM   428 N  N   . ALA A 1 60  ? -1.35343  8.06959   7.70742   1.000 30.05918 ? 60  ALA A N   1 
ATOM   429 C  CA  . ALA A 1 60  ? -0.30458  8.66318   8.51681   1.000 30.85196 ? 60  ALA A CA  1 
ATOM   430 C  C   . ALA A 1 60  ? -0.16325  10.14449  8.17972   1.000 33.79188 ? 60  ALA A C   1 
ATOM   431 O  O   . ALA A 1 60  ? -0.52357  10.59679  7.09031   1.000 32.33451 ? 60  ALA A O   1 
ATOM   432 C  CB  . ALA A 1 60  ? 1.02434   7.94552   8.29857   1.000 31.51090 ? 60  ALA A CB  1 
ATOM   433 N  N   . ASP A 1 61  ? 0.38091   10.90224  9.13429   1.000 36.39961 ? 61  ASP A N   1 
ATOM   434 C  CA  . ASP A 1 61  ? 0.50243   12.34665  8.95193   1.000 36.18359 ? 61  ASP A CA  1 
ATOM   435 C  C   . ASP A 1 61  ? 1.41158   12.69958  7.78048   1.000 35.59759 ? 61  ASP A C   1 
ATOM   436 O  O   . ASP A 1 61  ? 1.21741   13.73685  7.13641   1.000 36.90822 ? 61  ASP A O   1 
ATOM   437 C  CB  . ASP A 1 61  ? 1.02242   12.99395  10.23745  1.000 38.63850 ? 61  ASP A CB  1 
ATOM   438 C  CG  . ASP A 1 61  ? 0.10693   12.75349  11.42730  1.000 46.05183 ? 61  ASP A CG  1 
ATOM   439 O  OD1 . ASP A 1 61  ? -1.02240  12.25692  11.22543  1.000 46.31031 ? 61  ASP A OD1 1 
ATOM   440 O  OD2 . ASP A 1 61  ? 0.51917   13.05695  12.56727  1.000 45.35731 ? 61  ASP A OD2 1 
ATOM   441 N  N   . SER A 1 62  ? 2.39366   11.84964  7.47958   1.000 31.26646 ? 62  SER A N   1 
ATOM   442 C  CA  . SER A 1 62  ? 3.40434   12.15976  6.47600   1.000 37.61725 ? 62  SER A CA  1 
ATOM   443 C  C   . SER A 1 62  ? 2.90345   12.02795  5.04241   1.000 36.15119 ? 62  SER A C   1 
ATOM   444 O  O   . SER A 1 62  ? 3.61426   12.43960  4.11899   1.000 40.52867 ? 62  SER A O   1 
ATOM   445 C  CB  . SER A 1 62  ? 4.62589   11.25675  6.67278   1.000 34.53581 ? 62  SER A CB  1 
ATOM   446 O  OG  . SER A 1 62  ? 4.24548   9.89377   6.70736   1.000 36.94898 ? 62  SER A OG  1 
ATOM   447 N  N   . VAL A 1 63  ? 1.71264   11.46825  4.82342   1.000 33.36940 ? 63  VAL A N   1 
ATOM   448 C  CA  . VAL A 1 63  ? 1.18454   11.28400  3.47772   1.000 31.68297 ? 63  VAL A CA  1 
ATOM   449 C  C   . VAL A 1 63  ? -0.20674  11.86884  3.30175   1.000 31.12799 ? 63  VAL A C   1 
ATOM   450 O  O   . VAL A 1 63  ? -0.77913  11.75222  2.21556   1.000 29.82044 ? 63  VAL A O   1 
ATOM   451 C  CB  . VAL A 1 63  ? 1.18577   9.79590   3.07433   1.000 29.44558 ? 63  VAL A CB  1 
ATOM   452 C  CG1 . VAL A 1 63  ? 2.58942   9.21285   3.19082   1.000 30.31970 ? 63  VAL A CG1 1 
ATOM   453 C  CG2 . VAL A 1 63  ? 0.19535   9.01660   3.92372   1.000 31.76092 ? 63  VAL A CG2 1 
ATOM   454 N  N   . LYS A 1 64  ? -0.77679  12.49011  4.33298   1.000 32.00486 ? 64  LYS A N   1 
ATOM   455 C  CA  . LYS A 1 64  ? -2.10570  13.07313  4.20702   1.000 34.97904 ? 64  LYS A CA  1 
ATOM   456 C  C   . LYS A 1 64  ? -2.10922  14.16151  3.14276   1.000 30.51820 ? 64  LYS A C   1 
ATOM   457 O  O   . LYS A 1 64  ? -1.16129  14.94322  3.02523   1.000 33.89971 ? 64  LYS A O   1 
ATOM   458 C  CB  . LYS A 1 64  ? -2.56912  13.64623  5.54759   1.000 35.93507 ? 64  LYS A CB  1 
ATOM   459 C  CG  . LYS A 1 64  ? -2.87815  12.59861  6.59629   1.000 34.17305 ? 64  LYS A CG  1 
ATOM   460 C  CD  . LYS A 1 64  ? -3.25171  13.23627  7.92317   1.000 39.69082 ? 64  LYS A CD  1 
ATOM   461 C  CE  . LYS A 1 64  ? -3.43577  12.18632  9.00865   1.000 42.18814 ? 64  LYS A CE  1 
ATOM   462 N  NZ  . LYS A 1 64  ? -3.70855  12.79259  10.34358  1.000 50.41140 ? 64  LYS A NZ  1 
ATOM   463 N  N   . GLY A 1 65  ? -3.18595  14.20270  2.35790   1.000 34.04988 ? 65  GLY A N   1 
ATOM   464 C  CA  . GLY A 1 65  ? -3.31001  15.15146  1.27362   1.000 31.68428 ? 65  GLY A CA  1 
ATOM   465 C  C   . GLY A 1 65  ? -2.60196  14.76573  -0.00564  1.000 33.57182 ? 65  GLY A C   1 
ATOM   466 O  O   . GLY A 1 65  ? -2.87313  15.37409  -1.04929  1.000 35.93394 ? 65  GLY A O   1 
ATOM   467 N  N   . ARG A 1 66  ? -1.70382  13.78483  0.03396   1.000 27.44932 ? 66  ARG A N   1 
ATOM   468 C  CA  . ARG A 1 66  ? -0.95487  13.34115  -1.13649  1.000 28.00913 ? 66  ARG A CA  1 
ATOM   469 C  C   . ARG A 1 66  ? -1.26387  11.91052  -1.53880  1.000 27.01356 ? 66  ARG A C   1 
ATOM   470 O  O   . ARG A 1 66  ? -1.32190  11.60980  -2.73377  1.000 23.31586 ? 66  ARG A O   1 
ATOM   471 C  CB  . ARG A 1 66  ? 0.55287   13.46023  -0.88465  1.000 27.75711 ? 66  ARG A CB  1 
ATOM   472 C  CG  . ARG A 1 66  ? 1.07772   14.86660  -0.70652  1.000 29.40302 ? 66  ARG A CG  1 
ATOM   473 C  CD  . ARG A 1 66  ? 2.59754   14.82875  -0.66422  1.000 29.16202 ? 66  ARG A CD  1 
ATOM   474 N  NE  . ARG A 1 66  ? 3.07677   13.93720  0.38625   1.000 29.59717 ? 66  ARG A NE  1 
ATOM   475 C  CZ  . ARG A 1 66  ? 4.15137   13.16671  0.28581   1.000 33.55328 ? 66  ARG A CZ  1 
ATOM   476 N  NH1 . ARG A 1 66  ? 4.87340   13.12632  -0.82212  1.000 29.14869 ? 66  ARG A NH1 1 
ATOM   477 N  NH2 . ARG A 1 66  ? 4.50540   12.40937  1.32009   1.000 34.20506 ? 66  ARG A NH2 1 
ATOM   478 N  N   . PHE A 1 67  ? -1.44906  11.01638  -0.57264  1.000 24.12742 ? 67  PHE A N   1 
ATOM   479 C  CA  . PHE A 1 67  ? -1.69025  9.60650   -0.83696  1.000 29.02263 ? 67  PHE A CA  1 
ATOM   480 C  C   . PHE A 1 67  ? -3.16101  9.28957   -0.60889  1.000 28.12234 ? 67  PHE A C   1 
ATOM   481 O  O   . PHE A 1 67  ? -3.76971  9.78442   0.34392   1.000 32.49784 ? 67  PHE A O   1 
ATOM   482 C  CB  . PHE A 1 67  ? -0.83107  8.70703   0.06326   1.000 25.21205 ? 67  PHE A CB  1 
ATOM   483 C  CG  . PHE A 1 67  ? 0.64642   8.72952   -0.25368  1.000 27.04985 ? 67  PHE A CG  1 
ATOM   484 C  CD1 . PHE A 1 67  ? 1.21328   9.74949   -1.00344  1.000 25.04389 ? 67  PHE A CD1 1 
ATOM   485 C  CD2 . PHE A 1 67  ? 1.46899   7.70970   0.20318   1.000 26.21571 ? 67  PHE A CD2 1 
ATOM   486 C  CE1 . PHE A 1 67  ? 2.57016   9.75615   -1.28399  1.000 25.86881 ? 67  PHE A CE1 1 
ATOM   487 C  CE2 . PHE A 1 67  ? 2.82102   7.71167   -0.07207  1.000 22.67129 ? 67  PHE A CE2 1 
ATOM   488 C  CZ  . PHE A 1 67  ? 3.37363   8.73722   -0.81911  1.000 24.85859 ? 67  PHE A CZ  1 
ATOM   489 N  N   . THR A 1 68  ? -3.72822  8.45646   -1.47789  1.000 24.46468 ? 68  THR A N   1 
ATOM   490 C  CA  . THR A 1 68  ? -5.11110  8.01129   -1.34434  1.000 28.48216 ? 68  THR A CA  1 
ATOM   491 C  C   . THR A 1 68  ? -5.15236  6.49596   -1.44693  1.000 27.03153 ? 68  THR A C   1 
ATOM   492 O  O   . THR A 1 68  ? -4.68803  5.92464   -2.44033  1.000 25.61967 ? 68  THR A O   1 
ATOM   493 C  CB  . THR A 1 68  ? -6.00805  8.64309   -2.41243  1.000 29.63415 ? 68  THR A CB  1 
ATOM   494 O  OG1 . THR A 1 68  ? -5.95888  10.07018  -2.29298  1.000 31.86498 ? 68  THR A OG1 1 
ATOM   495 C  CG2 . THR A 1 68  ? -7.44493  8.17962   -2.23604  1.000 33.51933 ? 68  THR A CG2 1 
ATOM   496 N  N   . ILE A 1 69  ? -5.69611  5.84783   -0.42558  1.000 27.18395 ? 69  ILE A N   1 
ATOM   497 C  CA  . ILE A 1 69  ? -5.87042  4.40161   -0.42843  1.000 27.02970 ? 69  ILE A CA  1 
ATOM   498 C  C   . ILE A 1 69  ? -7.31630  4.09081   -0.78463  1.000 30.20919 ? 69  ILE A C   1 
ATOM   499 O  O   . ILE A 1 69  ? -8.24996  4.73917   -0.29359  1.000 31.58324 ? 69  ILE A O   1 
ATOM   500 C  CB  . ILE A 1 69  ? -5.46820  3.77701   0.92468   1.000 25.84618 ? 69  ILE A CB  1 
ATOM   501 C  CG1 . ILE A 1 69  ? -5.48677  2.24399   0.83725   1.000 27.96895 ? 69  ILE A CG1 1 
ATOM   502 C  CG2 . ILE A 1 69  ? -6.36304  4.27546   2.05588   1.000 25.08836 ? 69  ILE A CG2 1 
ATOM   503 C  CD1 . ILE A 1 69  ? -5.02570  1.55360   2.10092   1.000 25.37618 ? 69  ILE A CD1 1 
ATOM   504 N  N   . SER A 1 70  ? -7.50122  3.12178   -1.67390  1.000 30.33759 ? 70  SER A N   1 
ATOM   505 C  CA  A SER A 1 70  ? -8.82702  2.68849   -2.08326  0.799 30.64241 ? 70  SER A CA  1 
ATOM   506 C  CA  B SER A 1 70  ? -8.82181  2.69113   -2.10321  0.201 30.61620 ? 70  SER A CA  1 
ATOM   507 C  C   . SER A 1 70  ? -8.80619  1.17902   -2.27062  1.000 34.83058 ? 70  SER A C   1 
ATOM   508 O  O   . SER A 1 70  ? -7.74654  0.54788   -2.29366  1.000 30.46414 ? 70  SER A O   1 
ATOM   509 C  CB  A SER A 1 70  ? -9.28378  3.39575   -3.36593  0.799 30.56727 ? 70  SER A CB  1 
ATOM   510 C  CB  B SER A 1 70  ? -9.24127  3.38013   -3.40750  0.201 30.72590 ? 70  SER A CB  1 
ATOM   511 O  OG  A SER A 1 70  ? -8.38360  3.15547   -4.43317  0.799 31.51835 ? 70  SER A OG  1 
ATOM   512 O  OG  B SER A 1 70  ? -9.13001  4.78803   -3.29659  0.201 31.22356 ? 70  SER A OG  1 
ATOM   513 N  N   . ARG A 1 71  ? -9.99454  0.59541   -2.39574  1.000 30.08313 ? 71  ARG A N   1 
ATOM   514 C  CA  . ARG A 1 71  ? -10.11226 -0.84743  -2.53928  1.000 34.18979 ? 71  ARG A CA  1 
ATOM   515 C  C   . ARG A 1 71  ? -11.23315 -1.18181  -3.51069  1.000 38.08443 ? 71  ARG A C   1 
ATOM   516 O  O   . ARG A 1 71  ? -12.25460 -0.49198  -3.56970  1.000 37.83942 ? 71  ARG A O   1 
ATOM   517 C  CB  . ARG A 1 71  ? -10.36271 -1.52647  -1.18360  1.000 33.45785 ? 71  ARG A CB  1 
ATOM   518 C  CG  . ARG A 1 71  ? -11.59678 -1.02934  -0.44145  1.000 36.79428 ? 71  ARG A CG  1 
ATOM   519 C  CD  . ARG A 1 71  ? -12.79162 -1.93246  -0.68576  1.000 43.36729 ? 71  ARG A CD  1 
ATOM   520 N  NE  . ARG A 1 71  ? -13.98214 -1.47453  0.01817   1.000 35.71078 ? 71  ARG A NE  1 
ATOM   521 C  CZ  . ARG A 1 71  ? -14.86485 -0.62175  -0.48135  1.000 41.90929 ? 71  ARG A CZ  1 
ATOM   522 N  NH1 . ARG A 1 71  ? -14.71433 -0.09675  -1.68731  1.000 36.44420 ? 71  ARG A NH1 1 
ATOM   523 N  NH2 . ARG A 1 71  ? -15.92596 -0.28758  0.24707   1.000 46.86834 ? 71  ARG A NH2 1 
ATOM   524 N  N   . ASP A 1 72  ? -11.02979 -2.25532  -4.26774  1.000 38.99452 ? 72  ASP A N   1 
ATOM   525 C  CA  . ASP A 1 72  ? -12.02313 -2.79050  -5.19624  1.000 41.80767 ? 72  ASP A CA  1 
ATOM   526 C  C   . ASP A 1 72  ? -12.31106 -4.22314  -4.75596  1.000 42.12080 ? 72  ASP A C   1 
ATOM   527 O  O   . ASP A 1 72  ? -11.53003 -5.13496  -5.04673  1.000 41.72622 ? 72  ASP A O   1 
ATOM   528 C  CB  . ASP A 1 72  ? -11.51491 -2.72726  -6.63456  1.000 43.17401 ? 72  ASP A CB  1 
ATOM   529 C  CG  . ASP A 1 72  ? -12.59825 -3.02036  -7.65681  1.000 49.58857 ? 72  ASP A CG  1 
ATOM   530 O  OD1 . ASP A 1 72  ? -13.59683 -3.68874  -7.31035  1.000 50.14345 ? 72  ASP A OD1 1 
ATOM   531 O  OD2 . ASP A 1 72  ? -12.44323 -2.58264  -8.81620  1.000 52.90798 ? 72  ASP A OD2 1 
ATOM   532 N  N   . LEU A 1 73  ? -13.43193 -4.41711  -4.05220  1.000 43.29064 ? 73  LEU A N   1 
ATOM   533 C  CA  . LEU A 1 73  ? -13.74422 -5.73098  -3.49519  1.000 43.36274 ? 73  LEU A CA  1 
ATOM   534 C  C   . LEU A 1 73  ? -13.92511 -6.78197  -4.58178  1.000 43.81374 ? 73  LEU A C   1 
ATOM   535 O  O   . LEU A 1 73  ? -13.56299 -7.94698  -4.38236  1.000 43.86361 ? 73  LEU A O   1 
ATOM   536 C  CB  . LEU A 1 73  ? -15.00002 -5.64949  -2.62608  1.000 39.81128 ? 73  LEU A CB  1 
ATOM   537 C  CG  . LEU A 1 73  ? -14.89839 -4.81283  -1.35132  1.000 44.86986 ? 73  LEU A CG  1 
ATOM   538 C  CD1 . LEU A 1 73  ? -16.25309 -4.69368  -0.67862  1.000 45.18854 ? 73  LEU A CD1 1 
ATOM   539 C  CD2 . LEU A 1 73  ? -13.88037 -5.41763  -0.39904  1.000 44.94478 ? 73  LEU A CD2 1 
ATOM   540 N  N   . ALA A 1 74  ? -14.48223 -6.39526  -5.73104  1.000 44.25309 ? 74  ALA A N   1 
ATOM   541 C  CA  . ALA A 1 74  ? -14.70146 -7.35661  -6.80695  1.000 45.07162 ? 74  ALA A CA  1 
ATOM   542 C  C   . ALA A 1 74  ? -13.38286 -7.87155  -7.36682  1.000 45.86773 ? 74  ALA A C   1 
ATOM   543 O  O   . ALA A 1 74  ? -13.25953 -9.05966  -7.68816  1.000 45.90497 ? 74  ALA A O   1 
ATOM   544 C  CB  . ALA A 1 74  ? -15.54379 -6.72391  -7.91384  1.000 45.88447 ? 74  ALA A CB  1 
ATOM   545 N  N   . LYS A 1 75  ? -12.38963 -6.99538  -7.49521  1.000 42.88791 ? 75  LYS A N   1 
ATOM   546 C  CA  . LYS A 1 75  ? -11.07074 -7.39352  -7.96144  1.000 40.86195 ? 75  LYS A CA  1 
ATOM   547 C  C   . LYS A 1 75  ? -10.14719 -7.80358  -6.82493  1.000 40.54956 ? 75  LYS A C   1 
ATOM   548 O  O   . LYS A 1 75  ? -9.02713  -8.25584  -7.09159  1.000 38.70802 ? 75  LYS A O   1 
ATOM   549 C  CB  . LYS A 1 75  ? -10.42603 -6.25395  -8.76003  1.000 43.90186 ? 75  LYS A CB  1 
ATOM   550 C  CG  . LYS A 1 75  ? -11.27726 -5.75740  -9.91664  1.000 45.08731 ? 75  LYS A CG  1 
ATOM   551 C  CD  . LYS A 1 75  ? -10.63473 -4.57666  -10.62894 1.000 47.29483 ? 75  LYS A CD  1 
ATOM   552 C  CE  . LYS A 1 75  ? -11.58337 -3.98948  -11.66573 1.000 51.85713 ? 75  LYS A CE  1 
ATOM   553 N  NZ  . LYS A 1 75  ? -11.00601 -2.80604  -12.36273 1.000 59.49778 ? 75  LYS A NZ  1 
ATOM   554 N  N   . SER A 1 76  ? -10.59468 -7.66214  -5.57657  1.000 39.02330 ? 76  SER A N   1 
ATOM   555 C  CA  . SER A 1 76  ? -9.78269  -7.95826  -4.39787  1.000 39.87808 ? 76  SER A CA  1 
ATOM   556 C  C   . SER A 1 76  ? -8.44191  -7.23033  -4.46941  1.000 37.13934 ? 76  SER A C   1 
ATOM   557 O  O   . SER A 1 76  ? -7.37384  -7.80582  -4.24989  1.000 36.77657 ? 76  SER A O   1 
ATOM   558 C  CB  . SER A 1 76  ? -9.58738  -9.46613  -4.23117  1.000 42.19244 ? 76  SER A CB  1 
ATOM   559 O  OG  . SER A 1 76  ? -8.87181  -9.75113  -3.04346  1.000 43.55467 ? 76  SER A OG  1 
ATOM   560 N  N   . THR A 1 77  ? -8.50730  -5.94060  -4.79063  1.000 35.54082 ? 77  THR A N   1 
ATOM   561 C  CA  . THR A 1 77  ? -7.31770  -5.13641  -5.02821  1.000 34.90373 ? 77  THR A CA  1 
ATOM   562 C  C   . THR A 1 77  ? -7.42130  -3.83281  -4.25612  1.000 34.78838 ? 77  THR A C   1 
ATOM   563 O  O   . THR A 1 77  ? -8.43468  -3.13226  -4.34793  1.000 36.14374 ? 77  THR A O   1 
ATOM   564 C  CB  . THR A 1 77  ? -7.13809  -4.84672  -6.52175  1.000 37.14411 ? 77  THR A CB  1 
ATOM   565 O  OG1 . THR A 1 77  ? -7.01532  -6.08237  -7.23662  1.000 37.33473 ? 77  THR A OG1 1 
ATOM   566 C  CG2 . THR A 1 77  ? -5.89470  -4.00342  -6.76053  1.000 34.41390 ? 77  THR A CG2 1 
ATOM   567 N  N   A VAL A 1 78  ? -6.37066  -3.51733  -3.50350  0.902 33.04586 ? 78  VAL A N   1 
ATOM   568 N  N   B VAL A 1 78  ? -6.38826  -3.51402  -3.48253  0.098 33.04293 ? 78  VAL A N   1 
ATOM   569 C  CA  A VAL A 1 78  ? -6.24045  -2.25705  -2.78317  0.902 31.32293 ? 78  VAL A CA  1 
ATOM   570 C  CA  B VAL A 1 78  ? -6.29708  -2.23456  -2.79040  0.098 31.42141 ? 78  VAL A CA  1 
ATOM   571 C  C   A VAL A 1 78  ? -5.20898  -1.40744  -3.51043  0.902 32.15823 ? 78  VAL A C   1 
ATOM   572 C  C   B VAL A 1 78  ? -5.22138  -1.40314  -3.47574  0.098 31.97476 ? 78  VAL A C   1 
ATOM   573 O  O   A VAL A 1 78  ? -4.13428  -1.90149  -3.87369  0.902 30.98844 ? 78  VAL A O   1 
ATOM   574 O  O   B VAL A 1 78  ? -4.13706  -1.90899  -3.79095  0.098 31.13549 ? 78  VAL A O   1 
ATOM   575 C  CB  A VAL A 1 78  ? -5.83676  -2.48642  -1.31654  0.902 30.56704 ? 78  VAL A CB  1 
ATOM   576 C  CB  B VAL A 1 78  ? -6.01676  -2.40698  -1.28538  0.098 30.92484 ? 78  VAL A CB  1 
ATOM   577 C  CG1 A VAL A 1 78  ? -5.54404  -1.16285  -0.62346  0.902 31.51281 ? 78  VAL A CG1 1 
ATOM   578 C  CG1 B VAL A 1 78  ? -7.18931  -3.09407  -0.60841  0.098 33.61844 ? 78  VAL A CG1 1 
ATOM   579 C  CG2 A VAL A 1 78  ? -6.93189  -3.23246  -0.58920  0.902 33.87047 ? 78  VAL A CG2 1 
ATOM   580 C  CG2 B VAL A 1 78  ? -4.75065  -3.19390  -1.04641  0.098 31.46918 ? 78  VAL A CG2 1 
ATOM   581 N  N   . TYR A 1 79  ? -5.53584  -0.13867  -3.73120  1.000 30.14032 ? 79  TYR A N   1 
ATOM   582 C  CA  . TYR A 1 79  ? -4.66919  0.76742   -4.46315  1.000 27.56412 ? 79  TYR A CA  1 
ATOM   583 C  C   . TYR A 1 79  ? -4.10431  1.82800   -3.53101  1.000 27.93317 ? 79  TYR A C   1 
ATOM   584 O  O   . TYR A 1 79  ? -4.74194  2.22267   -2.55087  1.000 27.02871 ? 79  TYR A O   1 
ATOM   585 C  CB  . TYR A 1 79  ? -5.42605  1.44998   -5.60677  1.000 30.91691 ? 79  TYR A CB  1 
ATOM   586 C  CG  . TYR A 1 79  ? -6.12500  0.49605   -6.55059  1.000 35.49017 ? 79  TYR A CG  1 
ATOM   587 C  CD1 . TYR A 1 79  ? -5.46849  -0.02322  -7.66040  1.000 39.33936 ? 79  TYR A CD1 1 
ATOM   588 C  CD2 . TYR A 1 79  ? -7.44565  0.12610   -6.33868  1.000 35.74896 ? 79  TYR A CD2 1 
ATOM   589 C  CE1 . TYR A 1 79  ? -6.10842  -0.89294  -8.52812  1.000 40.02936 ? 79  TYR A CE1 1 
ATOM   590 C  CE2 . TYR A 1 79  ? -8.09218  -0.74021  -7.19730  1.000 40.48635 ? 79  TYR A CE2 1 
ATOM   591 C  CZ  . TYR A 1 79  ? -7.42156  -1.24617  -8.29006  1.000 39.73308 ? 79  TYR A CZ  1 
ATOM   592 O  OH  . TYR A 1 79  ? -8.07135  -2.10894  -9.14210  1.000 42.81251 ? 79  TYR A OH  1 
ATOM   593 N  N   . LEU A 1 80  ? -2.89631  2.28738   -3.84720  1.000 26.37250 ? 80  LEU A N   1 
ATOM   594 C  CA  . LEU A 1 80  ? -2.30248  3.44622   -3.18420  1.000 25.54010 ? 80  LEU A CA  1 
ATOM   595 C  C   . LEU A 1 80  ? -1.92394  4.44606   -4.26989  1.000 24.49827 ? 80  LEU A C   1 
ATOM   596 O  O   . LEU A 1 80  ? -0.93584  4.25463   -4.98574  1.000 25.13234 ? 80  LEU A O   1 
ATOM   597 C  CB  . LEU A 1 80  ? -1.09627  3.06317   -2.33713  1.000 24.90035 ? 80  LEU A CB  1 
ATOM   598 C  CG  . LEU A 1 80  ? -0.58376  4.22716   -1.48689  1.000 26.20097 ? 80  LEU A CG  1 
ATOM   599 C  CD1 . LEU A 1 80  ? -1.59751  4.57400   -0.40066  1.000 27.10877 ? 80  LEU A CD1 1 
ATOM   600 C  CD2 . LEU A 1 80  ? 0.77998   3.91776   -0.89246  1.000 24.74221 ? 80  LEU A CD2 1 
ATOM   601 N  N   . GLN A 1 81  ? -2.72438  5.49947   -4.39675  1.000 23.88233 ? 81  GLN A N   1 
ATOM   602 C  CA  . GLN A 1 81  ? -2.45220  6.58837   -5.32318  1.000 24.12218 ? 81  GLN A CA  1 
ATOM   603 C  C   . GLN A 1 81  ? -1.53341  7.58953   -4.63759  1.000 24.27178 ? 81  GLN A C   1 
ATOM   604 O  O   . GLN A 1 81  ? -1.92141  8.21402   -3.64674  1.000 28.51949 ? 81  GLN A O   1 
ATOM   605 C  CB  . GLN A 1 81  ? -3.75219  7.26445   -5.75476  1.000 26.07298 ? 81  GLN A CB  1 
ATOM   606 C  CG  . GLN A 1 81  ? -3.54473  8.47351   -6.63727  1.000 25.43417 ? 81  GLN A CG  1 
ATOM   607 C  CD  . GLN A 1 81  ? -2.96468  8.09980   -7.97843  1.000 29.63339 ? 81  GLN A CD  1 
ATOM   608 O  OE1 . GLN A 1 81  ? -3.34469  7.08815   -8.56730  1.000 32.19653 ? 81  GLN A OE1 1 
ATOM   609 N  NE2 . GLN A 1 81  ? -2.03373  8.91034   -8.47050  1.000 31.30788 ? 81  GLN A NE2 1 
ATOM   610 N  N   . MET A 1 82  ? -0.32186  7.74042   -5.15413  1.000 21.60446 ? 82  MET A N   1 
ATOM   611 C  CA  . MET A 1 82  ? 0.69214   8.58227   -4.53051  1.000 24.48639 ? 82  MET A CA  1 
ATOM   612 C  C   . MET A 1 82  ? 0.95197   9.78105   -5.42888  1.000 24.69797 ? 82  MET A C   1 
ATOM   613 O  O   . MET A 1 82  ? 1.56329   9.64375   -6.49121  1.000 24.15552 ? 82  MET A O   1 
ATOM   614 C  CB  . MET A 1 82  ? 1.97443   7.79382   -4.28672  1.000 23.11349 ? 82  MET A CB  1 
ATOM   615 C  CG  . MET A 1 82  ? 1.77451   6.57925   -3.40172  1.000 22.41675 ? 82  MET A CG  1 
ATOM   616 S  SD  . MET A 1 82  ? 3.30543   5.66159   -3.21701  1.000 27.32760 ? 82  MET A SD  1 
ATOM   617 C  CE  . MET A 1 82  ? 3.68193   5.28333   -4.91849  1.000 24.28559 ? 82  MET A CE  1 
ATOM   618 N  N   . ASP A 1 83  ? 0.49064   10.94895  -5.00294  1.000 23.03608 ? 83  ASP A N   1 
ATOM   619 C  CA  . ASP A 1 83  ? 0.71230   12.18384  -5.73508  1.000 23.10993 ? 83  ASP A CA  1 
ATOM   620 C  C   . ASP A 1 83  ? 1.79965   13.00766  -5.06052  1.000 23.16835 ? 83  ASP A C   1 
ATOM   621 O  O   . ASP A 1 83  ? 2.03459   12.89029  -3.85462  1.000 25.22572 ? 83  ASP A O   1 
ATOM   622 C  CB  . ASP A 1 83  ? -0.57402  13.00769  -5.82708  1.000 24.67377 ? 83  ASP A CB  1 
ATOM   623 C  CG  . ASP A 1 83  ? -1.60859  12.37803  -6.74067  1.000 28.81240 ? 83  ASP A CG  1 
ATOM   624 O  OD1 . ASP A 1 83  ? -1.33457  11.30066  -7.30785  1.000 28.64608 ? 83  ASP A OD1 1 
ATOM   625 O  OD2 . ASP A 1 83  ? -2.69812  12.96652  -6.89841  1.000 30.94406 ? 83  ASP A OD2 1 
ATOM   626 N  N   . TYR A 1 84  ? 2.45251   13.85149  -5.86013  1.000 21.08731 ? 84  TYR A N   1 
ATOM   627 C  CA  . TYR A 1 84  ? 3.44805   14.80895  -5.37914  1.000 24.37908 ? 84  TYR A CA  1 
ATOM   628 C  C   . TYR A 1 84  ? 4.53041   14.11607  -4.55808  1.000 24.16894 ? 84  TYR A C   1 
ATOM   629 O  O   . TYR A 1 84  ? 4.82375   14.48451  -3.41737  1.000 22.10955 ? 84  TYR A O   1 
ATOM   630 C  CB  . TYR A 1 84  ? 2.77945   15.93539  -4.59211  1.000 24.42718 ? 84  TYR A CB  1 
ATOM   631 C  CG  . TYR A 1 84  ? 1.83698   16.73832  -5.45071  1.000 23.12653 ? 84  TYR A CG  1 
ATOM   632 C  CD1 . TYR A 1 84  ? 2.32031   17.51693  -6.49323  1.000 26.48852 ? 84  TYR A CD1 1 
ATOM   633 C  CD2 . TYR A 1 84  ? 0.46622   16.70886  -5.23358  1.000 27.47851 ? 84  TYR A CD2 1 
ATOM   634 C  CE1 . TYR A 1 84  ? 1.46936   18.24977  -7.28998  1.000 24.98879 ? 84  TYR A CE1 1 
ATOM   635 C  CE2 . TYR A 1 84  ? -0.39755  17.44161  -6.02863  1.000 25.69645 ? 84  TYR A CE2 1 
ATOM   636 C  CZ  . TYR A 1 84  ? 0.11294   18.20827  -7.05668  1.000 25.66798 ? 84  TYR A CZ  1 
ATOM   637 O  OH  . TYR A 1 84  ? -0.73210  18.94357  -7.85387  1.000 28.46148 ? 84  TYR A OH  1 
ATOM   638 N  N   . LEU A 1 85  ? 5.13368   13.09853  -5.16559  1.000 23.84672 ? 85  LEU A N   1 
ATOM   639 C  CA  . LEU A 1 85  ? 6.15971   12.32098  -4.49130  1.000 23.05002 ? 85  LEU A CA  1 
ATOM   640 C  C   . LEU A 1 85  ? 7.41873   13.15201  -4.28417  1.000 22.22914 ? 85  LEU A C   1 
ATOM   641 O  O   . LEU A 1 85  ? 7.78853   13.97599  -5.12432  1.000 23.63038 ? 85  LEU A O   1 
ATOM   642 C  CB  . LEU A 1 85  ? 6.47093   11.06110  -5.29708  1.000 23.35988 ? 85  LEU A CB  1 
ATOM   643 C  CG  . LEU A 1 85  ? 5.35960   10.01461  -5.19081  1.000 20.31596 ? 85  LEU A CG  1 
ATOM   644 C  CD1 . LEU A 1 85  ? 5.40124   9.03637   -6.34914  1.000 22.72053 ? 85  LEU A CD1 1 
ATOM   645 C  CD2 . LEU A 1 85  ? 5.45748   9.28051   -3.85763  1.000 19.20534 ? 85  LEU A CD2 1 
ATOM   646 N  N   . LYS A 1 86  ? 8.06731   12.93913  -3.14875  1.000 26.16569 ? 86  LYS A N   1 
ATOM   647 C  CA  . LYS A 1 86  ? 9.29471   13.61653  -2.77120  1.000 25.62028 ? 86  LYS A CA  1 
ATOM   648 C  C   . LYS A 1 86  ? 10.42421  12.60167  -2.68020  1.000 23.51385 ? 86  LYS A C   1 
ATOM   649 O  O   . LYS A 1 86  ? 10.17386  11.39931  -2.54221  1.000 23.63338 ? 86  LYS A O   1 
ATOM   650 C  CB  . LYS A 1 86  ? 9.12497   14.33573  -1.42471  1.000 29.78892 ? 86  LYS A CB  1 
ATOM   651 C  CG  . LYS A 1 86  ? 8.08937   15.45027  -1.45968  1.000 32.98041 ? 86  LYS A CG  1 
ATOM   652 C  CD  . LYS A 1 86  ? 7.85590   16.05066  -0.08206  1.000 38.91335 ? 86  LYS A CD  1 
ATOM   653 C  CE  . LYS A 1 86  ? 7.18430   15.05859  0.84785   1.000 39.34514 ? 86  LYS A CE  1 
ATOM   654 N  NZ  . LYS A 1 86  ? 6.78226   15.68244  2.14323   1.000 46.00093 ? 86  LYS A NZ  1 
ATOM   655 N  N   . PRO A 1 87  ? 11.68116  13.04563  -2.77994  1.000 28.16099 ? 87  PRO A N   1 
ATOM   656 C  CA  . PRO A 1 87  ? 12.80016  12.10978  -2.59148  1.000 24.95735 ? 87  PRO A CA  1 
ATOM   657 C  C   . PRO A 1 87  ? 12.70756  11.32193  -1.29885  1.000 26.28755 ? 87  PRO A C   1 
ATOM   658 O  O   . PRO A 1 87  ? 13.10981  10.15231  -1.25802  1.000 23.92331 ? 87  PRO A O   1 
ATOM   659 C  CB  . PRO A 1 87  ? 14.02500  13.03314  -2.60707  1.000 26.72912 ? 87  PRO A CB  1 
ATOM   660 C  CG  . PRO A 1 87  ? 13.60912  14.17777  -3.45994  1.000 29.42741 ? 87  PRO A CG  1 
ATOM   661 C  CD  . PRO A 1 87  ? 12.14492  14.38884  -3.17800  1.000 26.62893 ? 87  PRO A CD  1 
ATOM   662 N  N   . GLU A 1 88  ? 12.15542  11.92191  -0.24462  1.000 25.82813 ? 88  GLU A N   1 
ATOM   663 C  CA  . GLU A 1 88  ? 12.01045  11.24068  1.03362   1.000 32.13623 ? 88  GLU A CA  1 
ATOM   664 C  C   . GLU A 1 88  ? 10.97073  10.12477  0.99704   1.000 26.71572 ? 88  GLU A C   1 
ATOM   665 O  O   . GLU A 1 88  ? 10.87828  9.36038   1.96118   1.000 24.76682 ? 88  GLU A O   1 
ATOM   666 C  CB  . GLU A 1 88  ? 11.65655  12.25722  2.12343   1.000 34.68174 ? 88  GLU A CB  1 
ATOM   667 C  CG  . GLU A 1 88  ? 12.74198  13.29858  2.40439   1.000 43.44328 ? 88  GLU A CG  1 
ATOM   668 C  CD  . GLU A 1 88  ? 12.79974  14.42124  1.37068   1.000 47.58350 ? 88  GLU A CD  1 
ATOM   669 O  OE1 . GLU A 1 88  ? 11.90877  14.49067  0.49474   1.000 41.01826 ? 88  GLU A OE1 1 
ATOM   670 O  OE2 . GLU A 1 88  ? 13.74324  15.23941  1.43824   1.000 54.54057 ? 88  GLU A OE2 1 
ATOM   671 N  N   . ASP A 1 89  ? 10.19006  10.01372  -0.07728  1.000 24.49353 ? 89  ASP A N   1 
ATOM   672 C  CA  . ASP A 1 89  ? 9.26597   8.89945   -0.24812  1.000 23.01709 ? 89  ASP A CA  1 
ATOM   673 C  C   . ASP A 1 89  ? 9.92708   7.66886   -0.85845  1.000 22.62764 ? 89  ASP A C   1 
ATOM   674 O  O   . ASP A 1 89  ? 9.26216   6.63692   -1.00956  1.000 20.40236 ? 89  ASP A O   1 
ATOM   675 C  CB  . ASP A 1 89  ? 8.08375   9.32906   -1.11588  1.000 20.94224 ? 89  ASP A CB  1 
ATOM   676 C  CG  . ASP A 1 89  ? 7.25982   10.42587  -0.47092  1.000 27.69540 ? 89  ASP A CG  1 
ATOM   677 O  OD1 . ASP A 1 89  ? 6.93618   10.30069  0.73102   1.000 24.08350 ? 89  ASP A OD1 1 
ATOM   678 O  OD2 . ASP A 1 89  ? 6.94426   11.41358  -1.16427  1.000 26.02275 ? 89  ASP A OD2 1 
ATOM   679 N  N   . THR A 1 90  ? 11.20379  7.75473   -1.22253  1.000 21.25456 ? 90  THR A N   1 
ATOM   680 C  CA  . THR A 1 90  ? 11.91686  6.58937   -1.72765  1.000 21.49628 ? 90  THR A CA  1 
ATOM   681 C  C   . THR A 1 90  ? 11.96217  5.50630   -0.65947  1.000 18.73929 ? 90  THR A C   1 
ATOM   682 O  O   . THR A 1 90  ? 12.39578  5.74902   0.47116   1.000 21.52781 ? 90  THR A O   1 
ATOM   683 C  CB  . THR A 1 90  ? 13.33282  6.97813   -2.15347  1.000 17.97183 ? 90  THR A CB  1 
ATOM   684 O  OG1 . THR A 1 90  ? 13.26328  7.90824   -3.23868  1.000 21.36246 ? 90  THR A OG1 1 
ATOM   685 C  CG2 . THR A 1 90  ? 14.11944  5.74800   -2.59937  1.000 24.41359 ? 90  THR A CG2 1 
ATOM   686 N  N   . ALA A 1 91  ? 11.50157  4.31223   -1.01948  1.000 19.90353 ? 91  ALA A N   1 
ATOM   687 C  CA  . ALA A 1 91  ? 11.40888  3.19563   -0.08924  1.000 21.76598 ? 91  ALA A CA  1 
ATOM   688 C  C   . ALA A 1 91  ? 10.86923  1.99616   -0.85337  1.000 23.45404 ? 91  ALA A C   1 
ATOM   689 O  O   . ALA A 1 91  ? 10.44925  2.10825   -2.00938  1.000 20.91906 ? 91  ALA A O   1 
ATOM   690 C  CB  . ALA A 1 91  ? 10.50313  3.50965   1.10603   1.000 19.27370 ? 91  ALA A CB  1 
ATOM   691 N  N   . VAL A 1 92  ? 10.89027  0.84344   -0.19007  1.000 22.16778 ? 92  VAL A N   1 
ATOM   692 C  CA  . VAL A 1 92  ? 10.15945  -0.33175  -0.64826  1.000 20.26659 ? 92  VAL A CA  1 
ATOM   693 C  C   . VAL A 1 92  ? 8.79405   -0.31227  0.02551   1.000 19.23121 ? 92  VAL A C   1 
ATOM   694 O  O   . VAL A 1 92  ? 8.70159   -0.27516  1.25694   1.000 17.91399 ? 92  VAL A O   1 
ATOM   695 C  CB  . VAL A 1 92  ? 10.91425  -1.62963  -0.32662  1.000 20.58641 ? 92  VAL A CB  1 
ATOM   696 C  CG1 . VAL A 1 92  ? 10.12237  -2.83188  -0.82862  1.000 21.32235 ? 92  VAL A CG1 1 
ATOM   697 C  CG2 . VAL A 1 92  ? 12.30725  -1.60674  -0.93995  1.000 27.03164 ? 92  VAL A CG2 1 
ATOM   698 N  N   . TYR A 1 93  ? 7.73603   -0.33068  -0.77535  1.000 16.56538 ? 93  TYR A N   1 
ATOM   699 C  CA  . TYR A 1 93  ? 6.37515   -0.22650  -0.26868  1.000 20.20921 ? 93  TYR A CA  1 
ATOM   700 C  C   . TYR A 1 93  ? 5.76252   -1.61358  -0.15786  1.000 22.08070 ? 93  TYR A C   1 
ATOM   701 O  O   . TYR A 1 93  ? 5.82346   -2.39988  -1.10607  1.000 22.34375 ? 93  TYR A O   1 
ATOM   702 C  CB  . TYR A 1 93  ? 5.52459   0.66470   -1.17366  1.000 22.47288 ? 93  TYR A CB  1 
ATOM   703 C  CG  . TYR A 1 93  ? 5.84391   2.13315   -1.01399  1.000 21.00902 ? 93  TYR A CG  1 
ATOM   704 C  CD1 . TYR A 1 93  ? 7.09739   2.63041   -1.35028  1.000 20.73151 ? 93  TYR A CD1 1 
ATOM   705 C  CD2 . TYR A 1 93  ? 4.90022   3.01805   -0.51274  1.000 19.43372 ? 93  TYR A CD2 1 
ATOM   706 C  CE1 . TYR A 1 93  ? 7.40137   3.96950   -1.19457  1.000 20.94920 ? 93  TYR A CE1 1 
ATOM   707 C  CE2 . TYR A 1 93  ? 5.19333   4.36373   -0.35827  1.000 22.57460 ? 93  TYR A CE2 1 
ATOM   708 C  CZ  . TYR A 1 93  ? 6.44530   4.83242   -0.69878  1.000 20.81889 ? 93  TYR A CZ  1 
ATOM   709 O  OH  . TYR A 1 93  ? 6.74413   6.16725   -0.54362  1.000 19.98070 ? 93  TYR A OH  1 
ATOM   710 N  N   . TYR A 1 94  ? 5.18103   -1.90760  1.00009   1.000 21.76995 ? 94  TYR A N   1 
ATOM   711 C  CA  . TYR A 1 94  ? 4.55058   -3.18990  1.26656   1.000 23.26638 ? 94  TYR A CA  1 
ATOM   712 C  C   . TYR A 1 94  ? 3.07606   -2.98137  1.55689   1.000 24.68329 ? 94  TYR A C   1 
ATOM   713 O  O   . TYR A 1 94  ? 2.69501   -2.01812  2.22692   1.000 24.80898 ? 94  TYR A O   1 
ATOM   714 C  CB  . TYR A 1 94  ? 5.19359   -3.90258  2.46062   1.000 23.02109 ? 94  TYR A CB  1 
ATOM   715 C  CG  . TYR A 1 94  ? 6.65335   -4.23746  2.28676   1.000 26.37642 ? 94  TYR A CG  1 
ATOM   716 C  CD1 . TYR A 1 94  ? 7.63793   -3.30533  2.58150   1.000 22.71369 ? 94  TYR A CD1 1 
ATOM   717 C  CD2 . TYR A 1 94  ? 7.04855   -5.49464  1.84858   1.000 26.47674 ? 94  TYR A CD2 1 
ATOM   718 C  CE1 . TYR A 1 94  ? 8.97135   -3.60961  2.43500   1.000 22.33490 ? 94  TYR A CE1 1 
ATOM   719 C  CE2 . TYR A 1 94  ? 8.38279   -5.80847  1.69835   1.000 24.11833 ? 94  TYR A CE2 1 
ATOM   720 C  CZ  . TYR A 1 94  ? 9.33837   -4.86192  1.99038   1.000 23.74632 ? 94  TYR A CZ  1 
ATOM   721 O  OH  . TYR A 1 94  ? 10.66813  -5.16640  1.84261   1.000 25.66598 ? 94  TYR A OH  1 
ATOM   722 N  N   . CYS A 1 95  ? 2.24966   -3.88364  1.05277   1.000 25.94352 ? 95  CYS A N   1 
ATOM   723 C  CA  . CYS A 1 95  ? 0.86621   -3.95364  1.48478   1.000 25.17086 ? 95  CYS A CA  1 
ATOM   724 C  C   . CYS A 1 95  ? 0.69392   -5.13617  2.42241   1.000 26.74159 ? 95  CYS A C   1 
ATOM   725 O  O   . CYS A 1 95  ? 1.40119   -6.14236  2.31774   1.000 25.29174 ? 95  CYS A O   1 
ATOM   726 C  CB  . CYS A 1 95  ? -0.09030  -4.08112  0.29905   1.000 30.67166 ? 95  CYS A CB  1 
ATOM   727 S  SG  . CYS A 1 95  ? 0.03279   -5.61051  -0.66627  1.000 36.14541 ? 95  CYS A SG  1 
ATOM   728 N  N   . ASN A 1 96  ? -0.23817  -4.99643  3.35936   1.000 25.01091 ? 96  ASN A N   1 
ATOM   729 C  CA  . ASN A 1 96  ? -0.61222  -6.08967  4.23947   1.000 26.79175 ? 96  ASN A CA  1 
ATOM   730 C  C   . ASN A 1 96  ? -2.12455  -6.25100  4.20425   1.000 29.98226 ? 96  ASN A C   1 
ATOM   731 O  O   . ASN A 1 96  ? -2.85193  -5.40959  3.66976   1.000 28.98936 ? 96  ASN A O   1 
ATOM   732 C  CB  . ASN A 1 96  ? -0.11241  -5.86939  5.67942   1.000 29.41103 ? 96  ASN A CB  1 
ATOM   733 C  CG  . ASN A 1 96  ? -1.02540  -4.97075  6.49577   1.000 32.03643 ? 96  ASN A CG  1 
ATOM   734 O  OD1 . ASN A 1 96  ? -1.68189  -4.07629  5.96551   1.000 34.09278 ? 96  ASN A OD1 1 
ATOM   735 N  ND2 . ASN A 1 96  ? -1.06053  -5.20291  7.80291   1.000 30.92370 ? 96  ASN A ND2 1 
ATOM   736 N  N   . ALA A 1 97  ? -2.59489  -7.35197  4.77720   1.000 24.42395 ? 97  ALA A N   1 
ATOM   737 C  CA  . ALA A 1 97  ? -4.02260  -7.62421  4.83800   1.000 31.58140 ? 97  ALA A CA  1 
ATOM   738 C  C   . ALA A 1 97  ? -4.31073  -8.41709  6.10066   1.000 33.12796 ? 97  ALA A C   1 
ATOM   739 O  O   . ALA A 1 97  ? -3.68515  -9.45522  6.33682   1.000 34.01968 ? 97  ALA A O   1 
ATOM   740 C  CB  . ALA A 1 97  ? -4.49470  -8.39472  3.60077   1.000 30.17507 ? 97  ALA A CB  1 
ATOM   741 N  N   . ASP A 1 98  ? -5.23716  -7.91503  6.91285   1.000 35.85210 ? 98  ASP A N   1 
ATOM   742 C  CA  . ASP A 1 98  ? -5.70609  -8.62949  8.09206   1.000 35.60777 ? 98  ASP A CA  1 
ATOM   743 C  C   . ASP A 1 98  ? -6.94305  -9.43729  7.72568   1.000 40.26505 ? 98  ASP A C   1 
ATOM   744 O  O   . ASP A 1 98  ? -7.90383  -8.89402  7.17079   1.000 37.06816 ? 98  ASP A O   1 
ATOM   745 C  CB  . ASP A 1 98  ? -6.02369  -7.66058  9.23179   1.000 36.94577 ? 98  ASP A CB  1 
ATOM   746 C  CG  . ASP A 1 98  ? -4.78070  -7.02683  9.82122   1.000 43.87211 ? 98  ASP A CG  1 
ATOM   747 O  OD1 . ASP A 1 98  ? -3.69153  -7.62583  9.70456   1.000 39.63365 ? 98  ASP A OD1 1 
ATOM   748 O  OD2 . ASP A 1 98  ? -4.89206  -5.93053  10.40773  1.000 54.49927 ? 98  ASP A OD2 1 
ATOM   749 N  N   . PHE A 1 99  ? -6.91629  -10.73255 8.03226   1.000 40.69256 ? 99  PHE A N   1 
ATOM   750 C  CA  . PHE A 1 99  ? -8.00834  -11.62289 7.67333   1.000 41.64270 ? 99  PHE A CA  1 
ATOM   751 C  C   . PHE A 1 99  ? -8.23379  -12.63426 8.79018   1.000 45.03186 ? 99  PHE A C   1 
ATOM   752 O  O   . PHE A 1 99  ? -7.48527  -12.69182 9.77069   1.000 43.64515 ? 99  PHE A O   1 
ATOM   753 C  CB  . PHE A 1 99  ? -7.73893  -12.32283 6.33456   1.000 38.23470 ? 99  PHE A CB  1 
ATOM   754 C  CG  . PHE A 1 99  ? -6.53678  -13.22595 6.34199   1.000 41.51517 ? 99  PHE A CG  1 
ATOM   755 C  CD1 . PHE A 1 99  ? -5.26211  -12.70931 6.17519   1.000 41.68802 ? 99  PHE A CD1 1 
ATOM   756 C  CD2 . PHE A 1 99  ? -6.68452  -14.59573 6.49438   1.000 44.41854 ? 99  PHE A CD2 1 
ATOM   757 C  CE1 . PHE A 1 99  ? -4.15511  -13.53867 6.17386   1.000 38.94120 ? 99  PHE A CE1 1 
ATOM   758 C  CE2 . PHE A 1 99  ? -5.58165  -15.43127 6.49211   1.000 45.12320 ? 99  PHE A CE2 1 
ATOM   759 C  CZ  . PHE A 1 99  ? -4.31524  -14.90153 6.32901   1.000 41.35664 ? 99  PHE A CZ  1 
ATOM   760 N  N   . ASP A 1 100 ? -9.29472  -13.42882 8.63076   1.000 46.97684 ? 100 ASP A N   1 
ATOM   761 C  CA  . ASP A 1 100 ? -9.72824  -14.40628 9.63112   1.000 45.73089 ? 100 ASP A CA  1 
ATOM   762 C  C   . ASP A 1 100 ? -10.03060 -13.72132 10.96639  1.000 46.49293 ? 100 ASP A C   1 
ATOM   763 O  O   . ASP A 1 100 ? -9.41687  -13.99897 11.99806  1.000 51.70677 ? 100 ASP A O   1 
ATOM   764 C  CB  . ASP A 1 100 ? -8.69061  -15.52221 9.79899   1.000 43.18419 ? 100 ASP A CB  1 
ATOM   765 N  N   . PHE A 1 101 ? -10.99936 -12.80591 10.92263  1.000 51.42888 ? 101 PHE A N   1 
ATOM   766 C  CA  . PHE A 1 101 ? -11.45226 -12.08172 12.10925  1.000 53.02550 ? 101 PHE A CA  1 
ATOM   767 C  C   . PHE A 1 101 ? -10.35883 -11.18288 12.68372  1.000 54.45420 ? 101 PHE A C   1 
ATOM   768 O  O   . PHE A 1 101 ? -10.25233 -11.01350 13.89925  1.000 52.75726 ? 101 PHE A O   1 
ATOM   769 N  N   . GLY A 1 102 ? -9.54098  -10.60504 11.80465  1.000 51.66554 ? 102 GLY A N   1 
ATOM   770 C  CA  . GLY A 1 102 ? -8.46974  -9.73359  12.24388  1.000 50.69823 ? 102 GLY A CA  1 
ATOM   771 C  C   . GLY A 1 102 ? -7.38308  -10.41894 13.03522  1.000 50.99346 ? 102 GLY A C   1 
ATOM   772 O  O   . GLY A 1 102 ? -6.63359  -9.74909  13.75038  1.000 58.78590 ? 102 GLY A O   1 
ATOM   773 N  N   . SER A 1 103 ? -7.27646  -11.74156 12.93217  1.000 50.70292 ? 103 SER A N   1 
ATOM   774 C  CA  . SER A 1 103 ? -6.27969  -12.49568 13.67845  1.000 54.22218 ? 103 SER A CA  1 
ATOM   775 C  C   . SER A 1 103 ? -5.05597  -12.85608 12.85137  1.000 49.16252 ? 103 SER A C   1 
ATOM   776 O  O   . SER A 1 103 ? -3.96096  -12.97526 13.40942  1.000 56.82950 ? 103 SER A O   1 
ATOM   777 C  CB  . SER A 1 103 ? -6.90141  -13.77842 14.24288  1.000 55.21652 ? 103 SER A CB  1 
ATOM   778 O  OG  . SER A 1 103 ? -7.33103  -14.63986 13.20212  1.000 56.13165 ? 103 SER A OG  1 
ATOM   779 N  N   . ARG A 1 104 ? -5.21021  -13.02624 11.54265  1.000 44.39517 ? 104 ARG A N   1 
ATOM   780 C  CA  . ARG A 1 104 ? -4.11470  -13.39514 10.66098  1.000 40.26937 ? 104 ARG A CA  1 
ATOM   781 C  C   . ARG A 1 104 ? -3.68021  -12.19288 9.83208   1.000 40.15077 ? 104 ARG A C   1 
ATOM   782 O  O   . ARG A 1 104 ? -4.46309  -11.27228 9.58560   1.000 40.01658 ? 104 ARG A O   1 
ATOM   783 C  CB  . ARG A 1 104 ? -4.51911  -14.53827 9.72769   1.000 40.39448 ? 104 ARG A CB  1 
ATOM   784 C  CG  . ARG A 1 104 ? -5.10424  -15.76310 10.41880  1.000 47.66085 ? 104 ARG A CG  1 
ATOM   785 C  CD  . ARG A 1 104 ? -4.09142  -16.44963 11.31846  1.000 51.10133 ? 104 ARG A CD  1 
ATOM   786 N  NE  . ARG A 1 104 ? -4.41633  -17.85694 11.52534  1.000 58.29249 ? 104 ARG A NE  1 
ATOM   787 C  CZ  . ARG A 1 104 ? -5.32365  -18.30146 12.38478  1.000 58.20631 ? 104 ARG A CZ  1 
ATOM   788 N  NH1 . ARG A 1 104 ? -6.03247  -17.47231 13.13305  1.000 56.21885 ? 104 ARG A NH1 1 
ATOM   789 N  NH2 . ARG A 1 104 ? -5.52718  -19.61134 12.49410  1.000 60.35276 ? 104 ARG A NH2 1 
ATOM   790 N  N   . THR A 1 105 ? -2.42437  -12.21312 9.39348   1.000 30.86963 ? 105 THR A N   1 
ATOM   791 C  CA  . THR A 1 105 ? -1.87755  -11.14448 8.57064   1.000 35.46179 ? 105 THR A CA  1 
ATOM   792 C  C   . THR A 1 105 ? -1.03100  -11.74335 7.45940   1.000 33.35296 ? 105 THR A C   1 
ATOM   793 O  O   . THR A 1 105 ? -0.30623  -12.71899 7.67533   1.000 33.87637 ? 105 THR A O   1 
ATOM   794 C  CB  . THR A 1 105 ? -1.03219  -10.16624 9.40045   1.000 34.90595 ? 105 THR A CB  1 
ATOM   795 O  OG1 . THR A 1 105 ? -1.82725  -9.62703  10.46171  1.000 38.56364 ? 105 THR A OG1 1 
ATOM   796 C  CG2 . THR A 1 105 ? -0.52327  -9.02142  8.53308   1.000 34.21283 ? 105 THR A CG2 1 
ATOM   797 N  N   . ALA A 1 106 ? -1.14655  -11.16688 6.26763   1.000 28.12309 ? 106 ALA A N   1 
ATOM   798 C  CA  . ALA A 1 106 ? -0.29661  -11.50054 5.13926   1.000 28.42968 ? 106 ALA A CA  1 
ATOM   799 C  C   . ALA A 1 106 ? 0.36008   -10.23023 4.62139   1.000 26.44108 ? 106 ALA A C   1 
ATOM   800 O  O   . ALA A 1 106 ? -0.21539  -9.14206  4.69668   1.000 26.29313 ? 106 ALA A O   1 
ATOM   801 C  CB  . ALA A 1 106 ? -1.08617  -12.17066 4.01350   1.000 30.09535 ? 106 ALA A CB  1 
ATOM   802 N  N   . TRP A 1 107 ? 1.57101   -10.37609 4.10296   1.000 22.68460 ? 107 TRP A N   1 
ATOM   803 C  CA  . TRP A 1 107 ? 2.31757   -9.26695  3.53188   1.000 24.87726 ? 107 TRP A CA  1 
ATOM   804 C  C   . TRP A 1 107 ? 2.57901   -9.52631  2.05783   1.000 29.26221 ? 107 TRP A C   1 
ATOM   805 O  O   . TRP A 1 107 ? 2.76668   -10.67220 1.63469   1.000 29.95082 ? 107 TRP A O   1 
ATOM   806 C  CB  . TRP A 1 107 ? 3.65617   -9.05595  4.24969   1.000 23.23876 ? 107 TRP A CB  1 
ATOM   807 C  CG  . TRP A 1 107 ? 3.53003   -8.48043  5.61631   1.000 23.03742 ? 107 TRP A CG  1 
ATOM   808 C  CD1 . TRP A 1 107 ? 3.45874   -9.16730  6.79057   1.000 26.35599 ? 107 TRP A CD1 1 
ATOM   809 C  CD2 . TRP A 1 107 ? 3.46168   -7.09262  5.95664   1.000 26.46102 ? 107 TRP A CD2 1 
ATOM   810 N  NE1 . TRP A 1 107 ? 3.34882   -8.29398  7.84391   1.000 25.49047 ? 107 TRP A NE1 1 
ATOM   811 C  CE2 . TRP A 1 107 ? 3.34889   -7.01258  7.35802   1.000 28.26277 ? 107 TRP A CE2 1 
ATOM   812 C  CE3 . TRP A 1 107 ? 3.48784   -5.90830  5.21217   1.000 27.26174 ? 107 TRP A CE3 1 
ATOM   813 C  CZ2 . TRP A 1 107 ? 3.26181   -5.79487  8.03212   1.000 27.69282 ? 107 TRP A CZ2 1 
ATOM   814 C  CZ3 . TRP A 1 107 ? 3.40002   -4.69994  5.88384   1.000 28.01923 ? 107 TRP A CZ3 1 
ATOM   815 C  CH2 . TRP A 1 107 ? 3.28642   -4.65426  7.27906   1.000 27.39884 ? 107 TRP A CH2 1 
ATOM   816 N  N   . GLY A 1 108 ? 2.58923   -8.45152  1.28018   1.000 26.92446 ? 108 GLY A N   1 
ATOM   817 C  CA  . GLY A 1 108 ? 3.03436   -8.54365  -0.08936  1.000 27.65348 ? 108 GLY A CA  1 
ATOM   818 C  C   . GLY A 1 108 ? 4.54167   -8.67785  -0.16841  1.000 27.60364 ? 108 GLY A C   1 
ATOM   819 O  O   . GLY A 1 108 ? 5.26543   -8.59390  0.82469   1.000 26.44648 ? 108 GLY A O   1 
ATOM   820 N  N   . GLN A 1 109 ? 5.02581   -8.89698  -1.38951  1.000 30.81578 ? 109 GLN A N   1 
ATOM   821 C  CA  . GLN A 1 109 ? 6.45876   -9.04414  -1.60826  1.000 27.39459 ? 109 GLN A CA  1 
ATOM   822 C  C   . GLN A 1 109 ? 7.19303   -7.70914  -1.63898  1.000 28.99300 ? 109 GLN A C   1 
ATOM   823 O  O   . GLN A 1 109 ? 8.42906   -7.69909  -1.60805  1.000 28.79773 ? 109 GLN A O   1 
ATOM   824 C  CB  . GLN A 1 109 ? 6.71867   -9.81062  -2.91108  1.000 28.19960 ? 109 GLN A CB  1 
ATOM   825 C  CG  . GLN A 1 109 ? 6.65806   -8.96458  -4.18174  1.000 33.79844 ? 109 GLN A CG  1 
ATOM   826 C  CD  . GLN A 1 109 ? 5.24301   -8.66208  -4.64281  1.000 31.04432 ? 109 GLN A CD  1 
ATOM   827 O  OE1 . GLN A 1 109 ? 4.27025   -8.95183  -3.94768  1.000 36.67019 ? 109 GLN A OE1 1 
ATOM   828 N  NE2 . GLN A 1 109 ? 5.12437   -8.07845  -5.82899  1.000 33.82980 ? 109 GLN A NE2 1 
ATOM   829 N  N   . GLY A 1 110 ? 6.47525   -6.59799  -1.68829  1.000 26.68448 ? 110 GLY A N   1 
ATOM   830 C  CA  . GLY A 1 110 ? 7.10674   -5.28696  -1.72602  1.000 24.15046 ? 110 GLY A CA  1 
ATOM   831 C  C   . GLY A 1 110 ? 7.41737   -4.83678  -3.13838  1.000 27.59462 ? 110 GLY A C   1 
ATOM   832 O  O   . GLY A 1 110 ? 7.64554   -5.63488  -4.04653  1.000 28.65897 ? 110 GLY A O   1 
ATOM   833 N  N   . THR A 1 111 ? 7.42008   -3.51825  -3.32872  1.000 25.50494 ? 111 THR A N   1 
ATOM   834 C  CA  . THR A 1 111 ? 7.77120   -2.93802  -4.61702  1.000 27.50968 ? 111 THR A CA  1 
ATOM   835 C  C   . THR A 1 111 ? 8.57557   -1.66830  -4.38232  1.000 27.36722 ? 111 THR A C   1 
ATOM   836 O  O   . THR A 1 111 ? 8.22148   -0.84497  -3.53112  1.000 26.04515 ? 111 THR A O   1 
ATOM   837 C  CB  . THR A 1 111 ? 6.52332   -2.65629  -5.47410  1.000 29.14643 ? 111 THR A CB  1 
ATOM   838 O  OG1 . THR A 1 111 ? 6.91878   -2.10385  -6.73741  1.000 34.23926 ? 111 THR A OG1 1 
ATOM   839 C  CG2 . THR A 1 111 ? 5.56522   -1.69534  -4.77544  1.000 27.55304 ? 111 THR A CG2 1 
ATOM   840 N  N   . GLN A 1 112 ? 9.66945   -1.52836  -5.12148  1.000 23.64902 ? 112 GLN A N   1 
ATOM   841 C  CA  . GLN A 1 112 ? 10.57787  -0.40935  -4.92442  1.000 28.22446 ? 112 GLN A CA  1 
ATOM   842 C  C   . GLN A 1 112 ? 10.03196  0.84136   -5.59978  1.000 25.93475 ? 112 GLN A C   1 
ATOM   843 O  O   . GLN A 1 112 ? 9.65723   0.81429   -6.77646  1.000 23.04630 ? 112 GLN A O   1 
ATOM   844 C  CB  . GLN A 1 112 ? 11.96384  -0.74482  -5.47251  1.000 27.21809 ? 112 GLN A CB  1 
ATOM   845 C  CG  . GLN A 1 112 ? 12.96255  0.40762   -5.40826  1.000 32.85213 ? 112 GLN A CG  1 
ATOM   846 C  CD  . GLN A 1 112 ? 13.60379  0.58095   -4.04195  1.000 35.11030 ? 112 GLN A CD  1 
ATOM   847 O  OE1 . GLN A 1 112 ? 14.16640  -0.36210  -3.48464  1.000 42.75985 ? 112 GLN A OE1 1 
ATOM   848 N  NE2 . GLN A 1 112 ? 13.53431  1.79902   -3.50127  1.000 31.58726 ? 112 GLN A NE2 1 
ATOM   849 N  N   . VAL A 1 113 ? 9.97604   1.93270   -4.84549  1.000 25.89235 ? 113 VAL A N   1 
ATOM   850 C  CA  . VAL A 1 113 ? 9.65250   3.25154   -5.37433  1.000 24.36505 ? 113 VAL A CA  1 
ATOM   851 C  C   . VAL A 1 113 ? 10.87923  4.12392   -5.17612  1.000 20.80984 ? 113 VAL A C   1 
ATOM   852 O  O   . VAL A 1 113 ? 11.37656  4.25479   -4.05122  1.000 24.35556 ? 113 VAL A O   1 
ATOM   853 C  CB  . VAL A 1 113 ? 8.42640   3.86637   -4.68219  1.000 21.91732 ? 113 VAL A CB  1 
ATOM   854 C  CG1 . VAL A 1 113 ? 8.18638   5.28861   -5.19209  1.000 22.65883 ? 113 VAL A CG1 1 
ATOM   855 C  CG2 . VAL A 1 113 ? 7.20748   2.99566   -4.90458  1.000 20.76606 ? 113 VAL A CG2 1 
ATOM   856 N  N   . THR A 1 114 ? 11.37751  4.70660   -6.26011  1.000 20.76962 ? 114 THR A N   1 
ATOM   857 C  CA  . THR A 1 114 ? 12.51000  5.61951   -6.19268  1.000 21.56376 ? 114 THR A CA  1 
ATOM   858 C  C   . THR A 1 114 ? 12.09852  6.94804   -6.80307  1.000 25.26883 ? 114 THR A C   1 
ATOM   859 O  O   . THR A 1 114 ? 11.71254  7.00635   -7.97578  1.000 24.66896 ? 114 THR A O   1 
ATOM   860 C  CB  . THR A 1 114 ? 13.73378  5.05757   -6.91409  1.000 24.45779 ? 114 THR A CB  1 
ATOM   861 O  OG1 . THR A 1 114 ? 14.09022  3.79679   -6.33806  1.000 28.94191 ? 114 THR A OG1 1 
ATOM   862 C  CG2 . THR A 1 114 ? 14.90248  6.02192   -6.77182  1.000 26.66411 ? 114 THR A CG2 1 
ATOM   863 N  N   . VAL A 1 115 ? 12.17467  8.00519   -6.00850  1.000 24.00197 ? 115 VAL A N   1 
ATOM   864 C  CA  . VAL A 1 115 ? 11.83597  9.34773   -6.45365  1.000 22.99107 ? 115 VAL A CA  1 
ATOM   865 C  C   . VAL A 1 115 ? 13.14581  10.07917  -6.69699  1.000 26.18408 ? 115 VAL A C   1 
ATOM   866 O  O   . VAL A 1 115 ? 13.86192  10.42217  -5.75017  1.000 25.93608 ? 115 VAL A O   1 
ATOM   867 C  CB  . VAL A 1 115 ? 10.96207  10.07692  -5.42931  1.000 22.50736 ? 115 VAL A CB  1 
ATOM   868 C  CG1 . VAL A 1 115 ? 10.47519  11.40474  -6.00214  1.000 24.34054 ? 115 VAL A CG1 1 
ATOM   869 C  CG2 . VAL A 1 115 ? 9.79375   9.19342   -5.02370  1.000 21.99479 ? 115 VAL A CG2 1 
ATOM   870 N  N   . SER A 1 116 ? 13.46384  10.31211  -7.96715  1.000 25.47192 ? 116 SER A N   1 
ATOM   871 C  CA  . SER A 1 116 ? 14.74191  10.89682  -8.33841  1.000 27.09066 ? 116 SER A CA  1 
ATOM   872 C  C   . SER A 1 116 ? 14.60786  11.60770  -9.67450  1.000 25.90757 ? 116 SER A C   1 
ATOM   873 O  O   . SER A 1 116 ? 13.86552  11.16945  -10.55709 1.000 27.57477 ? 116 SER A O   1 
ATOM   874 C  CB  . SER A 1 116 ? 15.83803  9.83016   -8.42553  1.000 28.50745 ? 116 SER A CB  1 
ATOM   875 O  OG  . SER A 1 116 ? 17.00765  10.36070  -9.02115  1.000 33.00716 ? 116 SER A OG  1 
ATOM   876 N  N   . SER A 1 117 ? 15.33820  12.71115  -9.81314  1.000 32.59639 ? 117 SER A N   1 
ATOM   877 C  CA  . SER A 1 117 ? 15.43392  13.41664  -11.08202 1.000 33.17020 ? 117 SER A CA  1 
ATOM   878 C  C   . SER A 1 117 ? 16.51536  12.84742  -11.99026 1.000 34.29315 ? 117 SER A C   1 
ATOM   879 O  O   . SER A 1 117 ? 16.63259  13.28463  -13.13969 1.000 37.31382 ? 117 SER A O   1 
ATOM   880 C  CB  . SER A 1 117 ? 15.70338  14.90481  -10.83900 1.000 38.01046 ? 117 SER A CB  1 
ATOM   881 O  OG  . SER A 1 117 ? 16.90076  15.08620  -10.10345 1.000 44.00031 ? 117 SER A OG  1 
ATOM   882 N  N   . GLY A 1 118 ? 17.29983  11.89033  -11.50845 1.000 29.19927 ? 118 GLY A N   1 
ATOM   883 C  CA  . GLY A 1 118 ? 18.37062  11.31408  -12.29902 1.000 35.53531 ? 118 GLY A CA  1 
ATOM   884 C  C   . GLY A 1 118 ? 19.62509  12.16758  -12.31588 1.000 38.33533 ? 118 GLY A C   1 
ATOM   885 O  O   . GLY A 1 118 ? 19.93102  12.85844  -11.34347 1.000 40.71429 ? 118 GLY A O   1 
HETATM 886 C  C1  . EDO B 2 .   ? 8.51338   12.56798  3.94090   1.000 45.56943 ? 201 EDO A C1  1 
HETATM 887 O  O1  . EDO B 2 .   ? 8.57631   12.72129  2.51913   1.000 46.47771 ? 201 EDO A O1  1 
HETATM 888 C  C2  . EDO B 2 .   ? 7.06102   12.37181  4.35211   1.000 43.82680 ? 201 EDO A C2  1 
HETATM 889 O  O2  . EDO B 2 .   ? 6.54385   11.19856  3.71328   1.000 36.43182 ? 201 EDO A O2  1 
HETATM 890 C  C1  . EDO C 2 .   ? -6.12930  11.62564  2.08019   1.000 39.61776 ? 202 EDO A C1  1 
HETATM 891 O  O1  . EDO C 2 .   ? -4.82527  11.88279  2.61156   1.000 41.90270 ? 202 EDO A O1  1 
HETATM 892 C  C2  . EDO C 2 .   ? -6.18693  12.07912  0.62682   1.000 39.85666 ? 202 EDO A C2  1 
HETATM 893 O  O2  . EDO C 2 .   ? -7.45923  11.71744  0.07533   1.000 41.02807 ? 202 EDO A O2  1 
HETATM 894 C  C1  . EDO D 2 .   ? -3.39450  -1.63665  9.27348   1.000 44.75252 ? 203 EDO A C1  1 
HETATM 895 O  O1  . EDO D 2 .   ? -2.20448  -1.73557  8.48455   1.000 46.35612 ? 203 EDO A O1  1 
HETATM 896 C  C2  . EDO D 2 .   ? -3.97413  -3.03130  9.47356   1.000 51.82265 ? 203 EDO A C2  1 
HETATM 897 O  O2  . EDO D 2 .   ? -4.07950  -3.69079  8.20532   1.000 46.77214 ? 203 EDO A O2  1 
HETATM 898 N  N1  . WYW E 3 .   ? -11.83443 -8.24644  0.52763   1.000 41.54538 ? 204 WYW A N1  1 
HETATM 899 N  N3  . WYW E 3 .   ? -11.32068 -9.11069  -1.43209  1.000 41.43270 ? 204 WYW A N3  1 
HETATM 900 C  C4  . WYW E 3 .   ? -5.53571  -6.82982  -0.82884  1.000 36.13592 ? 204 WYW A C4  1 
HETATM 901 C  C5  . WYW E 3 .   ? -10.87642 -8.39763  -0.37532  1.000 39.50125 ? 204 WYW A C5  1 
HETATM 902 C  C6  . WYW E 3 .   ? -12.56732 -9.42489  -1.17786  1.000 42.38988 ? 204 WYW A C6  1 
HETATM 903 C  C7  . WYW E 3 .   ? -14.15238 -8.98316  0.73073   1.000 44.09944 ? 204 WYW A C7  1 
HETATM 904 C  C8  . WYW E 3 .   ? -15.31942 -9.31347  0.05819   1.000 47.17283 ? 204 WYW A C8  1 
HETATM 905 C  C10 . WYW E 3 .   ? -16.52770 -9.16006  2.12297   1.000 49.59058 ? 204 WYW A C10 1 
HETATM 906 C  C1  . WYW E 3 .   ? -10.19737 -4.47756  3.07066   1.000 36.32715 ? 204 WYW A C1  1 
HETATM 907 C  C11 . WYW E 3 .   ? -15.36266 -8.84711  2.78588   1.000 45.68914 ? 204 WYW A C11 1 
HETATM 908 C  C12 . WYW E 3 .   ? -14.16346 -8.75778  2.09894   1.000 42.79987 ? 204 WYW A C12 1 
HETATM 909 C  C2  . WYW E 3 .   ? -9.73559  -4.57815  1.67314   1.000 36.47523 ? 204 WYW A C2  1 
HETATM 910 C  C3  . WYW E 3 .   ? -6.95907  -6.80916  -1.22108  1.000 31.54941 ? 204 WYW A C3  1 
HETATM 911 C  C9  . WYW E 3 .   ? -16.50701 -9.39127  0.76632   1.000 44.85827 ? 204 WYW A C9  1 
HETATM 912 N  N2  . WYW E 3 .   ? -12.92375 -8.90999  0.01132   1.000 43.50863 ? 204 WYW A N2  1 
HETATM 913 O  O1  . WYW E 3 .   ? -9.80522  -5.95527  1.20908   1.000 40.42820 ? 204 WYW A O1  1 
HETATM 914 O  O2  . WYW E 3 .   ? -7.78497  -6.36051  -0.11143  1.000 36.65535 ? 204 WYW A O2  1 
HETATM 915 O  O3  . WYW E 3 .   ? -9.62776  -7.89401  -0.30972  1.000 40.04038 ? 204 WYW A O3  1 
HETATM 916 P  P1  . WYW E 3 .   ? -9.34338  -6.34242  -0.23464  1.000 40.06634 ? 204 WYW A P1  1 
HETATM 917 S  S1  . WYW E 3 .   ? -10.09988 -5.34427  -1.67184  1.000 36.16291 ? 204 WYW A S1  1 
HETATM 918 NA NA  . NA  F 4 .   ? -0.80918  -0.23010  -10.99701 1.000 50.24527 ? 205 NA  A NA  1 
HETATM 919 O  O   . HOH G 5 .   ? 2.82401   2.91955   -10.93524 1.000 35.89321 ? 301 HOH A O   1 
HETATM 920 O  O   . HOH G 5 .   ? -1.90276  16.30554  -3.10004  1.000 31.54235 ? 302 HOH A O   1 
HETATM 921 O  O   . HOH G 5 .   ? -8.59175  13.97297  -0.32570  1.000 36.35069 ? 303 HOH A O   1 
HETATM 922 O  O   . HOH G 5 .   ? 5.80289   17.56690  3.58757   1.000 48.61516 ? 304 HOH A O   1 
HETATM 923 O  O   . HOH G 5 .   ? 10.52326  6.84668   2.49936   1.000 29.98512 ? 305 HOH A O   1 
HETATM 924 O  O   . HOH G 5 .   ? 9.34349   4.32600   -13.84709 1.000 25.81742 ? 306 HOH A O   1 
HETATM 925 O  O   . HOH G 5 .   ? 12.20833  -5.84339  6.23657   1.000 28.78207 ? 307 HOH A O   1 
HETATM 926 O  O   . HOH G 5 .   ? -9.60928  8.18810   1.45293   1.000 37.72141 ? 308 HOH A O   1 
HETATM 927 O  O   . HOH G 5 .   ? 12.40488  -3.57482  3.04297   1.000 26.60597 ? 309 HOH A O   1 
HETATM 928 O  O   . HOH G 5 .   ? 4.93973   8.16165   10.01276  1.000 41.22256 ? 310 HOH A O   1 
HETATM 929 O  O   . HOH G 5 .   ? -1.40001  11.59607  -11.37861 1.000 38.38172 ? 311 HOH A O   1 
HETATM 930 O  O   . HOH G 5 .   ? 7.95788   9.90259   7.11835   1.000 41.77518 ? 312 HOH A O   1 
HETATM 931 O  O   . HOH G 5 .   ? -4.12241  11.11861  -3.97382  1.000 32.82791 ? 313 HOH A O   1 
HETATM 932 O  O   . HOH G 5 .   ? -0.49424  -6.22603  -8.15679  1.000 37.37982 ? 314 HOH A O   1 
HETATM 933 O  O   . HOH G 5 .   ? 1.35368   -12.68382 0.43280   1.000 32.52655 ? 315 HOH A O   1 
HETATM 934 O  O   . HOH G 5 .   ? 3.31461   6.16309   10.28758  1.000 33.96989 ? 316 HOH A O   1 
HETATM 935 O  O   . HOH G 5 .   ? 5.00595   -3.02264  -11.37264 1.000 38.98780 ? 317 HOH A O   1 
HETATM 936 O  O   . HOH G 5 .   ? -6.41370  5.08336   -4.43028  1.000 29.08823 ? 318 HOH A O   1 
HETATM 937 O  O   . HOH G 5 .   ? 7.83086   10.21955  -15.19265 1.000 26.36353 ? 319 HOH A O   1 
HETATM 938 O  O   . HOH G 5 .   ? 11.33778  3.19461   6.75196   1.000 29.59390 ? 320 HOH A O   1 
HETATM 939 O  O   . HOH G 5 .   ? -10.72589 6.05828   -0.44563  1.000 39.53801 ? 321 HOH A O   1 
HETATM 940 O  O   . HOH G 5 .   ? 1.22628   9.82965   11.73185  1.000 46.49873 ? 322 HOH A O   1 
HETATM 941 O  O   . HOH G 5 .   ? 7.26722   7.47092   -13.89526 1.000 30.29974 ? 323 HOH A O   1 
HETATM 942 O  O   . HOH G 5 .   ? 11.10885  -7.33243  -0.44385  1.000 31.49947 ? 324 HOH A O   1 
HETATM 943 O  O   . HOH G 5 .   ? 1.82857   14.93107  3.01826   1.000 38.58723 ? 325 HOH A O   1 
HETATM 944 O  O   . HOH G 5 .   ? 3.55873   -12.83925 -1.82978  1.000 39.53955 ? 326 HOH A O   1 
HETATM 945 O  O   . HOH G 5 .   ? -7.13879  3.99184   -8.41270  1.000 46.86502 ? 327 HOH A O   1 
HETATM 946 O  O   . HOH G 5 .   ? -0.68091  7.95079   -10.98324 1.000 35.20069 ? 328 HOH A O   1 
HETATM 947 O  O   . HOH G 5 .   ? 5.29523   -12.12142 0.69037   1.000 39.08956 ? 329 HOH A O   1 
HETATM 948 O  O   . HOH G 5 .   ? 4.72006   4.21668   11.46262  1.000 33.89883 ? 330 HOH A O   1 
HETATM 949 O  O   . HOH G 5 .   ? -12.24290 2.69125   -2.10752  1.000 33.70272 ? 331 HOH A O   1 
HETATM 950 O  O   . HOH G 5 .   ? 9.95708   -2.95451  -7.88539  1.000 39.94699 ? 332 HOH A O   1 
HETATM 951 O  O   . HOH G 5 .   ? 16.35386  3.66703   -4.18477  1.000 35.55742 ? 333 HOH A O   1 
HETATM 952 O  O   . HOH G 5 .   ? 4.03845   16.03409  3.69070   1.000 50.59357 ? 334 HOH A O   1 
HETATM 953 O  O   . HOH G 5 .   ? -3.28810  -18.30284 6.90372   1.000 42.54470 ? 335 HOH A O   1 
HETATM 954 O  O   . HOH G 5 .   ? -13.20341 7.14438   5.31041   1.000 42.29992 ? 336 HOH A O   1 
HETATM 955 O  O   . HOH G 5 .   ? 15.81947  -2.09529  5.62781   1.000 38.60064 ? 337 HOH A O   1 
HETATM 956 O  O   . HOH G 5 .   ? 6.97650   2.75640   -13.55932 1.000 34.39247 ? 338 HOH A O   1 
HETATM 957 O  O   . HOH G 5 .   ? 14.35685  -1.65128  2.29733   1.000 38.19745 ? 339 HOH A O   1 
HETATM 958 O  O   . HOH G 5 .   ? 3.47232   10.10577  10.28447  1.000 40.49474 ? 340 HOH A O   1 
HETATM 959 O  O   . HOH G 5 .   ? 2.27062   10.25284  13.73694  1.000 51.94361 ? 341 HOH A O   1 
HETATM 960 O  O   . HOH G 5 .   ? -13.14548 4.78607   -0.13249  1.000 40.11768 ? 342 HOH A O   1 
HETATM 961 O  O   . HOH G 5 .   ? 0.84123   7.21191   -13.01472 1.000 45.11955 ? 343 HOH A O   1 
HETATM 962 O  O   . HOH G 5 .   ? 1.89735   13.44404  -13.55713 1.000 43.41050 ? 344 HOH A O   1 
HETATM 963 O  O   . HOH G 5 .   ? -1.83918  13.13239  -13.54884 1.000 45.05390 ? 345 HOH A O   1 
# 
